data_2R2I
# 
_entry.id   2R2I 
# 
_audit_conform.dict_name       mmcif_pdbx.dic 
_audit_conform.dict_version    5.350 
_audit_conform.dict_location   http://mmcif.pdb.org/dictionaries/ascii/mmcif_pdbx.dic 
# 
loop_
_database_2.database_id 
_database_2.database_code 
_database_2.pdbx_database_accession 
_database_2.pdbx_DOI 
PDB   2R2I         pdb_00002r2i 10.2210/pdb2r2i/pdb 
RCSB  RCSB044342   ?            ?                   
WWPDB D_1000044342 ?            ?                   
# 
_pdbx_database_status.entry_id                        2R2I 
_pdbx_database_status.deposit_site                    RCSB 
_pdbx_database_status.process_site                    RCSB 
_pdbx_database_status.recvd_initial_deposition_date   2007-08-25 
_pdbx_database_status.status_code                     REL 
_pdbx_database_status.status_code_sf                  REL 
_pdbx_database_status.status_code_mr                  ? 
_pdbx_database_status.SG_entry                        ? 
_pdbx_database_status.pdb_format_compatible           Y 
_pdbx_database_status.status_code_cs                  ? 
_pdbx_database_status.methods_development_category    ? 
_pdbx_database_status.status_code_nmr_data            ? 
# 
_audit_author.name           'Stephen, R.' 
_audit_author.pdbx_ordinal   1 
# 
_citation.id                        primary 
_citation.title                     
;Stabilizing function for myristoyl group revealed by the crystal structure of a neuronal calcium sensor, guanylate cyclase-activating protein 1.
;
_citation.journal_abbrev            Structure 
_citation.journal_volume            15 
_citation.page_first                1392 
_citation.page_last                 1402 
_citation.year                      2007 
_citation.journal_id_ASTM           STRUE6 
_citation.country                   UK 
_citation.journal_id_ISSN           0969-2126 
_citation.journal_id_CSD            2005 
_citation.book_publisher            ? 
_citation.pdbx_database_id_PubMed   17997965 
_citation.pdbx_database_id_DOI      10.1016/j.str.2007.09.013 
# 
loop_
_citation_author.citation_id 
_citation_author.name 
_citation_author.ordinal 
_citation_author.identifier_ORCID 
primary 'Stephen, R.'    1 ? 
primary 'Bereta, G.'     2 ? 
primary 'Golczak, M.'    3 ? 
primary 'Palczewski, K.' 4 ? 
primary 'Sousa, M.C.'    5 ? 
# 
_cell.length_a           73.333 
_cell.length_b           73.333 
_cell.length_c           73.229 
_cell.angle_alpha        90.000 
_cell.angle_beta         90.000 
_cell.angle_gamma        90.000 
_cell.entry_id           2R2I 
_cell.pdbx_unique_axis   ? 
_cell.Z_PDB              8 
_cell.length_a_esd       ? 
_cell.length_b_esd       ? 
_cell.length_c_esd       ? 
_cell.angle_alpha_esd    ? 
_cell.angle_beta_esd     ? 
_cell.angle_gamma_esd    ? 
# 
_symmetry.space_group_name_H-M             'P 41 21 2' 
_symmetry.entry_id                         2R2I 
_symmetry.pdbx_full_space_group_name_H-M   ? 
_symmetry.Int_Tables_number                92 
_symmetry.cell_setting                     ? 
_symmetry.space_group_name_Hall            ? 
# 
loop_
_entity.id 
_entity.type 
_entity.src_method 
_entity.pdbx_description 
_entity.formula_weight 
_entity.pdbx_number_of_molecules 
_entity.pdbx_ec 
_entity.pdbx_mutation 
_entity.pdbx_fragment 
_entity.details 
1 polymer     man 'Guanylyl cyclase-activating protein 1' 22730.703 1  ? G6S 'Guanylate Cyclase Activating Protein-1' ? 
2 non-polymer syn 'CALCIUM ION'                           40.078    3  ? ?   ?                                        ? 
3 non-polymer syn 'MYRISTIC ACID'                         228.371   1  ? ?   ?                                        ? 
4 non-polymer syn BETA-MERCAPTOETHANOL                    78.133    4  ? ?   ?                                        ? 
5 water       nat water                                   18.015    84 ? ?   ?                                        ? 
# 
_entity_name_com.entity_id   1 
_entity_name_com.name        'GCAP 1, Guanylate cyclase activator 1A' 
# 
_entity_poly.entity_id                      1 
_entity_poly.type                           'polypeptide(L)' 
_entity_poly.nstd_linkage                   no 
_entity_poly.nstd_monomer                   no 
_entity_poly.pdbx_seq_one_letter_code       
;GNMDSKAVEELSATECHQWYKKFMTECPSGQLTLYEFKQFFGLKNLSPSANKYVEQMFETFDFNKDGYIDFMEYVAALSL
VLKGKVDQKLRWYFKLYDVDGNGCIDRGELLNIIKAIRAINRCNEAMTAEEFTNMVFDKIDINGDGELSLEEFMEGVQKD
EVLLDILTRSLDLTHIVKLIQNDGKNPHAPEEAEEAAQ
;
_entity_poly.pdbx_seq_one_letter_code_can   
;GNMDSKAVEELSATECHQWYKKFMTECPSGQLTLYEFKQFFGLKNLSPSANKYVEQMFETFDFNKDGYIDFMEYVAALSL
VLKGKVDQKLRWYFKLYDVDGNGCIDRGELLNIIKAIRAINRCNEAMTAEEFTNMVFDKIDINGDGELSLEEFMEGVQKD
EVLLDILTRSLDLTHIVKLIQNDGKNPHAPEEAEEAAQ
;
_entity_poly.pdbx_strand_id                 A 
_entity_poly.pdbx_target_identifier         ? 
# 
loop_
_entity_poly_seq.entity_id 
_entity_poly_seq.num 
_entity_poly_seq.mon_id 
_entity_poly_seq.hetero 
1 1   GLY n 
1 2   ASN n 
1 3   MET n 
1 4   ASP n 
1 5   SER n 
1 6   LYS n 
1 7   ALA n 
1 8   VAL n 
1 9   GLU n 
1 10  GLU n 
1 11  LEU n 
1 12  SER n 
1 13  ALA n 
1 14  THR n 
1 15  GLU n 
1 16  CYS n 
1 17  HIS n 
1 18  GLN n 
1 19  TRP n 
1 20  TYR n 
1 21  LYS n 
1 22  LYS n 
1 23  PHE n 
1 24  MET n 
1 25  THR n 
1 26  GLU n 
1 27  CYS n 
1 28  PRO n 
1 29  SER n 
1 30  GLY n 
1 31  GLN n 
1 32  LEU n 
1 33  THR n 
1 34  LEU n 
1 35  TYR n 
1 36  GLU n 
1 37  PHE n 
1 38  LYS n 
1 39  GLN n 
1 40  PHE n 
1 41  PHE n 
1 42  GLY n 
1 43  LEU n 
1 44  LYS n 
1 45  ASN n 
1 46  LEU n 
1 47  SER n 
1 48  PRO n 
1 49  SER n 
1 50  ALA n 
1 51  ASN n 
1 52  LYS n 
1 53  TYR n 
1 54  VAL n 
1 55  GLU n 
1 56  GLN n 
1 57  MET n 
1 58  PHE n 
1 59  GLU n 
1 60  THR n 
1 61  PHE n 
1 62  ASP n 
1 63  PHE n 
1 64  ASN n 
1 65  LYS n 
1 66  ASP n 
1 67  GLY n 
1 68  TYR n 
1 69  ILE n 
1 70  ASP n 
1 71  PHE n 
1 72  MET n 
1 73  GLU n 
1 74  TYR n 
1 75  VAL n 
1 76  ALA n 
1 77  ALA n 
1 78  LEU n 
1 79  SER n 
1 80  LEU n 
1 81  VAL n 
1 82  LEU n 
1 83  LYS n 
1 84  GLY n 
1 85  LYS n 
1 86  VAL n 
1 87  ASP n 
1 88  GLN n 
1 89  LYS n 
1 90  LEU n 
1 91  ARG n 
1 92  TRP n 
1 93  TYR n 
1 94  PHE n 
1 95  LYS n 
1 96  LEU n 
1 97  TYR n 
1 98  ASP n 
1 99  VAL n 
1 100 ASP n 
1 101 GLY n 
1 102 ASN n 
1 103 GLY n 
1 104 CYS n 
1 105 ILE n 
1 106 ASP n 
1 107 ARG n 
1 108 GLY n 
1 109 GLU n 
1 110 LEU n 
1 111 LEU n 
1 112 ASN n 
1 113 ILE n 
1 114 ILE n 
1 115 LYS n 
1 116 ALA n 
1 117 ILE n 
1 118 ARG n 
1 119 ALA n 
1 120 ILE n 
1 121 ASN n 
1 122 ARG n 
1 123 CYS n 
1 124 ASN n 
1 125 GLU n 
1 126 ALA n 
1 127 MET n 
1 128 THR n 
1 129 ALA n 
1 130 GLU n 
1 131 GLU n 
1 132 PHE n 
1 133 THR n 
1 134 ASN n 
1 135 MET n 
1 136 VAL n 
1 137 PHE n 
1 138 ASP n 
1 139 LYS n 
1 140 ILE n 
1 141 ASP n 
1 142 ILE n 
1 143 ASN n 
1 144 GLY n 
1 145 ASP n 
1 146 GLY n 
1 147 GLU n 
1 148 LEU n 
1 149 SER n 
1 150 LEU n 
1 151 GLU n 
1 152 GLU n 
1 153 PHE n 
1 154 MET n 
1 155 GLU n 
1 156 GLY n 
1 157 VAL n 
1 158 GLN n 
1 159 LYS n 
1 160 ASP n 
1 161 GLU n 
1 162 VAL n 
1 163 LEU n 
1 164 LEU n 
1 165 ASP n 
1 166 ILE n 
1 167 LEU n 
1 168 THR n 
1 169 ARG n 
1 170 SER n 
1 171 LEU n 
1 172 ASP n 
1 173 LEU n 
1 174 THR n 
1 175 HIS n 
1 176 ILE n 
1 177 VAL n 
1 178 LYS n 
1 179 LEU n 
1 180 ILE n 
1 181 GLN n 
1 182 ASN n 
1 183 ASP n 
1 184 GLY n 
1 185 LYS n 
1 186 ASN n 
1 187 PRO n 
1 188 HIS n 
1 189 ALA n 
1 190 PRO n 
1 191 GLU n 
1 192 GLU n 
1 193 ALA n 
1 194 GLU n 
1 195 GLU n 
1 196 ALA n 
1 197 ALA n 
1 198 GLN n 
# 
_entity_src_gen.entity_id                          1 
_entity_src_gen.pdbx_src_id                        1 
_entity_src_gen.pdbx_alt_source_flag               sample 
_entity_src_gen.pdbx_seq_type                      ? 
_entity_src_gen.pdbx_beg_seq_num                   ? 
_entity_src_gen.pdbx_end_seq_num                   ? 
_entity_src_gen.gene_src_common_name               chicken 
_entity_src_gen.gene_src_genus                     Gallus 
_entity_src_gen.pdbx_gene_src_gene                 'GUCA1A, GCAP1' 
_entity_src_gen.gene_src_species                   ? 
_entity_src_gen.gene_src_strain                    ? 
_entity_src_gen.gene_src_tissue                    ? 
_entity_src_gen.gene_src_tissue_fraction           ? 
_entity_src_gen.gene_src_details                   ? 
_entity_src_gen.pdbx_gene_src_fragment             ? 
_entity_src_gen.pdbx_gene_src_scientific_name      'Gallus gallus' 
_entity_src_gen.pdbx_gene_src_ncbi_taxonomy_id     9031 
_entity_src_gen.pdbx_gene_src_variant              ? 
_entity_src_gen.pdbx_gene_src_cell_line            ? 
_entity_src_gen.pdbx_gene_src_atcc                 ? 
_entity_src_gen.pdbx_gene_src_organ                ? 
_entity_src_gen.pdbx_gene_src_organelle            ? 
_entity_src_gen.pdbx_gene_src_cell                 ? 
_entity_src_gen.pdbx_gene_src_cellular_location    ? 
_entity_src_gen.host_org_common_name               ? 
_entity_src_gen.pdbx_host_org_scientific_name      'Escherichia coli' 
_entity_src_gen.pdbx_host_org_ncbi_taxonomy_id     562 
_entity_src_gen.host_org_genus                     Escherichia 
_entity_src_gen.pdbx_host_org_gene                 ? 
_entity_src_gen.pdbx_host_org_organ                ? 
_entity_src_gen.host_org_species                   ? 
_entity_src_gen.pdbx_host_org_tissue               ? 
_entity_src_gen.pdbx_host_org_tissue_fraction      ? 
_entity_src_gen.pdbx_host_org_strain               'Rosetta (DE3)' 
_entity_src_gen.pdbx_host_org_variant              ? 
_entity_src_gen.pdbx_host_org_cell_line            ? 
_entity_src_gen.pdbx_host_org_atcc                 ? 
_entity_src_gen.pdbx_host_org_culture_collection   ? 
_entity_src_gen.pdbx_host_org_cell                 ? 
_entity_src_gen.pdbx_host_org_organelle            ? 
_entity_src_gen.pdbx_host_org_cellular_location    ? 
_entity_src_gen.pdbx_host_org_vector_type          plasmid 
_entity_src_gen.pdbx_host_org_vector               ? 
_entity_src_gen.host_org_details                   ? 
_entity_src_gen.expression_system_id               ? 
_entity_src_gen.plasmid_name                       pET15 
_entity_src_gen.plasmid_details                    ? 
_entity_src_gen.pdbx_description                   ? 
# 
_struct_ref.id                         1 
_struct_ref.db_name                    UNP 
_struct_ref.db_code                    GUC1A_CHICK 
_struct_ref.pdbx_db_accession          P79880 
_struct_ref.entity_id                  1 
_struct_ref.pdbx_seq_one_letter_code   
;MGNMDGKAVEELSATECHQWYKKFMTECPSGQLTLYEFKQFFGLKNLSPSANKYVEQMFETFDFNKDGYIDFMEYVAALS
LVLKGKVDQKLRWYFKLYDVDGNGCIDRGELLNIIKAIRAINRCNEAMTAEEFTNMVFDKIDINGDGELSLEEFMEGVQK
DEVLLDILTRSLDLTHIVKLIQNDGKNPHAPEEAEEAAQ
;
_struct_ref.pdbx_align_begin           1 
_struct_ref.pdbx_db_isoform            ? 
# 
_struct_ref_seq.align_id                      1 
_struct_ref_seq.ref_id                        1 
_struct_ref_seq.pdbx_PDB_id_code              2R2I 
_struct_ref_seq.pdbx_strand_id                A 
_struct_ref_seq.seq_align_beg                 1 
_struct_ref_seq.pdbx_seq_align_beg_ins_code   ? 
_struct_ref_seq.seq_align_end                 198 
_struct_ref_seq.pdbx_seq_align_end_ins_code   ? 
_struct_ref_seq.pdbx_db_accession             P79880 
_struct_ref_seq.db_align_beg                  2 
_struct_ref_seq.pdbx_db_align_beg_ins_code    ? 
_struct_ref_seq.db_align_end                  199 
_struct_ref_seq.pdbx_db_align_end_ins_code    ? 
_struct_ref_seq.pdbx_auth_seq_align_beg       2 
_struct_ref_seq.pdbx_auth_seq_align_end       199 
# 
_struct_ref_seq_dif.align_id                     1 
_struct_ref_seq_dif.pdbx_pdb_id_code             2R2I 
_struct_ref_seq_dif.mon_id                       SER 
_struct_ref_seq_dif.pdbx_pdb_strand_id           A 
_struct_ref_seq_dif.seq_num                      5 
_struct_ref_seq_dif.pdbx_pdb_ins_code            ? 
_struct_ref_seq_dif.pdbx_seq_db_name             UNP 
_struct_ref_seq_dif.pdbx_seq_db_accession_code   P79880 
_struct_ref_seq_dif.db_mon_id                    GLY 
_struct_ref_seq_dif.pdbx_seq_db_seq_num          6 
_struct_ref_seq_dif.details                      'engineered mutation' 
_struct_ref_seq_dif.pdbx_auth_seq_num            6 
_struct_ref_seq_dif.pdbx_ordinal                 1 
# 
loop_
_chem_comp.id 
_chem_comp.type 
_chem_comp.mon_nstd_flag 
_chem_comp.name 
_chem_comp.pdbx_synonyms 
_chem_comp.formula 
_chem_comp.formula_weight 
ALA 'L-peptide linking' y ALANINE              ? 'C3 H7 N O2'     89.093  
ARG 'L-peptide linking' y ARGININE             ? 'C6 H15 N4 O2 1' 175.209 
ASN 'L-peptide linking' y ASPARAGINE           ? 'C4 H8 N2 O3'    132.118 
ASP 'L-peptide linking' y 'ASPARTIC ACID'      ? 'C4 H7 N O4'     133.103 
BME non-polymer         . BETA-MERCAPTOETHANOL ? 'C2 H6 O S'      78.133  
CA  non-polymer         . 'CALCIUM ION'        ? 'Ca 2'           40.078  
CYS 'L-peptide linking' y CYSTEINE             ? 'C3 H7 N O2 S'   121.158 
GLN 'L-peptide linking' y GLUTAMINE            ? 'C5 H10 N2 O3'   146.144 
GLU 'L-peptide linking' y 'GLUTAMIC ACID'      ? 'C5 H9 N O4'     147.129 
GLY 'peptide linking'   y GLYCINE              ? 'C2 H5 N O2'     75.067  
HIS 'L-peptide linking' y HISTIDINE            ? 'C6 H10 N3 O2 1' 156.162 
HOH non-polymer         . WATER                ? 'H2 O'           18.015  
ILE 'L-peptide linking' y ISOLEUCINE           ? 'C6 H13 N O2'    131.173 
LEU 'L-peptide linking' y LEUCINE              ? 'C6 H13 N O2'    131.173 
LYS 'L-peptide linking' y LYSINE               ? 'C6 H15 N2 O2 1' 147.195 
MET 'L-peptide linking' y METHIONINE           ? 'C5 H11 N O2 S'  149.211 
MYR non-polymer         . 'MYRISTIC ACID'      ? 'C14 H28 O2'     228.371 
PHE 'L-peptide linking' y PHENYLALANINE        ? 'C9 H11 N O2'    165.189 
PRO 'L-peptide linking' y PROLINE              ? 'C5 H9 N O2'     115.130 
SER 'L-peptide linking' y SERINE               ? 'C3 H7 N O3'     105.093 
THR 'L-peptide linking' y THREONINE            ? 'C4 H9 N O3'     119.119 
TRP 'L-peptide linking' y TRYPTOPHAN           ? 'C11 H12 N2 O2'  204.225 
TYR 'L-peptide linking' y TYROSINE             ? 'C9 H11 N O3'    181.189 
VAL 'L-peptide linking' y VALINE               ? 'C5 H11 N O2'    117.146 
# 
_exptl.crystals_number   2 
_exptl.entry_id          2R2I 
_exptl.method            'X-RAY DIFFRACTION' 
# 
loop_
_exptl_crystal.id 
_exptl_crystal.density_Matthews 
_exptl_crystal.density_meas 
_exptl_crystal.density_percent_sol 
_exptl_crystal.description 
_exptl_crystal.F_000 
_exptl_crystal.preparation 
1 2.17 ? 43.20 ? ? ? 
2 ?    ? ?     ? ? ? 
# 
loop_
_exptl_crystal_grow.crystal_id 
_exptl_crystal_grow.method 
_exptl_crystal_grow.pH 
_exptl_crystal_grow.temp 
_exptl_crystal_grow.temp_details 
_exptl_crystal_grow.pdbx_details 
_exptl_crystal_grow.pdbx_pH_range 
1 'VAPOR DIFFUSION, HANGING DROP' 6.5 289 ? 
'24% PEG 20,000, 0.4 M potassium nitrate, 0.1 M MES, pH 6.5, VAPOR DIFFUSION, HANGING DROP, temperature 289K' . 
2 'VAPOR DIFFUSION, HANGING DROP' 8.0 289 ? 
'1.8 M ammonium sulfate, 0.1 M Tris-chloride, pH 8.0, VAPOR DIFFUSION, HANGING DROP, temperature 289K'        . 
# 
loop_
_diffrn.id 
_diffrn.ambient_temp 
_diffrn.ambient_temp_details 
_diffrn.crystal_id 
1 100 ? 1 
2 100 ? 1 
# 
loop_
_diffrn_detector.diffrn_id 
_diffrn_detector.detector 
_diffrn_detector.type 
_diffrn_detector.pdbx_collection_date 
_diffrn_detector.details 
1 CCD 'ADSC QUANTUM 4'   2004-06-07 ? 
2 CCD 'ADSC QUANTUM 315' 2003-11-16 ? 
# 
loop_
_diffrn_radiation.diffrn_id 
_diffrn_radiation.wavelength_id 
_diffrn_radiation.pdbx_diffrn_protocol 
_diffrn_radiation.monochromator 
_diffrn_radiation.pdbx_monochromatic_or_laue_m_l 
_diffrn_radiation.pdbx_scattering_type 
1 1 'SINGLE WAVELENGTH' 'Double crystal, Si(111)'      M x-ray 
2 1 MAD                 'Double flat crystal, Si(111)' M x-ray 
# 
loop_
_diffrn_radiation_wavelength.id 
_diffrn_radiation_wavelength.wavelength 
_diffrn_radiation_wavelength.wt 
1 1.5498 1.0 
2 1.3856 1.0 
3 1.3862 1.0 
4 1.3122 1.0 
# 
loop_
_diffrn_source.diffrn_id 
_diffrn_source.source 
_diffrn_source.type 
_diffrn_source.pdbx_wavelength 
_diffrn_source.pdbx_wavelength_list 
_diffrn_source.pdbx_synchrotron_site 
_diffrn_source.pdbx_synchrotron_beamline 
1 SYNCHROTRON 'ALS BEAMLINE 8.2.2' ? 1.5498                   ALS 8.2.2 
2 SYNCHROTRON 'ALS BEAMLINE 8.3.1' ? '1.3856, 1.3862, 1.3122' ALS 8.3.1 
# 
_reflns.entry_id                     2R2I 
_reflns.B_iso_Wilson_estimate        15.600 
_reflns.observed_criterion_sigma_F   0 
_reflns.observed_criterion_sigma_I   0 
_reflns.d_resolution_high            2.0 
_reflns.d_resolution_low             50.0 
_reflns.number_all                   14065 
_reflns.number_obs                   13602 
_reflns.percent_possible_obs         96.7 
_reflns.pdbx_Rmerge_I_obs            ? 
_reflns.pdbx_Rsym_value              ? 
_reflns.pdbx_netI_over_sigmaI        ? 
_reflns.pdbx_redundancy              7.0 
_reflns.R_free_details               ? 
_reflns.limit_h_max                  ? 
_reflns.limit_h_min                  ? 
_reflns.limit_k_max                  ? 
_reflns.limit_k_min                  ? 
_reflns.limit_l_max                  ? 
_reflns.limit_l_min                  ? 
_reflns.observed_criterion_F_max     ? 
_reflns.observed_criterion_F_min     ? 
_reflns.pdbx_chi_squared             ? 
_reflns.pdbx_scaling_rejects         ? 
_reflns.pdbx_diffrn_id               1,2 
_reflns.pdbx_ordinal                 1 
# 
_reflns_shell.d_res_high             2.00 
_reflns_shell.d_res_low              2.07 
_reflns_shell.percent_possible_obs   ? 
_reflns_shell.percent_possible_all   98.2 
_reflns_shell.Rmerge_I_obs           ? 
_reflns_shell.meanI_over_sigI_obs    ? 
_reflns_shell.pdbx_Rsym_value        ? 
_reflns_shell.pdbx_redundancy        ? 
_reflns_shell.number_unique_all      ? 
_reflns_shell.number_measured_all    ? 
_reflns_shell.number_measured_obs    ? 
_reflns_shell.number_unique_obs      ? 
_reflns_shell.pdbx_chi_squared       ? 
_reflns_shell.pdbx_diffrn_id         ? 
_reflns_shell.pdbx_ordinal           1 
# 
_refine.entry_id                                 2R2I 
_refine.ls_d_res_high                            2.000 
_refine.ls_d_res_low                             29.930 
_refine.pdbx_ls_sigma_F                          0.00 
_refine.pdbx_data_cutoff_high_absF               93709.070 
_refine.pdbx_data_cutoff_low_absF                0.000 
_refine.ls_percent_reflns_obs                    95.300 
_refine.ls_number_reflns_obs                     13373 
_refine.pdbx_ls_cross_valid_method               THROUGHOUT 
_refine.pdbx_R_Free_selection_details            RANDOM 
_refine.details                                  'BULK SOLVENT MODEL USED' 
_refine.ls_R_factor_R_work                       0.218 
_refine.ls_R_factor_R_free                       0.251 
_refine.ls_percent_reflns_R_free                 10.100 
_refine.ls_number_reflns_R_free                  1357 
_refine.ls_R_factor_R_free_error                 0.007 
_refine.B_iso_mean                               26.900 
_refine.solvent_model_param_bsol                 47.089 
_refine.solvent_model_param_ksol                 0.400 
_refine.pdbx_isotropic_thermal_model             RESTRAINED 
_refine.aniso_B[1][1]                            -0.080 
_refine.aniso_B[2][2]                            -0.080 
_refine.aniso_B[3][3]                            0.150 
_refine.aniso_B[1][2]                            0.000 
_refine.aniso_B[1][3]                            0.000 
_refine.aniso_B[2][3]                            0.000 
_refine.solvent_model_details                    'FLAT MODEL' 
_refine.pdbx_method_to_determine_struct          ? 
_refine.pdbx_ls_sigma_I                          ? 
_refine.ls_number_reflns_all                     14019 
_refine.ls_R_factor_all                          ? 
_refine.ls_R_factor_obs                          0.218 
_refine.ls_redundancy_reflns_obs                 ? 
_refine.ls_number_parameters                     ? 
_refine.ls_number_restraints                     ? 
_refine.ls_R_factor_R_free_error_details         ? 
_refine.pdbx_starting_model                      ? 
_refine.pdbx_stereochem_target_val_spec_case     ? 
_refine.pdbx_stereochemistry_target_values       'Engh & Huber' 
_refine.occupancy_max                            ? 
_refine.occupancy_min                            ? 
_refine.B_iso_min                                ? 
_refine.B_iso_max                                ? 
_refine.correlation_coeff_Fo_to_Fc               ? 
_refine.correlation_coeff_Fo_to_Fc_free          ? 
_refine.pdbx_solvent_vdw_probe_radii             ? 
_refine.pdbx_solvent_ion_probe_radii             ? 
_refine.pdbx_solvent_shrinkage_radii             ? 
_refine.overall_SU_R_Cruickshank_DPI             ? 
_refine.overall_SU_R_free                        ? 
_refine.overall_SU_ML                            ? 
_refine.overall_SU_B                             ? 
_refine.pdbx_overall_ESU_R_Free                  ? 
_refine.pdbx_data_cutoff_high_rms_absF           ? 
_refine.pdbx_overall_ESU_R                       ? 
_refine.ls_wR_factor_R_free                      ? 
_refine.ls_wR_factor_R_work                      ? 
_refine.overall_FOM_free_R_set                   ? 
_refine.overall_FOM_work_R_set                   ? 
_refine.pdbx_refine_id                           'X-RAY DIFFRACTION' 
_refine.pdbx_diffrn_id                           1 
_refine.pdbx_TLS_residual_ADP_flag               ? 
_refine.pdbx_overall_phase_error                 ? 
_refine.pdbx_overall_SU_R_free_Cruickshank_DPI   ? 
_refine.pdbx_overall_SU_R_Blow_DPI               ? 
_refine.pdbx_overall_SU_R_free_Blow_DPI          ? 
# 
_refine_analyze.entry_id                        2R2I 
_refine_analyze.Luzzati_coordinate_error_obs    0.240 
_refine_analyze.Luzzati_sigma_a_obs             0.070 
_refine_analyze.Luzzati_d_res_low_obs           5.000 
_refine_analyze.Luzzati_coordinate_error_free   0.290 
_refine_analyze.Luzzati_sigma_a_free            0.180 
_refine_analyze.Luzzati_d_res_low_free          ? 
_refine_analyze.number_disordered_residues      ? 
_refine_analyze.occupancy_sum_non_hydrogen      ? 
_refine_analyze.occupancy_sum_hydrogen          ? 
_refine_analyze.pdbx_Luzzati_d_res_high_obs     ? 
_refine_analyze.pdbx_refine_id                  'X-RAY DIFFRACTION' 
# 
_refine_hist.pdbx_refine_id                   'X-RAY DIFFRACTION' 
_refine_hist.cycle_id                         LAST 
_refine_hist.pdbx_number_atoms_protein        1480 
_refine_hist.pdbx_number_atoms_nucleic_acid   0 
_refine_hist.pdbx_number_atoms_ligand         34 
_refine_hist.number_atoms_solvent             84 
_refine_hist.number_atoms_total               1598 
_refine_hist.d_res_high                       2.000 
_refine_hist.d_res_low                        29.930 
# 
loop_
_refine_ls_restr.type 
_refine_ls_restr.number 
_refine_ls_restr.dev_ideal 
_refine_ls_restr.dev_ideal_target 
_refine_ls_restr.weight 
_refine_ls_restr.pdbx_refine_id 
_refine_ls_restr.pdbx_restraint_function 
c_bond_d           ? 0.006  ? ? 'X-RAY DIFFRACTION' ? 
c_angle_deg        ? 1.100  ? ? 'X-RAY DIFFRACTION' ? 
c_dihedral_angle_d ? 19.500 ? ? 'X-RAY DIFFRACTION' ? 
c_improper_angle_d ? 0.680  ? ? 'X-RAY DIFFRACTION' ? 
c_mcbond_it        ? ?      ? ? 'X-RAY DIFFRACTION' ? 
c_mcangle_it       ? ?      ? ? 'X-RAY DIFFRACTION' ? 
c_scbond_it        ? ?      ? ? 'X-RAY DIFFRACTION' ? 
c_scangle_it       ? ?      ? ? 'X-RAY DIFFRACTION' ? 
# 
_refine_ls_shell.d_res_high                       2.000 
_refine_ls_shell.d_res_low                        2.130 
_refine_ls_shell.pdbx_total_number_of_bins_used   6 
_refine_ls_shell.percent_reflns_obs               95.200 
_refine_ls_shell.number_reflns_R_work             1953 
_refine_ls_shell.R_factor_all                     ? 
_refine_ls_shell.R_factor_R_work                  0.217 
_refine_ls_shell.R_factor_R_free                  0.288 
_refine_ls_shell.percent_reflns_R_free            9.400 
_refine_ls_shell.number_reflns_R_free             203 
_refine_ls_shell.R_factor_R_free_error            0.020 
_refine_ls_shell.number_reflns_all                2156 
_refine_ls_shell.number_reflns_obs                ? 
_refine_ls_shell.redundancy_reflns_obs            ? 
_refine_ls_shell.pdbx_refine_id                   'X-RAY DIFFRACTION' 
# 
loop_
_pdbx_xplor_file.serial_no 
_pdbx_xplor_file.param_file 
_pdbx_xplor_file.topol_file 
_pdbx_xplor_file.pdbx_refine_id 
1 protein_rep.param protein.top 'X-RAY DIFFRACTION' 
2 ion.param         ion.top     'X-RAY DIFFRACTION' 
3 myr.param         myr.top     'X-RAY DIFFRACTION' 
4 bme.param         bme.top     'X-RAY DIFFRACTION' 
5 water.param       water.top   'X-RAY DIFFRACTION' 
# 
_struct.entry_id                  2R2I 
_struct.title                     'Myristoylated Guanylate Cyclase Activating Protein-1 with Calcium Bound' 
_struct.pdbx_model_details        ? 
_struct.pdbx_CASP_flag            ? 
_struct.pdbx_model_type_details   ? 
# 
_struct_keywords.entry_id        2R2I 
_struct_keywords.pdbx_keywords   'Lyase Activator' 
_struct_keywords.text            
;EF hand, GCAP, Guanylate Cyclase Activating Protein, GCAP1, GCAP-1, Calcium, Lipoprotein, Myristate, Sensory transduction, Vision, Lyase Activator
;
# 
loop_
_struct_asym.id 
_struct_asym.pdbx_blank_PDB_chainid_flag 
_struct_asym.pdbx_modified 
_struct_asym.entity_id 
_struct_asym.details 
A N N 1 ? 
B N N 2 ? 
C N N 2 ? 
D N N 2 ? 
E N N 3 ? 
F N N 4 ? 
G N N 4 ? 
H N N 4 ? 
I N N 4 ? 
J N N 5 ? 
# 
_struct_biol.id        1 
_struct_biol.details   ? 
# 
loop_
_struct_conf.conf_type_id 
_struct_conf.id 
_struct_conf.pdbx_PDB_helix_id 
_struct_conf.beg_label_comp_id 
_struct_conf.beg_label_asym_id 
_struct_conf.beg_label_seq_id 
_struct_conf.pdbx_beg_PDB_ins_code 
_struct_conf.end_label_comp_id 
_struct_conf.end_label_asym_id 
_struct_conf.end_label_seq_id 
_struct_conf.pdbx_end_PDB_ins_code 
_struct_conf.beg_auth_comp_id 
_struct_conf.beg_auth_asym_id 
_struct_conf.beg_auth_seq_id 
_struct_conf.end_auth_comp_id 
_struct_conf.end_auth_asym_id 
_struct_conf.end_auth_seq_id 
_struct_conf.pdbx_PDB_helix_class 
_struct_conf.details 
_struct_conf.pdbx_PDB_helix_length 
HELX_P HELX_P1  1  ASP A 4   ? ALA A 13  ? ASP A 5   ALA A 14  1 ? 10 
HELX_P HELX_P2  2  GLU A 15  ? CYS A 27  ? GLU A 16  CYS A 28  1 ? 13 
HELX_P HELX_P3  3  THR A 33  ? GLY A 42  ? THR A 34  GLY A 43  1 ? 10 
HELX_P HELX_P4  4  SER A 47  ? ASP A 62  ? SER A 48  ASP A 63  1 ? 16 
HELX_P HELX_P5  5  PHE A 71  ? LEU A 82  ? PHE A 72  LEU A 83  1 ? 12 
HELX_P HELX_P6  6  LYS A 85  ? ASP A 98  ? LYS A 86  ASP A 99  1 ? 14 
HELX_P HELX_P7  7  ARG A 107 ? ILE A 117 ? ARG A 108 ILE A 118 1 ? 11 
HELX_P HELX_P8  8  ARG A 118 ? CYS A 123 ? ARG A 119 CYS A 124 5 ? 6  
HELX_P HELX_P9  9  THR A 128 ? ASP A 141 ? THR A 129 ASP A 142 1 ? 14 
HELX_P HELX_P10 10 SER A 149 ? GLN A 158 ? SER A 150 GLN A 159 1 ? 10 
HELX_P HELX_P11 11 ASP A 160 ? ARG A 169 ? ASP A 161 ARG A 170 1 ? 10 
HELX_P HELX_P12 12 ASP A 172 ? GLN A 181 ? ASP A 173 GLN A 182 1 ? 10 
# 
_struct_conf_type.id          HELX_P 
_struct_conf_type.criteria    ? 
_struct_conf_type.reference   ? 
# 
loop_
_struct_conn.id 
_struct_conn.conn_type_id 
_struct_conn.pdbx_leaving_atom_flag 
_struct_conn.pdbx_PDB_id 
_struct_conn.ptnr1_label_asym_id 
_struct_conn.ptnr1_label_comp_id 
_struct_conn.ptnr1_label_seq_id 
_struct_conn.ptnr1_label_atom_id 
_struct_conn.pdbx_ptnr1_label_alt_id 
_struct_conn.pdbx_ptnr1_PDB_ins_code 
_struct_conn.pdbx_ptnr1_standard_comp_id 
_struct_conn.ptnr1_symmetry 
_struct_conn.ptnr2_label_asym_id 
_struct_conn.ptnr2_label_comp_id 
_struct_conn.ptnr2_label_seq_id 
_struct_conn.ptnr2_label_atom_id 
_struct_conn.pdbx_ptnr2_label_alt_id 
_struct_conn.pdbx_ptnr2_PDB_ins_code 
_struct_conn.ptnr1_auth_asym_id 
_struct_conn.ptnr1_auth_comp_id 
_struct_conn.ptnr1_auth_seq_id 
_struct_conn.ptnr2_auth_asym_id 
_struct_conn.ptnr2_auth_comp_id 
_struct_conn.ptnr2_auth_seq_id 
_struct_conn.ptnr2_symmetry 
_struct_conn.pdbx_ptnr3_label_atom_id 
_struct_conn.pdbx_ptnr3_label_seq_id 
_struct_conn.pdbx_ptnr3_label_comp_id 
_struct_conn.pdbx_ptnr3_label_asym_id 
_struct_conn.pdbx_ptnr3_label_alt_id 
_struct_conn.pdbx_ptnr3_PDB_ins_code 
_struct_conn.details 
_struct_conn.pdbx_dist_value 
_struct_conn.pdbx_value_order 
_struct_conn.pdbx_role 
covale1  covale both ? E MYR .   C1  ? ? ? 1_555 A GLY 1 N  ? ? A MYR 1   A GLY 2   1_555 ? ? ? ? ? ? ? 1.331 ? ? 
covale2  covale none ? A CYS 16  SG  ? ? ? 1_555 F BME . S2 ? ? A CYS 17  A BME 300 1_555 ? ? ? ? ? ? ? 2.034 ? ? 
covale3  covale none ? A CYS 27  SG  ? ? ? 1_555 G BME . S2 ? ? A CYS 28  A BME 301 1_555 ? ? ? ? ? ? ? 2.031 ? ? 
covale4  covale none ? A CYS 104 SG  ? ? ? 1_555 H BME . S2 ? ? A CYS 105 A BME 302 1_555 ? ? ? ? ? ? ? 2.027 ? ? 
covale5  covale none ? A CYS 123 SG  ? ? ? 1_555 I BME . S2 ? ? A CYS 124 A BME 303 1_555 ? ? ? ? ? ? ? 2.031 ? ? 
metalc1  metalc ?    ? A ASP 62  OD2 ? ? ? 1_555 B CA  . CA ? ? A ASP 63  A CA  500 1_555 ? ? ? ? ? ? ? 2.357 ? ? 
metalc2  metalc ?    ? A ASN 64  OD1 ? ? ? 1_555 B CA  . CA ? ? A ASN 65  A CA  500 1_555 ? ? ? ? ? ? ? 2.405 ? ? 
metalc3  metalc ?    ? A ASP 66  OD2 ? ? ? 1_555 B CA  . CA ? ? A ASP 67  A CA  500 1_555 ? ? ? ? ? ? ? 2.384 ? ? 
metalc4  metalc ?    ? A TYR 68  O   ? ? ? 1_555 B CA  . CA ? ? A TYR 69  A CA  500 1_555 ? ? ? ? ? ? ? 2.248 ? ? 
metalc5  metalc ?    ? A GLU 73  OE1 ? ? ? 1_555 B CA  . CA ? ? A GLU 74  A CA  500 1_555 ? ? ? ? ? ? ? 2.434 ? ? 
metalc6  metalc ?    ? A GLU 73  OE2 ? ? ? 1_555 B CA  . CA ? ? A GLU 74  A CA  500 1_555 ? ? ? ? ? ? ? 2.547 ? ? 
metalc7  metalc ?    ? A ASP 98  OD1 ? ? ? 1_555 C CA  . CA ? ? A ASP 99  A CA  501 1_555 ? ? ? ? ? ? ? 2.246 ? ? 
metalc8  metalc ?    ? A ASP 100 OD1 ? ? ? 1_555 C CA  . CA ? ? A ASP 101 A CA  501 1_555 ? ? ? ? ? ? ? 2.338 ? ? 
metalc9  metalc ?    ? A ASN 102 OD1 ? ? ? 1_555 C CA  . CA ? ? A ASN 103 A CA  501 1_555 ? ? ? ? ? ? ? 2.444 ? ? 
metalc10 metalc ?    ? A CYS 104 O   ? ? ? 1_555 C CA  . CA ? ? A CYS 105 A CA  501 1_555 ? ? ? ? ? ? ? 2.226 ? ? 
metalc11 metalc ?    ? A GLU 109 OE1 ? ? ? 1_555 C CA  . CA ? ? A GLU 110 A CA  501 1_555 ? ? ? ? ? ? ? 2.442 ? ? 
metalc12 metalc ?    ? A GLU 109 OE2 ? ? ? 1_555 C CA  . CA ? ? A GLU 110 A CA  501 1_555 ? ? ? ? ? ? ? 2.545 ? ? 
metalc13 metalc ?    ? A ASP 141 OD1 ? ? ? 1_555 D CA  . CA ? ? A ASP 142 A CA  502 1_555 ? ? ? ? ? ? ? 2.327 ? ? 
metalc14 metalc ?    ? A ASN 143 OD1 ? ? ? 1_555 D CA  . CA ? ? A ASN 144 A CA  502 1_555 ? ? ? ? ? ? ? 2.435 ? ? 
metalc15 metalc ?    ? A ASP 145 OD1 ? ? ? 1_555 D CA  . CA ? ? A ASP 146 A CA  502 1_555 ? ? ? ? ? ? ? 2.375 ? ? 
metalc16 metalc ?    ? A GLU 147 O   ? ? ? 1_555 D CA  . CA ? ? A GLU 148 A CA  502 1_555 ? ? ? ? ? ? ? 2.298 ? ? 
metalc17 metalc ?    ? A GLU 152 OE1 ? ? ? 1_555 D CA  . CA ? ? A GLU 153 A CA  502 1_555 ? ? ? ? ? ? ? 2.479 ? ? 
metalc18 metalc ?    ? A GLU 152 OE2 ? ? ? 1_555 D CA  . CA ? ? A GLU 153 A CA  502 1_555 ? ? ? ? ? ? ? 2.629 ? ? 
metalc19 metalc ?    ? B CA  .   CA  ? ? ? 1_555 J HOH . O  ? ? A CA  500 A HOH 505 1_555 ? ? ? ? ? ? ? 2.360 ? ? 
metalc20 metalc ?    ? C CA  .   CA  ? ? ? 1_555 J HOH . O  ? ? A CA  501 A HOH 567 1_555 ? ? ? ? ? ? ? 2.486 ? ? 
metalc21 metalc ?    ? D CA  .   CA  ? ? ? 1_555 J HOH . O  ? ? A CA  502 A HOH 512 1_555 ? ? ? ? ? ? ? 2.422 ? ? 
# 
loop_
_struct_conn_type.id 
_struct_conn_type.criteria 
_struct_conn_type.reference 
covale ? ? 
metalc ? ? 
# 
loop_
_struct_sheet.id 
_struct_sheet.type 
_struct_sheet.number_strands 
_struct_sheet.details 
A ? 2 ? 
B ? 2 ? 
# 
loop_
_struct_sheet_order.sheet_id 
_struct_sheet_order.range_id_1 
_struct_sheet_order.range_id_2 
_struct_sheet_order.offset 
_struct_sheet_order.sense 
A 1 2 ? anti-parallel 
B 1 2 ? anti-parallel 
# 
loop_
_struct_sheet_range.sheet_id 
_struct_sheet_range.id 
_struct_sheet_range.beg_label_comp_id 
_struct_sheet_range.beg_label_asym_id 
_struct_sheet_range.beg_label_seq_id 
_struct_sheet_range.pdbx_beg_PDB_ins_code 
_struct_sheet_range.end_label_comp_id 
_struct_sheet_range.end_label_asym_id 
_struct_sheet_range.end_label_seq_id 
_struct_sheet_range.pdbx_end_PDB_ins_code 
_struct_sheet_range.beg_auth_comp_id 
_struct_sheet_range.beg_auth_asym_id 
_struct_sheet_range.beg_auth_seq_id 
_struct_sheet_range.end_auth_comp_id 
_struct_sheet_range.end_auth_asym_id 
_struct_sheet_range.end_auth_seq_id 
A 1 GLN A 31  ? LEU A 32  ? GLN A 32  LEU A 33  
A 2 ILE A 69  ? ASP A 70  ? ILE A 70  ASP A 71  
B 1 ILE A 105 ? ASP A 106 ? ILE A 106 ASP A 107 
B 2 GLU A 147 ? LEU A 148 ? GLU A 148 LEU A 149 
# 
loop_
_pdbx_struct_sheet_hbond.sheet_id 
_pdbx_struct_sheet_hbond.range_id_1 
_pdbx_struct_sheet_hbond.range_id_2 
_pdbx_struct_sheet_hbond.range_1_label_atom_id 
_pdbx_struct_sheet_hbond.range_1_label_comp_id 
_pdbx_struct_sheet_hbond.range_1_label_asym_id 
_pdbx_struct_sheet_hbond.range_1_label_seq_id 
_pdbx_struct_sheet_hbond.range_1_PDB_ins_code 
_pdbx_struct_sheet_hbond.range_1_auth_atom_id 
_pdbx_struct_sheet_hbond.range_1_auth_comp_id 
_pdbx_struct_sheet_hbond.range_1_auth_asym_id 
_pdbx_struct_sheet_hbond.range_1_auth_seq_id 
_pdbx_struct_sheet_hbond.range_2_label_atom_id 
_pdbx_struct_sheet_hbond.range_2_label_comp_id 
_pdbx_struct_sheet_hbond.range_2_label_asym_id 
_pdbx_struct_sheet_hbond.range_2_label_seq_id 
_pdbx_struct_sheet_hbond.range_2_PDB_ins_code 
_pdbx_struct_sheet_hbond.range_2_auth_atom_id 
_pdbx_struct_sheet_hbond.range_2_auth_comp_id 
_pdbx_struct_sheet_hbond.range_2_auth_asym_id 
_pdbx_struct_sheet_hbond.range_2_auth_seq_id 
A 1 2 N LEU A 32  ? N LEU A 33  O ILE A 69  ? O ILE A 70  
B 1 2 N ILE A 105 ? N ILE A 106 O LEU A 148 ? O LEU A 149 
# 
loop_
_struct_site.id 
_struct_site.pdbx_evidence_code 
_struct_site.pdbx_auth_asym_id 
_struct_site.pdbx_auth_comp_id 
_struct_site.pdbx_auth_seq_id 
_struct_site.pdbx_auth_ins_code 
_struct_site.pdbx_num_residues 
_struct_site.details 
AC1 Software A CA  500 ? 6 'BINDING SITE FOR RESIDUE CA A 500'  
AC2 Software A CA  501 ? 6 'BINDING SITE FOR RESIDUE CA A 501'  
AC3 Software A CA  502 ? 6 'BINDING SITE FOR RESIDUE CA A 502'  
AC4 Software A MYR 1   ? 8 'BINDING SITE FOR RESIDUE MYR A 1'   
AC5 Software A BME 300 ? 6 'BINDING SITE FOR RESIDUE BME A 300' 
AC6 Software A BME 301 ? 5 'BINDING SITE FOR RESIDUE BME A 301' 
AC7 Software A BME 302 ? 4 'BINDING SITE FOR RESIDUE BME A 302' 
AC8 Software A BME 303 ? 6 'BINDING SITE FOR RESIDUE BME A 303' 
# 
loop_
_struct_site_gen.id 
_struct_site_gen.site_id 
_struct_site_gen.pdbx_num_res 
_struct_site_gen.label_comp_id 
_struct_site_gen.label_asym_id 
_struct_site_gen.label_seq_id 
_struct_site_gen.pdbx_auth_ins_code 
_struct_site_gen.auth_comp_id 
_struct_site_gen.auth_asym_id 
_struct_site_gen.auth_seq_id 
_struct_site_gen.label_atom_id 
_struct_site_gen.label_alt_id 
_struct_site_gen.symmetry 
_struct_site_gen.details 
1  AC1 6 ASP A 62  ? ASP A 63  . ? 1_555 ? 
2  AC1 6 ASN A 64  ? ASN A 65  . ? 1_555 ? 
3  AC1 6 ASP A 66  ? ASP A 67  . ? 1_555 ? 
4  AC1 6 TYR A 68  ? TYR A 69  . ? 1_555 ? 
5  AC1 6 GLU A 73  ? GLU A 74  . ? 1_555 ? 
6  AC1 6 HOH J .   ? HOH A 505 . ? 1_555 ? 
7  AC2 6 ASP A 98  ? ASP A 99  . ? 1_555 ? 
8  AC2 6 ASP A 100 ? ASP A 101 . ? 1_555 ? 
9  AC2 6 ASN A 102 ? ASN A 103 . ? 1_555 ? 
10 AC2 6 CYS A 104 ? CYS A 105 . ? 1_555 ? 
11 AC2 6 GLU A 109 ? GLU A 110 . ? 1_555 ? 
12 AC2 6 HOH J .   ? HOH A 567 . ? 1_555 ? 
13 AC3 6 ASP A 141 ? ASP A 142 . ? 1_555 ? 
14 AC3 6 ASN A 143 ? ASN A 144 . ? 1_555 ? 
15 AC3 6 ASP A 145 ? ASP A 146 . ? 1_555 ? 
16 AC3 6 GLU A 147 ? GLU A 148 . ? 1_555 ? 
17 AC3 6 GLU A 152 ? GLU A 153 . ? 1_555 ? 
18 AC3 6 HOH J .   ? HOH A 512 . ? 1_555 ? 
19 AC4 8 GLY A 1   ? GLY A 2   . ? 1_555 ? 
20 AC4 8 ASN A 2   ? ASN A 3   . ? 1_555 ? 
21 AC4 8 MET A 3   ? MET A 4   . ? 1_555 ? 
22 AC4 8 PHE A 41  ? PHE A 42  . ? 1_555 ? 
23 AC4 8 LEU A 43  ? LEU A 44  . ? 1_555 ? 
24 AC4 8 ALA A 77  ? ALA A 78  . ? 1_555 ? 
25 AC4 8 VAL A 177 ? VAL A 178 . ? 1_555 ? 
26 AC4 8 HOH J .   ? HOH A 560 . ? 1_555 ? 
27 AC5 6 ASP A 4   ? ASP A 5   . ? 4_454 ? 
28 AC5 6 ALA A 7   ? ALA A 8   . ? 4_454 ? 
29 AC5 6 CYS A 16  ? CYS A 17  . ? 1_555 ? 
30 AC5 6 VAL A 75  ? VAL A 76  . ? 1_555 ? 
31 AC5 6 LEU A 78  ? LEU A 79  . ? 1_555 ? 
32 AC5 6 SER A 79  ? SER A 80  . ? 1_555 ? 
33 AC6 5 GLU A 26  ? GLU A 27  . ? 1_555 ? 
34 AC6 5 CYS A 27  ? CYS A 28  . ? 1_555 ? 
35 AC6 5 GLN A 31  ? GLN A 32  . ? 1_555 ? 
36 AC6 5 LEU A 32  ? LEU A 33  . ? 1_555 ? 
37 AC6 5 GLU A 36  ? GLU A 37  . ? 1_555 ? 
38 AC7 4 GLY A 103 ? GLY A 104 . ? 1_555 ? 
39 AC7 4 CYS A 104 ? CYS A 105 . ? 1_555 ? 
40 AC7 4 GLU A 147 ? GLU A 148 . ? 1_555 ? 
41 AC7 4 SER A 149 ? SER A 150 . ? 1_555 ? 
42 AC8 6 CYS A 123 ? CYS A 124 . ? 1_555 ? 
43 AC8 6 MET A 127 ? MET A 128 . ? 1_555 ? 
44 AC8 6 PHE A 132 ? PHE A 133 . ? 1_555 ? 
45 AC8 6 MET A 135 ? MET A 136 . ? 1_555 ? 
46 AC8 6 VAL A 162 ? VAL A 163 . ? 1_555 ? 
47 AC8 6 ILE A 166 ? ILE A 167 . ? 1_555 ? 
# 
_atom_sites.entry_id                    2R2I 
_atom_sites.fract_transf_matrix[1][1]   -0.00303763 
_atom_sites.fract_transf_matrix[1][2]   0.01086882 
_atom_sites.fract_transf_matrix[1][3]   -0.00765389 
_atom_sites.fract_transf_matrix[2][1]   0.01126831 
_atom_sites.fract_transf_matrix[2][2]   0.00627056 
_atom_sites.fract_transf_matrix[2][3]   0.00443235 
_atom_sites.fract_transf_matrix[3][1]   0.00706289 
_atom_sites.fract_transf_matrix[3][2]   -0.00534536 
_atom_sites.fract_transf_matrix[3][3]   -0.01039370 
_atom_sites.fract_transf_vector[1]      0.206506 
_atom_sites.fract_transf_vector[2]      0.668928 
_atom_sites.fract_transf_vector[3]      0.507323 
# 
loop_
_atom_type.symbol 
C  
CA 
N  
O  
S  
# 
loop_
_atom_site.group_PDB 
_atom_site.id 
_atom_site.type_symbol 
_atom_site.label_atom_id 
_atom_site.label_alt_id 
_atom_site.label_comp_id 
_atom_site.label_asym_id 
_atom_site.label_entity_id 
_atom_site.label_seq_id 
_atom_site.pdbx_PDB_ins_code 
_atom_site.Cartn_x 
_atom_site.Cartn_y 
_atom_site.Cartn_z 
_atom_site.occupancy 
_atom_site.B_iso_or_equiv 
_atom_site.pdbx_formal_charge 
_atom_site.auth_seq_id 
_atom_site.auth_comp_id 
_atom_site.auth_asym_id 
_atom_site.auth_atom_id 
_atom_site.pdbx_PDB_model_num 
ATOM   1    N  N   . GLY A 1 1   ? 10.632  -11.925 2.061   1.00 36.32 ? 2   GLY A N   1 
ATOM   2    C  CA  . GLY A 1 1   ? 11.476  -12.580 3.043   1.00 31.82 ? 2   GLY A CA  1 
ATOM   3    C  C   . GLY A 1 1   ? 12.378  -13.726 2.617   1.00 29.87 ? 2   GLY A C   1 
ATOM   4    O  O   . GLY A 1 1   ? 13.590  -13.555 2.488   1.00 28.51 ? 2   GLY A O   1 
ATOM   5    N  N   . ASN A 1 2   ? 11.783  -14.897 2.397   1.00 27.49 ? 3   ASN A N   1 
ATOM   6    C  CA  . ASN A 1 2   ? 12.538  -16.100 2.044   1.00 26.33 ? 3   ASN A CA  1 
ATOM   7    C  C   . ASN A 1 2   ? 12.100  -16.794 0.753   1.00 25.11 ? 3   ASN A C   1 
ATOM   8    O  O   . ASN A 1 2   ? 12.123  -18.020 0.678   1.00 23.92 ? 3   ASN A O   1 
ATOM   9    C  CB  . ASN A 1 2   ? 12.426  -17.102 3.194   1.00 25.80 ? 3   ASN A CB  1 
ATOM   10   C  CG  . ASN A 1 2   ? 10.979  -17.410 3.540   1.00 27.55 ? 3   ASN A CG  1 
ATOM   11   O  OD1 . ASN A 1 2   ? 10.066  -16.923 2.873   1.00 30.21 ? 3   ASN A OD1 1 
ATOM   12   N  ND2 . ASN A 1 2   ? 10.760  -18.214 4.574   1.00 29.55 ? 3   ASN A ND2 1 
ATOM   13   N  N   . MET A 1 3   ? 11.695  -16.034 -0.257  1.00 24.74 ? 4   MET A N   1 
ATOM   14   C  CA  . MET A 1 3   ? 11.276  -16.653 -1.511  1.00 23.50 ? 4   MET A CA  1 
ATOM   15   C  C   . MET A 1 3   ? 11.620  -15.788 -2.711  1.00 21.81 ? 4   MET A C   1 
ATOM   16   O  O   . MET A 1 3   ? 11.834  -14.588 -2.570  1.00 20.88 ? 4   MET A O   1 
ATOM   17   C  CB  . MET A 1 3   ? 9.777   -16.932 -1.487  1.00 24.77 ? 4   MET A CB  1 
ATOM   18   C  CG  . MET A 1 3   ? 8.920   -15.727 -1.185  1.00 23.92 ? 4   MET A CG  1 
ATOM   19   S  SD  . MET A 1 3   ? 7.212   -16.239 -0.983  1.00 28.09 ? 4   MET A SD  1 
ATOM   20   C  CE  . MET A 1 3   ? 7.338   -17.228 0.498   1.00 22.80 ? 4   MET A CE  1 
ATOM   21   N  N   . ASP A 1 4   ? 11.673  -16.396 -3.890  1.00 20.19 ? 5   ASP A N   1 
ATOM   22   C  CA  . ASP A 1 4   ? 12.013  -15.645 -5.097  1.00 21.43 ? 5   ASP A CA  1 
ATOM   23   C  C   . ASP A 1 4   ? 10.795  -15.006 -5.744  1.00 20.89 ? 5   ASP A C   1 
ATOM   24   O  O   . ASP A 1 4   ? 9.663   -15.234 -5.318  1.00 21.19 ? 5   ASP A O   1 
ATOM   25   C  CB  . ASP A 1 4   ? 12.765  -16.541 -6.097  1.00 22.43 ? 5   ASP A CB  1 
ATOM   26   C  CG  . ASP A 1 4   ? 11.910  -17.664 -6.644  1.00 24.43 ? 5   ASP A CG  1 
ATOM   27   O  OD1 . ASP A 1 4   ? 12.489  -18.647 -7.161  1.00 26.42 ? 5   ASP A OD1 1 
ATOM   28   O  OD2 . ASP A 1 4   ? 10.668  -17.563 -6.572  1.00 22.60 ? 5   ASP A OD2 1 
ATOM   29   N  N   . SER A 1 5   ? 11.033  -14.195 -6.770  1.00 19.91 ? 6   SER A N   1 
ATOM   30   C  CA  . SER A 1 5   ? 9.963   -13.486 -7.460  1.00 20.34 ? 6   SER A CA  1 
ATOM   31   C  C   . SER A 1 5   ? 8.844   -14.376 -7.987  1.00 19.63 ? 6   SER A C   1 
ATOM   32   O  O   . SER A 1 5   ? 7.670   -14.010 -7.903  1.00 15.15 ? 6   SER A O   1 
ATOM   33   C  CB  . SER A 1 5   ? 10.548  -12.655 -8.607  1.00 23.52 ? 6   SER A CB  1 
ATOM   34   O  OG  . SER A 1 5   ? 11.227  -13.483 -9.531  1.00 28.28 ? 6   SER A OG  1 
ATOM   35   N  N   . LYS A 1 6   ? 9.198   -15.540 -8.532  1.00 18.32 ? 7   LYS A N   1 
ATOM   36   C  CA  . LYS A 1 6   ? 8.195   -16.465 -9.057  1.00 19.65 ? 7   LYS A CA  1 
ATOM   37   C  C   . LYS A 1 6   ? 7.287   -16.948 -7.928  1.00 17.01 ? 7   LYS A C   1 
ATOM   38   O  O   . LYS A 1 6   ? 6.089   -17.131 -8.126  1.00 16.09 ? 7   LYS A O   1 
ATOM   39   C  CB  . LYS A 1 6   ? 8.869   -17.665 -9.732  1.00 21.80 ? 7   LYS A CB  1 
ATOM   40   C  CG  . LYS A 1 6   ? 9.595   -17.321 -11.025 1.00 27.03 ? 7   LYS A CG  1 
ATOM   41   C  CD  . LYS A 1 6   ? 8.607   -16.942 -12.115 1.00 31.79 ? 7   LYS A CD  1 
ATOM   42   C  CE  . LYS A 1 6   ? 9.307   -16.703 -13.445 1.00 35.37 ? 7   LYS A CE  1 
ATOM   43   N  NZ  . LYS A 1 6   ? 8.328   -16.496 -14.552 1.00 38.39 ? 7   LYS A NZ  1 
ATOM   44   N  N   . ALA A 1 7   ? 7.865   -17.153 -6.745  1.00 16.06 ? 8   ALA A N   1 
ATOM   45   C  CA  . ALA A 1 7   ? 7.102   -17.596 -5.580  1.00 16.69 ? 8   ALA A CA  1 
ATOM   46   C  C   . ALA A 1 7   ? 6.117   -16.503 -5.164  1.00 17.77 ? 8   ALA A C   1 
ATOM   47   O  O   . ALA A 1 7   ? 4.943   -16.775 -4.877  1.00 17.34 ? 8   ALA A O   1 
ATOM   48   C  CB  . ALA A 1 7   ? 8.051   -17.913 -4.420  1.00 16.08 ? 8   ALA A CB  1 
ATOM   49   N  N   . VAL A 1 8   ? 6.600   -15.265 -5.132  1.00 17.78 ? 9   VAL A N   1 
ATOM   50   C  CA  . VAL A 1 8   ? 5.760   -14.132 -4.754  1.00 18.28 ? 9   VAL A CA  1 
ATOM   51   C  C   . VAL A 1 8   ? 4.597   -13.997 -5.738  1.00 18.51 ? 9   VAL A C   1 
ATOM   52   O  O   . VAL A 1 8   ? 3.490   -13.652 -5.350  1.00 18.45 ? 9   VAL A O   1 
ATOM   53   C  CB  . VAL A 1 8   ? 6.588   -12.825 -4.708  1.00 17.97 ? 9   VAL A CB  1 
ATOM   54   C  CG1 . VAL A 1 8   ? 5.680   -11.628 -4.411  1.00 18.32 ? 9   VAL A CG1 1 
ATOM   55   C  CG2 . VAL A 1 8   ? 7.664   -12.942 -3.627  1.00 16.00 ? 9   VAL A CG2 1 
ATOM   56   N  N   . GLU A 1 9   ? 4.848   -14.286 -7.011  1.00 19.66 ? 10  GLU A N   1 
ATOM   57   C  CA  . GLU A 1 9   ? 3.793   -14.217 -8.020  1.00 21.47 ? 10  GLU A CA  1 
ATOM   58   C  C   . GLU A 1 9   ? 2.690   -15.237 -7.730  1.00 20.03 ? 10  GLU A C   1 
ATOM   59   O  O   . GLU A 1 9   ? 1.501   -14.923 -7.826  1.00 18.04 ? 10  GLU A O   1 
ATOM   60   C  CB  . GLU A 1 9   ? 4.369   -14.462 -9.417  1.00 25.58 ? 10  GLU A CB  1 
ATOM   61   C  CG  . GLU A 1 9   ? 4.847   -13.206 -10.117 1.00 31.67 ? 10  GLU A CG  1 
ATOM   62   C  CD  . GLU A 1 9   ? 3.699   -12.322 -10.600 1.00 34.89 ? 10  GLU A CD  1 
ATOM   63   O  OE1 . GLU A 1 9   ? 3.975   -11.198 -11.067 1.00 39.01 ? 10  GLU A OE1 1 
ATOM   64   O  OE2 . GLU A 1 9   ? 2.527   -12.750 -10.521 1.00 37.78 ? 10  GLU A OE2 1 
ATOM   65   N  N   . GLU A 1 10  ? 3.079   -16.462 -7.383  1.00 18.06 ? 11  GLU A N   1 
ATOM   66   C  CA  . GLU A 1 10  ? 2.085   -17.493 -7.079  1.00 18.43 ? 11  GLU A CA  1 
ATOM   67   C  C   . GLU A 1 10  ? 1.257   -17.118 -5.843  1.00 17.40 ? 11  GLU A C   1 
ATOM   68   O  O   . GLU A 1 10  ? 0.050   -17.357 -5.799  1.00 18.45 ? 11  GLU A O   1 
ATOM   69   C  CB  . GLU A 1 10  ? 2.766   -18.850 -6.865  1.00 17.73 ? 11  GLU A CB  1 
ATOM   70   C  CG  . GLU A 1 10  ? 3.402   -19.403 -8.127  1.00 17.44 ? 11  GLU A CG  1 
ATOM   71   C  CD  . GLU A 1 10  ? 2.418   -19.447 -9.270  1.00 19.86 ? 11  GLU A CD  1 
ATOM   72   O  OE1 . GLU A 1 10  ? 2.728   -18.895 -10.349 1.00 18.90 ? 11  GLU A OE1 1 
ATOM   73   O  OE2 . GLU A 1 10  ? 1.329   -20.032 -9.087  1.00 21.55 ? 11  GLU A OE2 1 
ATOM   74   N  N   . LEU A 1 11  ? 1.909   -16.528 -4.846  1.00 17.71 ? 12  LEU A N   1 
ATOM   75   C  CA  . LEU A 1 11  ? 1.212   -16.124 -3.626  1.00 19.60 ? 12  LEU A CA  1 
ATOM   76   C  C   . LEU A 1 11  ? 0.235   -15.005 -3.931  1.00 18.68 ? 12  LEU A C   1 
ATOM   77   O  O   . LEU A 1 11  ? -0.843  -14.927 -3.348  1.00 19.43 ? 12  LEU A O   1 
ATOM   78   C  CB  . LEU A 1 11  ? 2.206   -15.650 -2.562  1.00 18.34 ? 12  LEU A CB  1 
ATOM   79   C  CG  . LEU A 1 11  ? 3.152   -16.702 -1.976  1.00 19.25 ? 12  LEU A CG  1 
ATOM   80   C  CD1 . LEU A 1 11  ? 3.991   -16.058 -0.889  1.00 20.92 ? 12  LEU A CD1 1 
ATOM   81   C  CD2 . LEU A 1 11  ? 2.359   -17.868 -1.397  1.00 20.99 ? 12  LEU A CD2 1 
ATOM   82   N  N   . SER A 1 12  ? 0.620   -14.139 -4.857  1.00 19.77 ? 13  SER A N   1 
ATOM   83   C  CA  . SER A 1 12  ? -0.220  -13.015 -5.240  1.00 21.35 ? 13  SER A CA  1 
ATOM   84   C  C   . SER A 1 12  ? -1.547  -13.495 -5.818  1.00 21.12 ? 13  SER A C   1 
ATOM   85   O  O   . SER A 1 12  ? -2.560  -12.806 -5.721  1.00 19.51 ? 13  SER A O   1 
ATOM   86   C  CB  . SER A 1 12  ? 0.508   -12.151 -6.267  1.00 24.25 ? 13  SER A CB  1 
ATOM   87   O  OG  . SER A 1 12  ? -0.209  -10.956 -6.498  1.00 32.51 ? 13  SER A OG  1 
ATOM   88   N  N   . ALA A 1 13  ? -1.525  -14.681 -6.424  1.00 20.24 ? 14  ALA A N   1 
ATOM   89   C  CA  . ALA A 1 13  ? -2.715  -15.264 -7.028  1.00 20.67 ? 14  ALA A CA  1 
ATOM   90   C  C   . ALA A 1 13  ? -3.366  -16.303 -6.111  1.00 19.97 ? 14  ALA A C   1 
ATOM   91   O  O   . ALA A 1 13  ? -4.305  -16.983 -6.509  1.00 20.14 ? 14  ALA A O   1 
ATOM   92   C  CB  . ALA A 1 13  ? -2.349  -15.910 -8.380  1.00 19.97 ? 14  ALA A CB  1 
ATOM   93   N  N   . THR A 1 14  ? -2.871  -16.419 -4.884  1.00 19.74 ? 15  THR A N   1 
ATOM   94   C  CA  . THR A 1 14  ? -3.417  -17.388 -3.942  1.00 18.71 ? 15  THR A CA  1 
ATOM   95   C  C   . THR A 1 14  ? -4.710  -16.861 -3.315  1.00 19.34 ? 15  THR A C   1 
ATOM   96   O  O   . THR A 1 14  ? -4.783  -15.704 -2.905  1.00 15.26 ? 15  THR A O   1 
ATOM   97   C  CB  . THR A 1 14  ? -2.384  -17.716 -2.841  1.00 20.23 ? 15  THR A CB  1 
ATOM   98   O  OG1 . THR A 1 14  ? -1.230  -18.321 -3.443  1.00 20.61 ? 15  THR A OG1 1 
ATOM   99   C  CG2 . THR A 1 14  ? -2.968  -18.678 -1.819  1.00 18.27 ? 15  THR A CG2 1 
ATOM   100  N  N   . GLU A 1 15  ? -5.718  -17.729 -3.262  1.00 20.02 ? 16  GLU A N   1 
ATOM   101  C  CA  . GLU A 1 15  ? -7.038  -17.413 -2.718  1.00 23.33 ? 16  GLU A CA  1 
ATOM   102  C  C   . GLU A 1 15  ? -7.008  -16.810 -1.322  1.00 20.18 ? 16  GLU A C   1 
ATOM   103  O  O   . GLU A 1 15  ? -6.213  -17.203 -0.476  1.00 18.17 ? 16  GLU A O   1 
ATOM   104  C  CB  . GLU A 1 15  ? -7.912  -18.673 -2.649  1.00 28.19 ? 16  GLU A CB  1 
ATOM   105  C  CG  . GLU A 1 15  ? -8.049  -19.469 -3.934  1.00 36.92 ? 16  GLU A CG  1 
ATOM   106  C  CD  . GLU A 1 15  ? -8.923  -20.705 -3.745  1.00 42.34 ? 16  GLU A CD  1 
ATOM   107  O  OE1 . GLU A 1 15  ? -8.654  -21.489 -2.808  1.00 45.73 ? 16  GLU A OE1 1 
ATOM   108  O  OE2 . GLU A 1 15  ? -9.877  -20.894 -4.532  1.00 45.33 ? 16  GLU A OE2 1 
ATOM   109  N  N   . CYS A 1 16  ? -7.920  -15.874 -1.095  1.00 21.70 ? 17  CYS A N   1 
ATOM   110  C  CA  . CYS A 1 16  ? -8.066  -15.204 0.190   1.00 20.13 ? 17  CYS A CA  1 
ATOM   111  C  C   . CYS A 1 16  ? -8.193  -16.223 1.323   1.00 19.33 ? 17  CYS A C   1 
ATOM   112  O  O   . CYS A 1 16  ? -7.562  -16.083 2.374   1.00 20.85 ? 17  CYS A O   1 
ATOM   113  C  CB  . CYS A 1 16  ? -9.317  -14.326 0.164   1.00 21.07 ? 17  CYS A CB  1 
ATOM   114  S  SG  . CYS A 1 16  ? -9.547  -13.304 1.656   1.00 21.03 ? 17  CYS A SG  1 
ATOM   115  N  N   . HIS A 1 17  ? -9.008  -17.250 1.105   1.00 18.22 ? 18  HIS A N   1 
ATOM   116  C  CA  . HIS A 1 17  ? -9.219  -18.265 2.126   1.00 18.84 ? 18  HIS A CA  1 
ATOM   117  C  C   . HIS A 1 17  ? -7.941  -18.889 2.669   1.00 19.74 ? 18  HIS A C   1 
ATOM   118  O  O   . HIS A 1 17  ? -7.840  -19.146 3.869   1.00 18.97 ? 18  HIS A O   1 
ATOM   119  C  CB  . HIS A 1 17  ? -10.127 -19.380 1.623   1.00 21.82 ? 18  HIS A CB  1 
ATOM   120  C  CG  . HIS A 1 17  ? -10.442 -20.397 2.675   1.00 22.25 ? 18  HIS A CG  1 
ATOM   121  N  ND1 . HIS A 1 17  ? -10.045 -21.714 2.586   1.00 26.17 ? 18  HIS A ND1 1 
ATOM   122  C  CD2 . HIS A 1 17  ? -11.062 -20.271 3.872   1.00 22.56 ? 18  HIS A CD2 1 
ATOM   123  C  CE1 . HIS A 1 17  ? -10.405 -22.355 3.684   1.00 26.24 ? 18  HIS A CE1 1 
ATOM   124  N  NE2 . HIS A 1 17  ? -11.024 -21.501 4.480   1.00 27.42 ? 18  HIS A NE2 1 
ATOM   125  N  N   . GLN A 1 18  ? -6.974  -19.146 1.790   1.00 18.44 ? 19  GLN A N   1 
ATOM   126  C  CA  . GLN A 1 18  ? -5.707  -19.738 2.216   1.00 17.79 ? 19  GLN A CA  1 
ATOM   127  C  C   . GLN A 1 18  ? -4.992  -18.793 3.180   1.00 16.73 ? 19  GLN A C   1 
ATOM   128  O  O   . GLN A 1 18  ? -4.498  -19.217 4.232   1.00 15.48 ? 19  GLN A O   1 
ATOM   129  C  CB  . GLN A 1 18  ? -4.812  -20.026 1.001   1.00 20.04 ? 19  GLN A CB  1 
ATOM   130  C  CG  . GLN A 1 18  ? -5.354  -21.095 0.042   1.00 20.55 ? 19  GLN A CG  1 
ATOM   131  C  CD  . GLN A 1 18  ? -5.621  -22.428 0.727   1.00 25.05 ? 19  GLN A CD  1 
ATOM   132  O  OE1 . GLN A 1 18  ? -4.986  -22.765 1.722   1.00 26.23 ? 19  GLN A OE1 1 
ATOM   133  N  NE2 . GLN A 1 18  ? -6.555  -23.198 0.180   1.00 29.02 ? 19  GLN A NE2 1 
ATOM   134  N  N   . TRP A 1 19  ? -4.939  -17.513 2.821   1.00 14.42 ? 20  TRP A N   1 
ATOM   135  C  CA  . TRP A 1 19  ? -4.302  -16.508 3.670   1.00 15.51 ? 20  TRP A CA  1 
ATOM   136  C  C   . TRP A 1 19  ? -5.025  -16.335 5.013   1.00 16.09 ? 20  TRP A C   1 
ATOM   137  O  O   . TRP A 1 19  ? -4.390  -16.207 6.063   1.00 16.41 ? 20  TRP A O   1 
ATOM   138  C  CB  . TRP A 1 19  ? -4.277  -15.142 2.973   1.00 15.88 ? 20  TRP A CB  1 
ATOM   139  C  CG  . TRP A 1 19  ? -3.445  -15.070 1.733   1.00 16.18 ? 20  TRP A CG  1 
ATOM   140  C  CD1 . TRP A 1 19  ? -3.864  -15.251 0.442   1.00 17.38 ? 20  TRP A CD1 1 
ATOM   141  C  CD2 . TRP A 1 19  ? -2.045  -14.789 1.666   1.00 18.74 ? 20  TRP A CD2 1 
ATOM   142  N  NE1 . TRP A 1 19  ? -2.806  -15.094 -0.423  1.00 15.62 ? 20  TRP A NE1 1 
ATOM   143  C  CE2 . TRP A 1 19  ? -1.677  -14.811 0.301   1.00 17.67 ? 20  TRP A CE2 1 
ATOM   144  C  CE3 . TRP A 1 19  ? -1.062  -14.521 2.629   1.00 19.92 ? 20  TRP A CE3 1 
ATOM   145  C  CZ2 . TRP A 1 19  ? -0.367  -14.574 -0.126  1.00 18.66 ? 20  TRP A CZ2 1 
ATOM   146  C  CZ3 . TRP A 1 19  ? 0.249   -14.285 2.200   1.00 24.27 ? 20  TRP A CZ3 1 
ATOM   147  C  CH2 . TRP A 1 19  ? 0.579   -14.315 0.836   1.00 20.78 ? 20  TRP A CH2 1 
ATOM   148  N  N   . TYR A 1 20  ? -6.355  -16.314 4.967   1.00 16.68 ? 21  TYR A N   1 
ATOM   149  C  CA  . TYR A 1 20  ? -7.170  -16.120 6.168   1.00 17.27 ? 21  TYR A CA  1 
ATOM   150  C  C   . TYR A 1 20  ? -7.110  -17.322 7.104   1.00 19.18 ? 21  TYR A C   1 
ATOM   151  O  O   . TYR A 1 20  ? -7.010  -17.166 8.321   1.00 18.04 ? 21  TYR A O   1 
ATOM   152  C  CB  . TYR A 1 20  ? -8.629  -15.851 5.783   1.00 18.15 ? 21  TYR A CB  1 
ATOM   153  C  CG  . TYR A 1 20  ? -9.441  -15.156 6.864   1.00 18.35 ? 21  TYR A CG  1 
ATOM   154  C  CD1 . TYR A 1 20  ? -9.102  -13.873 7.294   1.00 18.45 ? 21  TYR A CD1 1 
ATOM   155  C  CD2 . TYR A 1 20  ? -10.565 -15.767 7.430   1.00 19.44 ? 21  TYR A CD2 1 
ATOM   156  C  CE1 . TYR A 1 20  ? -9.862  -13.203 8.258   1.00 19.54 ? 21  TYR A CE1 1 
ATOM   157  C  CE2 . TYR A 1 20  ? -11.338 -15.105 8.397   1.00 19.32 ? 21  TYR A CE2 1 
ATOM   158  C  CZ  . TYR A 1 20  ? -10.980 -13.821 8.802   1.00 19.19 ? 21  TYR A CZ  1 
ATOM   159  O  OH  . TYR A 1 20  ? -11.744 -13.139 9.728   1.00 21.03 ? 21  TYR A OH  1 
ATOM   160  N  N   . LYS A 1 21  ? -7.167  -18.519 6.530   1.00 19.75 ? 22  LYS A N   1 
ATOM   161  C  CA  . LYS A 1 21  ? -7.131  -19.736 7.324   1.00 21.30 ? 22  LYS A CA  1 
ATOM   162  C  C   . LYS A 1 21  ? -5.812  -19.835 8.091   1.00 20.71 ? 22  LYS A C   1 
ATOM   163  O  O   . LYS A 1 21  ? -5.796  -20.180 9.274   1.00 18.28 ? 22  LYS A O   1 
ATOM   164  C  CB  . LYS A 1 21  ? -7.319  -20.961 6.421   1.00 23.18 ? 22  LYS A CB  1 
ATOM   165  C  CG  . LYS A 1 21  ? -7.479  -22.263 7.196   1.00 28.18 ? 22  LYS A CG  1 
ATOM   166  C  CD  . LYS A 1 21  ? -7.829  -23.436 6.285   1.00 30.28 ? 22  LYS A CD  1 
ATOM   167  C  CE  . LYS A 1 21  ? -6.663  -23.833 5.398   1.00 33.95 ? 22  LYS A CE  1 
ATOM   168  N  NZ  . LYS A 1 21  ? -7.004  -25.022 4.568   1.00 35.77 ? 22  LYS A NZ  1 
ATOM   169  N  N   . LYS A 1 22  ? -4.707  -19.524 7.420   1.00 19.68 ? 23  LYS A N   1 
ATOM   170  C  CA  . LYS A 1 22  ? -3.398  -19.572 8.063   1.00 19.33 ? 23  LYS A CA  1 
ATOM   171  C  C   . LYS A 1 22  ? -3.326  -18.543 9.196   1.00 20.08 ? 23  LYS A C   1 
ATOM   172  O  O   . LYS A 1 22  ? -2.859  -18.842 10.294  1.00 19.68 ? 23  LYS A O   1 
ATOM   173  C  CB  . LYS A 1 22  ? -2.294  -19.295 7.035   1.00 21.03 ? 23  LYS A CB  1 
ATOM   174  C  CG  . LYS A 1 22  ? -0.869  -19.297 7.601   1.00 20.12 ? 23  LYS A CG  1 
ATOM   175  C  CD  . LYS A 1 22  ? 0.158   -19.064 6.483   1.00 21.92 ? 23  LYS A CD  1 
ATOM   176  C  CE  . LYS A 1 22  ? 1.578   -18.935 7.019   1.00 22.22 ? 23  LYS A CE  1 
ATOM   177  N  NZ  . LYS A 1 22  ? 2.030   -20.160 7.730   1.00 20.84 ? 23  LYS A NZ  1 
ATOM   178  N  N   . PHE A 1 23  ? -3.792  -17.328 8.919   1.00 19.52 ? 24  PHE A N   1 
ATOM   179  C  CA  . PHE A 1 23  ? -3.779  -16.254 9.907   1.00 19.12 ? 24  PHE A CA  1 
ATOM   180  C  C   . PHE A 1 23  ? -4.589  -16.610 11.151  1.00 20.06 ? 24  PHE A C   1 
ATOM   181  O  O   . PHE A 1 23  ? -4.086  -16.530 12.280  1.00 17.27 ? 24  PHE A O   1 
ATOM   182  C  CB  . PHE A 1 23  ? -4.329  -14.965 9.279   1.00 19.57 ? 24  PHE A CB  1 
ATOM   183  C  CG  . PHE A 1 23  ? -4.722  -13.906 10.285  1.00 20.37 ? 24  PHE A CG  1 
ATOM   184  C  CD1 . PHE A 1 23  ? -3.787  -13.370 11.163  1.00 22.05 ? 24  PHE A CD1 1 
ATOM   185  C  CD2 . PHE A 1 23  ? -6.028  -13.432 10.335  1.00 20.98 ? 24  PHE A CD2 1 
ATOM   186  C  CE1 . PHE A 1 23  ? -4.146  -12.374 12.076  1.00 22.11 ? 24  PHE A CE1 1 
ATOM   187  C  CE2 . PHE A 1 23  ? -6.398  -12.431 11.245  1.00 20.99 ? 24  PHE A CE2 1 
ATOM   188  C  CZ  . PHE A 1 23  ? -5.455  -11.904 12.113  1.00 19.13 ? 24  PHE A CZ  1 
ATOM   189  N  N   . MET A 1 24  ? -5.840  -17.010 10.942  1.00 20.01 ? 25  MET A N   1 
ATOM   190  C  CA  . MET A 1 24  ? -6.721  -17.348 12.054  1.00 24.61 ? 25  MET A CA  1 
ATOM   191  C  C   . MET A 1 24  ? -6.250  -18.563 12.848  1.00 26.08 ? 25  MET A C   1 
ATOM   192  O  O   . MET A 1 24  ? -6.507  -18.660 14.048  1.00 25.95 ? 25  MET A O   1 
ATOM   193  C  CB  . MET A 1 24  ? -8.146  -17.564 11.547  1.00 24.27 ? 25  MET A CB  1 
ATOM   194  C  CG  . MET A 1 24  ? -8.756  -16.323 10.925  1.00 29.17 ? 25  MET A CG  1 
ATOM   195  S  SD  . MET A 1 24  ? -8.828  -14.927 12.079  1.00 36.30 ? 25  MET A SD  1 
ATOM   196  C  CE  . MET A 1 24  ? -10.552 -14.981 12.580  1.00 32.55 ? 25  MET A CE  1 
ATOM   197  N  N   . THR A 1 25  ? -5.561  -19.487 12.187  1.00 27.19 ? 26  THR A N   1 
ATOM   198  C  CA  . THR A 1 25  ? -5.054  -20.673 12.872  1.00 29.50 ? 26  THR A CA  1 
ATOM   199  C  C   . THR A 1 25  ? -3.827  -20.325 13.716  1.00 29.79 ? 26  THR A C   1 
ATOM   200  O  O   . THR A 1 25  ? -3.643  -20.861 14.809  1.00 31.64 ? 26  THR A O   1 
ATOM   201  C  CB  . THR A 1 25  ? -4.662  -21.787 11.870  1.00 29.22 ? 26  THR A CB  1 
ATOM   202  O  OG1 . THR A 1 25  ? -5.834  -22.262 11.198  1.00 28.70 ? 26  THR A OG1 1 
ATOM   203  C  CG2 . THR A 1 25  ? -3.992  -22.948 12.592  1.00 30.96 ? 26  THR A CG2 1 
ATOM   204  N  N   . GLU A 1 26  ? -2.996  -19.421 13.210  1.00 28.89 ? 27  GLU A N   1 
ATOM   205  C  CA  . GLU A 1 26  ? -1.785  -19.023 13.915  1.00 28.82 ? 27  GLU A CA  1 
ATOM   206  C  C   . GLU A 1 26  ? -1.988  -17.858 14.881  1.00 29.74 ? 27  GLU A C   1 
ATOM   207  O  O   . GLU A 1 26  ? -1.232  -17.700 15.839  1.00 28.39 ? 27  GLU A O   1 
ATOM   208  C  CB  . GLU A 1 26  ? -0.686  -18.678 12.904  1.00 28.93 ? 27  GLU A CB  1 
ATOM   209  C  CG  . GLU A 1 26  ? -0.014  -19.907 12.309  1.00 30.95 ? 27  GLU A CG  1 
ATOM   210  C  CD  . GLU A 1 26  ? 0.967   -19.566 11.206  1.00 31.35 ? 27  GLU A CD  1 
ATOM   211  O  OE1 . GLU A 1 26  ? 1.730   -18.591 11.369  1.00 30.48 ? 27  GLU A OE1 1 
ATOM   212  O  OE2 . GLU A 1 26  ? 0.975   -20.282 10.179  1.00 30.43 ? 27  GLU A OE2 1 
ATOM   213  N  N   . CYS A 1 27  ? -3.006  -17.047 14.625  1.00 28.23 ? 28  CYS A N   1 
ATOM   214  C  CA  . CYS A 1 27  ? -3.307  -15.905 15.474  1.00 29.19 ? 28  CYS A CA  1 
ATOM   215  C  C   . CYS A 1 27  ? -4.755  -16.030 15.933  1.00 30.13 ? 28  CYS A C   1 
ATOM   216  O  O   . CYS A 1 27  ? -5.640  -15.337 15.428  1.00 29.26 ? 28  CYS A O   1 
ATOM   217  C  CB  . CYS A 1 27  ? -3.134  -14.600 14.698  1.00 30.00 ? 28  CYS A CB  1 
ATOM   218  S  SG  . CYS A 1 27  ? -1.544  -14.404 13.827  1.00 29.63 ? 28  CYS A SG  1 
ATOM   219  N  N   . PRO A 1 28  ? -5.017  -16.929 16.894  1.00 30.72 ? 29  PRO A N   1 
ATOM   220  C  CA  . PRO A 1 28  ? -6.377  -17.120 17.399  1.00 29.78 ? 29  PRO A CA  1 
ATOM   221  C  C   . PRO A 1 28  ? -7.007  -15.837 17.940  1.00 28.41 ? 29  PRO A C   1 
ATOM   222  O  O   . PRO A 1 28  ? -8.228  -15.702 17.951  1.00 28.62 ? 29  PRO A O   1 
ATOM   223  C  CB  . PRO A 1 28  ? -6.203  -18.205 18.467  1.00 31.70 ? 29  PRO A CB  1 
ATOM   224  C  CG  . PRO A 1 28  ? -4.783  -18.009 18.932  1.00 32.93 ? 29  PRO A CG  1 
ATOM   225  C  CD  . PRO A 1 28  ? -4.053  -17.760 17.638  1.00 30.58 ? 29  PRO A CD  1 
ATOM   226  N  N   . SER A 1 29  ? -6.179  -14.888 18.367  1.00 27.89 ? 30  SER A N   1 
ATOM   227  C  CA  . SER A 1 29  ? -6.695  -13.624 18.890  1.00 28.25 ? 30  SER A CA  1 
ATOM   228  C  C   . SER A 1 29  ? -7.272  -12.769 17.767  1.00 27.54 ? 30  SER A C   1 
ATOM   229  O  O   . SER A 1 29  ? -7.929  -11.761 18.022  1.00 27.09 ? 30  SER A O   1 
ATOM   230  C  CB  . SER A 1 29  ? -5.589  -12.835 19.592  1.00 29.49 ? 30  SER A CB  1 
ATOM   231  O  OG  . SER A 1 29  ? -4.665  -12.306 18.655  1.00 31.49 ? 30  SER A OG  1 
ATOM   232  N  N   . GLY A 1 30  ? -7.015  -13.170 16.523  1.00 25.22 ? 31  GLY A N   1 
ATOM   233  C  CA  . GLY A 1 30  ? -7.513  -12.420 15.382  1.00 24.31 ? 31  GLY A CA  1 
ATOM   234  C  C   . GLY A 1 30  ? -6.770  -11.115 15.172  1.00 25.33 ? 31  GLY A C   1 
ATOM   235  O  O   . GLY A 1 30  ? -7.262  -10.213 14.489  1.00 24.83 ? 31  GLY A O   1 
ATOM   236  N  N   . GLN A 1 31  ? -5.579  -11.014 15.758  1.00 24.11 ? 32  GLN A N   1 
ATOM   237  C  CA  . GLN A 1 31  ? -4.759  -9.813  15.645  1.00 23.53 ? 32  GLN A CA  1 
ATOM   238  C  C   . GLN A 1 31  ? -3.285  -10.136 15.460  1.00 20.64 ? 32  GLN A C   1 
ATOM   239  O  O   . GLN A 1 31  ? -2.809  -11.189 15.874  1.00 20.13 ? 32  GLN A O   1 
ATOM   240  C  CB  . GLN A 1 31  ? -4.860  -8.959  16.910  1.00 26.12 ? 32  GLN A CB  1 
ATOM   241  C  CG  . GLN A 1 31  ? -6.242  -8.552  17.343  1.00 29.94 ? 32  GLN A CG  1 
ATOM   242  C  CD  . GLN A 1 31  ? -6.193  -7.741  18.624  1.00 30.99 ? 32  GLN A CD  1 
ATOM   243  O  OE1 . GLN A 1 31  ? -5.650  -8.193  19.635  1.00 30.96 ? 32  GLN A OE1 1 
ATOM   244  N  NE2 . GLN A 1 31  ? -6.751  -6.536  18.587  1.00 32.71 ? 32  GLN A NE2 1 
ATOM   245  N  N   . LEU A 1 32  ? -2.569  -9.199  14.855  1.00 19.46 ? 33  LEU A N   1 
ATOM   246  C  CA  . LEU A 1 32  ? -1.132  -9.322  14.643  1.00 18.47 ? 33  LEU A CA  1 
ATOM   247  C  C   . LEU A 1 32  ? -0.458  -8.024  15.092  1.00 18.45 ? 33  LEU A C   1 
ATOM   248  O  O   . LEU A 1 32  ? -0.865  -6.933  14.673  1.00 13.95 ? 33  LEU A O   1 
ATOM   249  C  CB  . LEU A 1 32  ? -0.817  -9.536  13.155  1.00 20.52 ? 33  LEU A CB  1 
ATOM   250  C  CG  . LEU A 1 32  ? -0.964  -10.908 12.489  1.00 20.61 ? 33  LEU A CG  1 
ATOM   251  C  CD1 . LEU A 1 32  ? -1.240  -10.735 11.005  1.00 24.25 ? 33  LEU A CD1 1 
ATOM   252  C  CD2 . LEU A 1 32  ? 0.305   -11.704 12.693  1.00 22.80 ? 33  LEU A CD2 1 
ATOM   253  N  N   . THR A 1 33  ? 0.549   -8.126  15.958  1.00 17.30 ? 34  THR A N   1 
ATOM   254  C  CA  . THR A 1 33  ? 1.287   -6.928  16.348  1.00 15.40 ? 34  THR A CA  1 
ATOM   255  C  C   . THR A 1 33  ? 2.306   -6.849  15.212  1.00 16.55 ? 34  THR A C   1 
ATOM   256  O  O   . THR A 1 33  ? 2.350   -7.748  14.365  1.00 16.28 ? 34  THR A O   1 
ATOM   257  C  CB  . THR A 1 33  ? 2.057   -7.098  17.683  1.00 16.53 ? 34  THR A CB  1 
ATOM   258  O  OG1 . THR A 1 33  ? 3.064   -8.101  17.523  1.00 15.04 ? 34  THR A OG1 1 
ATOM   259  C  CG2 . THR A 1 33  ? 1.113   -7.508  18.815  1.00 13.64 ? 34  THR A CG2 1 
ATOM   260  N  N   . LEU A 1 34  ? 3.123   -5.802  15.178  1.00 17.61 ? 35  LEU A N   1 
ATOM   261  C  CA  . LEU A 1 34  ? 4.120   -5.684  14.117  1.00 17.28 ? 35  LEU A CA  1 
ATOM   262  C  C   . LEU A 1 34  ? 5.124   -6.837  14.173  1.00 18.04 ? 35  LEU A C   1 
ATOM   263  O  O   . LEU A 1 34  ? 5.530   -7.373  13.133  1.00 17.31 ? 35  LEU A O   1 
ATOM   264  C  CB  . LEU A 1 34  ? 4.862   -4.352  14.224  1.00 16.35 ? 35  LEU A CB  1 
ATOM   265  C  CG  . LEU A 1 34  ? 6.064   -4.149  13.297  1.00 17.12 ? 35  LEU A CG  1 
ATOM   266  C  CD1 . LEU A 1 34  ? 5.640   -4.316  11.839  1.00 17.25 ? 35  LEU A CD1 1 
ATOM   267  C  CD2 . LEU A 1 34  ? 6.649   -2.760  13.528  1.00 17.31 ? 35  LEU A CD2 1 
ATOM   268  N  N   . TYR A 1 35  ? 5.529   -7.213  15.384  1.00 16.43 ? 36  TYR A N   1 
ATOM   269  C  CA  . TYR A 1 35  ? 6.474   -8.315  15.541  1.00 16.70 ? 36  TYR A CA  1 
ATOM   270  C  C   . TYR A 1 35  ? 5.899   -9.612  14.975  1.00 14.97 ? 36  TYR A C   1 
ATOM   271  O  O   . TYR A 1 35  ? 6.582   -10.339 14.257  1.00 13.06 ? 36  TYR A O   1 
ATOM   272  C  CB  . TYR A 1 35  ? 6.827   -8.543  17.013  1.00 16.22 ? 36  TYR A CB  1 
ATOM   273  C  CG  . TYR A 1 35  ? 7.950   -9.541  17.177  1.00 21.04 ? 36  TYR A CG  1 
ATOM   274  C  CD1 . TYR A 1 35  ? 9.220   -9.270  16.656  1.00 21.35 ? 36  TYR A CD1 1 
ATOM   275  C  CD2 . TYR A 1 35  ? 7.742   -10.773 17.802  1.00 22.83 ? 36  TYR A CD2 1 
ATOM   276  C  CE1 . TYR A 1 35  ? 10.251  -10.194 16.745  1.00 23.93 ? 36  TYR A CE1 1 
ATOM   277  C  CE2 . TYR A 1 35  ? 8.779   -11.715 17.898  1.00 24.42 ? 36  TYR A CE2 1 
ATOM   278  C  CZ  . TYR A 1 35  ? 10.027  -11.412 17.363  1.00 25.49 ? 36  TYR A CZ  1 
ATOM   279  O  OH  . TYR A 1 35  ? 11.061  -12.319 17.433  1.00 28.82 ? 36  TYR A OH  1 
ATOM   280  N  N   . GLU A 1 36  ? 4.645   -9.902  15.315  1.00 15.13 ? 37  GLU A N   1 
ATOM   281  C  CA  . GLU A 1 36  ? 3.984   -11.116 14.835  1.00 16.98 ? 37  GLU A CA  1 
ATOM   282  C  C   . GLU A 1 36  ? 3.784   -11.075 13.319  1.00 17.28 ? 37  GLU A C   1 
ATOM   283  O  O   . GLU A 1 36  ? 3.831   -12.111 12.649  1.00 16.50 ? 37  GLU A O   1 
ATOM   284  C  CB  . GLU A 1 36  ? 2.649   -11.289 15.556  1.00 16.53 ? 37  GLU A CB  1 
ATOM   285  C  CG  . GLU A 1 36  ? 2.823   -11.561 17.051  1.00 17.10 ? 37  GLU A CG  1 
ATOM   286  C  CD  . GLU A 1 36  ? 1.554   -11.356 17.845  1.00 17.48 ? 37  GLU A CD  1 
ATOM   287  O  OE1 . GLU A 1 36  ? 1.563   -11.648 19.059  1.00 16.78 ? 37  GLU A OE1 1 
ATOM   288  O  OE2 . GLU A 1 36  ? 0.548   -10.899 17.263  1.00 18.99 ? 37  GLU A OE2 1 
ATOM   289  N  N   . PHE A 1 37  ? 3.559   -9.872  12.795  1.00 17.22 ? 38  PHE A N   1 
ATOM   290  C  CA  . PHE A 1 37  ? 3.382   -9.641  11.357  1.00 17.46 ? 38  PHE A CA  1 
ATOM   291  C  C   . PHE A 1 37  ? 4.675   -10.074 10.643  1.00 17.06 ? 38  PHE A C   1 
ATOM   292  O  O   . PHE A 1 37  ? 4.636   -10.761 9.619   1.00 17.08 ? 38  PHE A O   1 
ATOM   293  C  CB  . PHE A 1 37  ? 3.076   -8.146  11.130  1.00 18.36 ? 38  PHE A CB  1 
ATOM   294  C  CG  . PHE A 1 37  ? 3.041   -7.721  9.677   1.00 18.64 ? 38  PHE A CG  1 
ATOM   295  C  CD1 . PHE A 1 37  ? 4.208   -7.355  9.011   1.00 21.01 ? 38  PHE A CD1 1 
ATOM   296  C  CD2 . PHE A 1 37  ? 1.833   -7.650  8.989   1.00 19.83 ? 38  PHE A CD2 1 
ATOM   297  C  CE1 . PHE A 1 37  ? 4.174   -6.921  7.683   1.00 21.47 ? 38  PHE A CE1 1 
ATOM   298  C  CE2 . PHE A 1 37  ? 1.787   -7.217  7.658   1.00 19.14 ? 38  PHE A CE2 1 
ATOM   299  C  CZ  . PHE A 1 37  ? 2.962   -6.852  7.006   1.00 20.94 ? 38  PHE A CZ  1 
ATOM   300  N  N   . LYS A 1 38  ? 5.816   -9.693  11.209  1.00 19.13 ? 39  LYS A N   1 
ATOM   301  C  CA  . LYS A 1 38  ? 7.118   -10.049 10.645  1.00 18.84 ? 39  LYS A CA  1 
ATOM   302  C  C   . LYS A 1 38  ? 7.334   -11.562 10.676  1.00 18.75 ? 39  LYS A C   1 
ATOM   303  O  O   . LYS A 1 38  ? 7.815   -12.158 9.710   1.00 18.20 ? 39  LYS A O   1 
ATOM   304  C  CB  . LYS A 1 38  ? 8.242   -9.352  11.426  1.00 19.90 ? 39  LYS A CB  1 
ATOM   305  C  CG  . LYS A 1 38  ? 8.280   -7.842  11.260  1.00 19.37 ? 39  LYS A CG  1 
ATOM   306  C  CD  . LYS A 1 38  ? 9.349   -7.214  12.150  1.00 19.52 ? 39  LYS A CD  1 
ATOM   307  C  CE  . LYS A 1 38  ? 9.328   -5.696  12.059  1.00 19.14 ? 39  LYS A CE  1 
ATOM   308  N  NZ  . LYS A 1 38  ? 10.219  -5.059  13.074  1.00 17.04 ? 39  LYS A NZ  1 
ATOM   309  N  N   . GLN A 1 39  ? 6.983   -12.182 11.795  1.00 19.45 ? 40  GLN A N   1 
ATOM   310  C  CA  . GLN A 1 39  ? 7.128   -13.625 11.928  1.00 20.91 ? 40  GLN A CA  1 
ATOM   311  C  C   . GLN A 1 39  ? 6.241   -14.358 10.928  1.00 20.44 ? 40  GLN A C   1 
ATOM   312  O  O   . GLN A 1 39  ? 6.692   -15.267 10.233  1.00 20.65 ? 40  GLN A O   1 
ATOM   313  C  CB  . GLN A 1 39  ? 6.760   -14.067 13.346  1.00 21.15 ? 40  GLN A CB  1 
ATOM   314  C  CG  . GLN A 1 39  ? 7.818   -13.752 14.385  1.00 24.20 ? 40  GLN A CG  1 
ATOM   315  C  CD  . GLN A 1 39  ? 7.397   -14.169 15.783  1.00 26.55 ? 40  GLN A CD  1 
ATOM   316  O  OE1 . GLN A 1 39  ? 8.197   -14.707 16.552  1.00 28.72 ? 40  GLN A OE1 1 
ATOM   317  N  NE2 . GLN A 1 39  ? 6.139   -13.914 16.121  1.00 24.95 ? 40  GLN A NE2 1 
ATOM   318  N  N   . PHE A 1 40  ? 4.976   -13.953 10.866  1.00 18.80 ? 41  PHE A N   1 
ATOM   319  C  CA  . PHE A 1 40  ? 3.997   -14.565 9.981   1.00 18.54 ? 41  PHE A CA  1 
ATOM   320  C  C   . PHE A 1 40  ? 4.415   -14.512 8.514   1.00 20.36 ? 41  PHE A C   1 
ATOM   321  O  O   . PHE A 1 40  ? 4.292   -15.499 7.791   1.00 19.57 ? 41  PHE A O   1 
ATOM   322  C  CB  . PHE A 1 40  ? 2.642   -13.865 10.152  1.00 20.20 ? 41  PHE A CB  1 
ATOM   323  C  CG  . PHE A 1 40  ? 1.486   -14.581 9.494   1.00 19.99 ? 41  PHE A CG  1 
ATOM   324  C  CD1 . PHE A 1 40  ? 0.973   -15.751 10.042  1.00 18.24 ? 41  PHE A CD1 1 
ATOM   325  C  CD2 . PHE A 1 40  ? 0.894   -14.064 8.339   1.00 20.41 ? 41  PHE A CD2 1 
ATOM   326  C  CE1 . PHE A 1 40  ? -0.122  -16.404 9.452   1.00 18.40 ? 41  PHE A CE1 1 
ATOM   327  C  CE2 . PHE A 1 40  ? -0.198  -14.707 7.741   1.00 20.58 ? 41  PHE A CE2 1 
ATOM   328  C  CZ  . PHE A 1 40  ? -0.707  -15.879 8.301   1.00 17.20 ? 41  PHE A CZ  1 
ATOM   329  N  N   . PHE A 1 41  ? 4.912   -13.360 8.076   1.00 19.29 ? 42  PHE A N   1 
ATOM   330  C  CA  . PHE A 1 41  ? 5.311   -13.192 6.685   1.00 20.28 ? 42  PHE A CA  1 
ATOM   331  C  C   . PHE A 1 41  ? 6.798   -13.411 6.393   1.00 20.10 ? 42  PHE A C   1 
ATOM   332  O  O   . PHE A 1 41  ? 7.242   -13.219 5.261   1.00 22.29 ? 42  PHE A O   1 
ATOM   333  C  CB  . PHE A 1 41  ? 4.883   -11.805 6.200   1.00 18.41 ? 42  PHE A CB  1 
ATOM   334  C  CG  . PHE A 1 41  ? 3.391   -11.640 6.081   1.00 20.18 ? 42  PHE A CG  1 
ATOM   335  C  CD1 . PHE A 1 41  ? 2.672   -12.354 5.124   1.00 21.80 ? 42  PHE A CD1 1 
ATOM   336  C  CD2 . PHE A 1 41  ? 2.701   -10.778 6.929   1.00 18.20 ? 42  PHE A CD2 1 
ATOM   337  C  CE1 . PHE A 1 41  ? 1.294   -12.213 5.012   1.00 20.28 ? 42  PHE A CE1 1 
ATOM   338  C  CE2 . PHE A 1 41  ? 1.321   -10.629 6.827   1.00 18.27 ? 42  PHE A CE2 1 
ATOM   339  C  CZ  . PHE A 1 41  ? 0.614   -11.345 5.869   1.00 21.06 ? 42  PHE A CZ  1 
ATOM   340  N  N   . GLY A 1 42  ? 7.555   -13.823 7.402   1.00 19.72 ? 43  GLY A N   1 
ATOM   341  C  CA  . GLY A 1 42  ? 8.977   -14.058 7.214   1.00 20.75 ? 43  GLY A CA  1 
ATOM   342  C  C   . GLY A 1 42  ? 9.723   -12.781 6.895   1.00 21.28 ? 43  GLY A C   1 
ATOM   343  O  O   . GLY A 1 42  ? 10.583  -12.755 6.013   1.00 22.09 ? 43  GLY A O   1 
ATOM   344  N  N   . LEU A 1 43  ? 9.408   -11.721 7.634   1.00 23.71 ? 44  LEU A N   1 
ATOM   345  C  CA  . LEU A 1 43  ? 10.019  -10.410 7.427   1.00 23.03 ? 44  LEU A CA  1 
ATOM   346  C  C   . LEU A 1 43  ? 10.914  -9.903  8.555   1.00 24.54 ? 44  LEU A C   1 
ATOM   347  O  O   . LEU A 1 43  ? 11.082  -8.691  8.715   1.00 21.61 ? 44  LEU A O   1 
ATOM   348  C  CB  . LEU A 1 43  ? 8.917   -9.376  7.165   1.00 25.37 ? 44  LEU A CB  1 
ATOM   349  C  CG  . LEU A 1 43  ? 8.314   -9.249  5.759   1.00 27.75 ? 44  LEU A CG  1 
ATOM   350  C  CD1 . LEU A 1 43  ? 8.172   -10.597 5.103   1.00 28.99 ? 44  LEU A CD1 1 
ATOM   351  C  CD2 . LEU A 1 43  ? 6.968   -8.543  5.859   1.00 28.36 ? 44  LEU A CD2 1 
ATOM   352  N  N   . LYS A 1 44  ? 11.492  -10.795 9.354   1.00 24.90 ? 45  LYS A N   1 
ATOM   353  C  CA  . LYS A 1 44  ? 12.355  -10.296 10.410  1.00 26.28 ? 45  LYS A CA  1 
ATOM   354  C  C   . LYS A 1 44  ? 13.824  -10.287 10.002  1.00 27.35 ? 45  LYS A C   1 
ATOM   355  O  O   . LYS A 1 44  ? 14.189  -10.799 8.938   1.00 24.97 ? 45  LYS A O   1 
ATOM   356  C  CB  . LYS A 1 44  ? 12.143  -11.074 11.716  1.00 31.18 ? 45  LYS A CB  1 
ATOM   357  C  CG  . LYS A 1 44  ? 12.016  -12.573 11.586  1.00 33.54 ? 45  LYS A CG  1 
ATOM   358  C  CD  . LYS A 1 44  ? 11.615  -13.192 12.928  1.00 34.95 ? 45  LYS A CD  1 
ATOM   359  C  CE  . LYS A 1 44  ? 12.650  -12.901 14.010  1.00 36.22 ? 45  LYS A CE  1 
ATOM   360  N  NZ  . LYS A 1 44  ? 12.322  -13.555 15.304  1.00 34.70 ? 45  LYS A NZ  1 
ATOM   361  N  N   . ASN A 1 45  ? 14.651  -9.663  10.834  1.00 25.47 ? 46  ASN A N   1 
ATOM   362  C  CA  . ASN A 1 45  ? 16.081  -9.561  10.586  1.00 27.01 ? 46  ASN A CA  1 
ATOM   363  C  C   . ASN A 1 45  ? 16.404  -8.898  9.260   1.00 28.02 ? 46  ASN A C   1 
ATOM   364  O  O   . ASN A 1 45  ? 17.370  -9.267  8.592   1.00 27.18 ? 46  ASN A O   1 
ATOM   365  C  CB  . ASN A 1 45  ? 16.721  -10.947 10.649  1.00 27.82 ? 46  ASN A CB  1 
ATOM   366  C  CG  . ASN A 1 45  ? 16.587  -11.570 12.016  1.00 27.65 ? 46  ASN A CG  1 
ATOM   367  O  OD1 . ASN A 1 45  ? 17.032  -10.995 13.008  1.00 28.60 ? 46  ASN A OD1 1 
ATOM   368  N  ND2 . ASN A 1 45  ? 15.963  -12.738 12.081  1.00 25.01 ? 46  ASN A ND2 1 
ATOM   369  N  N   . LEU A 1 46  ? 15.590  -7.914  8.889   1.00 27.09 ? 47  LEU A N   1 
ATOM   370  C  CA  . LEU A 1 46  ? 15.793  -7.176  7.649   1.00 27.75 ? 47  LEU A CA  1 
ATOM   371  C  C   . LEU A 1 46  ? 16.741  -6.018  7.925   1.00 27.97 ? 47  LEU A C   1 
ATOM   372  O  O   . LEU A 1 46  ? 16.980  -5.666  9.081   1.00 27.01 ? 47  LEU A O   1 
ATOM   373  C  CB  . LEU A 1 46  ? 14.459  -6.626  7.136   1.00 27.15 ? 47  LEU A CB  1 
ATOM   374  C  CG  . LEU A 1 46  ? 13.430  -7.642  6.634   1.00 28.90 ? 47  LEU A CG  1 
ATOM   375  C  CD1 . LEU A 1 46  ? 12.129  -6.929  6.313   1.00 26.65 ? 47  LEU A CD1 1 
ATOM   376  C  CD2 . LEU A 1 46  ? 13.967  -8.362  5.403   1.00 25.96 ? 47  LEU A CD2 1 
ATOM   377  N  N   . SER A 1 47  ? 17.280  -5.430  6.862   1.00 29.58 ? 48  SER A N   1 
ATOM   378  C  CA  . SER A 1 47  ? 18.187  -4.295  7.001   1.00 31.24 ? 48  SER A CA  1 
ATOM   379  C  C   . SER A 1 47  ? 17.412  -3.145  7.642   1.00 30.50 ? 48  SER A C   1 
ATOM   380  O  O   . SER A 1 47  ? 16.184  -3.165  7.679   1.00 30.78 ? 48  SER A O   1 
ATOM   381  C  CB  . SER A 1 47  ? 18.706  -3.859  5.628   1.00 31.54 ? 48  SER A CB  1 
ATOM   382  O  OG  . SER A 1 47  ? 17.665  -3.286  4.852   1.00 31.38 ? 48  SER A OG  1 
ATOM   383  N  N   . PRO A 1 48  ? 18.119  -2.122  8.150   1.00 31.51 ? 49  PRO A N   1 
ATOM   384  C  CA  . PRO A 1 48  ? 17.444  -0.985  8.782   1.00 30.04 ? 49  PRO A CA  1 
ATOM   385  C  C   . PRO A 1 48  ? 16.394  -0.339  7.882   1.00 29.76 ? 49  PRO A C   1 
ATOM   386  O  O   . PRO A 1 48  ? 15.284  -0.037  8.325   1.00 27.28 ? 49  PRO A O   1 
ATOM   387  C  CB  . PRO A 1 48  ? 18.596  -0.035  9.096   1.00 31.96 ? 49  PRO A CB  1 
ATOM   388  C  CG  . PRO A 1 48  ? 19.737  -0.969  9.346   1.00 31.04 ? 49  PRO A CG  1 
ATOM   389  C  CD  . PRO A 1 48  ? 19.583  -1.967  8.224   1.00 32.07 ? 49  PRO A CD  1 
ATOM   390  N  N   . SER A 1 49  ? 16.750  -0.132  6.617   1.00 28.69 ? 50  SER A N   1 
ATOM   391  C  CA  . SER A 1 49  ? 15.842  0.495   5.664   1.00 28.63 ? 50  SER A CA  1 
ATOM   392  C  C   . SER A 1 49  ? 14.631  -0.373  5.355   1.00 27.57 ? 50  SER A C   1 
ATOM   393  O  O   . SER A 1 49  ? 13.496  0.102   5.402   1.00 28.69 ? 50  SER A O   1 
ATOM   394  C  CB  . SER A 1 49  ? 16.576  0.827   4.360   1.00 29.23 ? 50  SER A CB  1 
ATOM   395  O  OG  . SER A 1 49  ? 15.687  1.401   3.414   1.00 29.17 ? 50  SER A OG  1 
ATOM   396  N  N   . ALA A 1 50  ? 14.874  -1.640  5.028   1.00 25.64 ? 51  ALA A N   1 
ATOM   397  C  CA  . ALA A 1 50  ? 13.788  -2.565  4.715   1.00 24.59 ? 51  ALA A CA  1 
ATOM   398  C  C   . ALA A 1 50  ? 12.893  -2.752  5.937   1.00 25.17 ? 51  ALA A C   1 
ATOM   399  O  O   . ALA A 1 50  ? 11.669  -2.816  5.824   1.00 24.54 ? 51  ALA A O   1 
ATOM   400  C  CB  . ALA A 1 50  ? 14.355  -3.913  4.257   1.00 23.37 ? 51  ALA A CB  1 
ATOM   401  N  N   . ASN A 1 51  ? 13.513  -2.840  7.109   1.00 25.37 ? 52  ASN A N   1 
ATOM   402  C  CA  . ASN A 1 51  ? 12.770  -3.001  8.344   1.00 25.35 ? 52  ASN A CA  1 
ATOM   403  C  C   . ASN A 1 51  ? 11.866  -1.790  8.548   1.00 25.81 ? 52  ASN A C   1 
ATOM   404  O  O   . ASN A 1 51  ? 10.705  -1.926  8.935   1.00 25.14 ? 52  ASN A O   1 
ATOM   405  C  CB  . ASN A 1 51  ? 13.721  -3.125  9.538   1.00 25.61 ? 52  ASN A CB  1 
ATOM   406  C  CG  . ASN A 1 51  ? 12.986  -3.405  10.829  1.00 27.01 ? 52  ASN A CG  1 
ATOM   407  O  OD1 . ASN A 1 51  ? 12.409  -4.477  11.007  1.00 26.45 ? 52  ASN A OD1 1 
ATOM   408  N  ND2 . ASN A 1 51  ? 12.988  -2.434  11.735  1.00 26.31 ? 52  ASN A ND2 1 
ATOM   409  N  N   . LYS A 1 52  ? 12.407  -0.603  8.288   1.00 24.98 ? 53  LYS A N   1 
ATOM   410  C  CA  . LYS A 1 52  ? 11.641  0.627   8.448   1.00 24.80 ? 53  LYS A CA  1 
ATOM   411  C  C   . LYS A 1 52  ? 10.437  0.634   7.510   1.00 22.57 ? 53  LYS A C   1 
ATOM   412  O  O   . LYS A 1 52  ? 9.351   1.077   7.877   1.00 23.25 ? 53  LYS A O   1 
ATOM   413  C  CB  . LYS A 1 52  ? 12.523  1.847   8.161   1.00 27.03 ? 53  LYS A CB  1 
ATOM   414  C  CG  . LYS A 1 52  ? 11.846  3.166   8.493   1.00 29.81 ? 53  LYS A CG  1 
ATOM   415  C  CD  . LYS A 1 52  ? 11.511  3.240   9.979   1.00 33.45 ? 53  LYS A CD  1 
ATOM   416  C  CE  . LYS A 1 52  ? 10.487  4.327   10.276  1.00 34.30 ? 53  LYS A CE  1 
ATOM   417  N  NZ  . LYS A 1 52  ? 10.946  5.681   9.850   1.00 37.69 ? 53  LYS A NZ  1 
ATOM   418  N  N   . TYR A 1 53  ? 10.647  0.146   6.293   1.00 21.87 ? 54  TYR A N   1 
ATOM   419  C  CA  . TYR A 1 53  ? 9.591   0.069   5.290   1.00 21.19 ? 54  TYR A CA  1 
ATOM   420  C  C   . TYR A 1 53  ? 8.501   -0.885  5.767   1.00 19.76 ? 54  TYR A C   1 
ATOM   421  O  O   . TYR A 1 53  ? 7.316   -0.602  5.636   1.00 19.96 ? 54  TYR A O   1 
ATOM   422  C  CB  . TYR A 1 53  ? 10.174  -0.428  3.967   1.00 20.42 ? 54  TYR A CB  1 
ATOM   423  C  CG  . TYR A 1 53  ? 9.144   -0.791  2.928   1.00 21.21 ? 54  TYR A CG  1 
ATOM   424  C  CD1 . TYR A 1 53  ? 9.136   -2.060  2.357   1.00 22.48 ? 54  TYR A CD1 1 
ATOM   425  C  CD2 . TYR A 1 53  ? 8.197   0.138   2.489   1.00 21.51 ? 54  TYR A CD2 1 
ATOM   426  C  CE1 . TYR A 1 53  ? 8.217   -2.401  1.373   1.00 24.42 ? 54  TYR A CE1 1 
ATOM   427  C  CE2 . TYR A 1 53  ? 7.268   -0.192  1.502   1.00 20.28 ? 54  TYR A CE2 1 
ATOM   428  C  CZ  . TYR A 1 53  ? 7.289   -1.468  0.948   1.00 23.41 ? 54  TYR A CZ  1 
ATOM   429  O  OH  . TYR A 1 53  ? 6.408   -1.819  -0.043  1.00 21.96 ? 54  TYR A OH  1 
ATOM   430  N  N   . VAL A 1 54  ? 8.912   -2.025  6.312   1.00 19.32 ? 55  VAL A N   1 
ATOM   431  C  CA  . VAL A 1 54  ? 7.960   -3.009  6.820   1.00 19.10 ? 55  VAL A CA  1 
ATOM   432  C  C   . VAL A 1 54  ? 7.081   -2.376  7.900   1.00 19.12 ? 55  VAL A C   1 
ATOM   433  O  O   . VAL A 1 54  ? 5.866   -2.567  7.924   1.00 17.55 ? 55  VAL A O   1 
ATOM   434  C  CB  . VAL A 1 54  ? 8.697   -4.237  7.415   1.00 18.61 ? 55  VAL A CB  1 
ATOM   435  C  CG1 . VAL A 1 54  ? 7.713   -5.141  8.162   1.00 19.33 ? 55  VAL A CG1 1 
ATOM   436  C  CG2 . VAL A 1 54  ? 9.386   -5.011  6.298   1.00 20.81 ? 55  VAL A CG2 1 
ATOM   437  N  N   . GLU A 1 55  ? 7.708   -1.615  8.787   1.00 20.32 ? 56  GLU A N   1 
ATOM   438  C  CA  . GLU A 1 55  ? 6.994   -0.947  9.874   1.00 22.26 ? 56  GLU A CA  1 
ATOM   439  C  C   . GLU A 1 55  ? 5.924   0.022   9.357   1.00 22.32 ? 56  GLU A C   1 
ATOM   440  O  O   . GLU A 1 55  ? 4.773   0.000   9.801   1.00 20.61 ? 56  GLU A O   1 
ATOM   441  C  CB  . GLU A 1 55  ? 7.993   -0.178  10.739  1.00 24.74 ? 56  GLU A CB  1 
ATOM   442  C  CG  . GLU A 1 55  ? 7.372   0.558   11.915  1.00 30.15 ? 56  GLU A CG  1 
ATOM   443  C  CD  . GLU A 1 55  ? 8.400   1.350   12.705  1.00 34.87 ? 56  GLU A CD  1 
ATOM   444  O  OE1 . GLU A 1 55  ? 8.056   1.857   13.793  1.00 37.19 ? 56  GLU A OE1 1 
ATOM   445  O  OE2 . GLU A 1 55  ? 9.552   1.469   12.233  1.00 37.94 ? 56  GLU A OE2 1 
ATOM   446  N  N   . GLN A 1 56  ? 6.309   0.877   8.418   1.00 22.40 ? 57  GLN A N   1 
ATOM   447  C  CA  . GLN A 1 56  ? 5.373   1.849   7.872   1.00 23.03 ? 57  GLN A CA  1 
ATOM   448  C  C   . GLN A 1 56  ? 4.263   1.186   7.062   1.00 23.08 ? 57  GLN A C   1 
ATOM   449  O  O   . GLN A 1 56  ? 3.148   1.698   6.993   1.00 23.36 ? 57  GLN A O   1 
ATOM   450  C  CB  . GLN A 1 56  ? 6.131   2.889   7.046   1.00 25.37 ? 57  GLN A CB  1 
ATOM   451  C  CG  . GLN A 1 56  ? 7.036   3.737   7.922   1.00 31.57 ? 57  GLN A CG  1 
ATOM   452  C  CD  . GLN A 1 56  ? 7.571   4.964   7.223   1.00 34.32 ? 57  GLN A CD  1 
ATOM   453  O  OE1 . GLN A 1 56  ? 8.410   4.867   6.331   1.00 35.47 ? 57  GLN A OE1 1 
ATOM   454  N  NE2 . GLN A 1 56  ? 7.085   6.133   7.627   1.00 38.16 ? 57  GLN A NE2 1 
ATOM   455  N  N   . MET A 1 57  ? 4.566   0.037   6.464   1.00 21.71 ? 58  MET A N   1 
ATOM   456  C  CA  . MET A 1 57  ? 3.573   -0.706  5.696   1.00 22.47 ? 58  MET A CA  1 
ATOM   457  C  C   . MET A 1 57  ? 2.528   -1.210  6.701   1.00 20.79 ? 58  MET A C   1 
ATOM   458  O  O   . MET A 1 57  ? 1.320   -1.099  6.478   1.00 21.02 ? 58  MET A O   1 
ATOM   459  C  CB  . MET A 1 57  ? 4.236   -1.894  4.997   1.00 26.40 ? 58  MET A CB  1 
ATOM   460  C  CG  . MET A 1 57  ? 3.357   -2.580  3.979   1.00 35.75 ? 58  MET A CG  1 
ATOM   461  S  SD  . MET A 1 57  ? 3.844   -2.146  2.293   1.00 46.78 ? 58  MET A SD  1 
ATOM   462  C  CE  . MET A 1 57  ? 3.726   -0.354  2.349   1.00 40.71 ? 58  MET A CE  1 
ATOM   463  N  N   . PHE A 1 58  ? 3.017   -1.770  7.804   1.00 17.65 ? 59  PHE A N   1 
ATOM   464  C  CA  . PHE A 1 58  ? 2.163   -2.271  8.881   1.00 17.66 ? 59  PHE A CA  1 
ATOM   465  C  C   . PHE A 1 58  ? 1.244   -1.140  9.359   1.00 15.93 ? 59  PHE A C   1 
ATOM   466  O  O   . PHE A 1 58  ? 0.034   -1.307  9.470   1.00 16.01 ? 59  PHE A O   1 
ATOM   467  C  CB  . PHE A 1 58  ? 3.029   -2.748  10.061  1.00 16.42 ? 59  PHE A CB  1 
ATOM   468  C  CG  . PHE A 1 58  ? 2.235   -3.240  11.255  1.00 15.06 ? 59  PHE A CG  1 
ATOM   469  C  CD1 . PHE A 1 58  ? 1.796   -4.559  11.324  1.00 15.93 ? 59  PHE A CD1 1 
ATOM   470  C  CD2 . PHE A 1 58  ? 1.917   -2.378  12.301  1.00 17.20 ? 59  PHE A CD2 1 
ATOM   471  C  CE1 . PHE A 1 58  ? 1.046   -5.013  12.424  1.00 16.33 ? 59  PHE A CE1 1 
ATOM   472  C  CE2 . PHE A 1 58  ? 1.170   -2.819  13.404  1.00 16.41 ? 59  PHE A CE2 1 
ATOM   473  C  CZ  . PHE A 1 58  ? 0.735   -4.140  13.461  1.00 12.95 ? 59  PHE A CZ  1 
ATOM   474  N  N   . GLU A 1 59  ? 1.832   0.015   9.641   1.00 17.70 ? 60  GLU A N   1 
ATOM   475  C  CA  . GLU A 1 59  ? 1.063   1.154   10.118  1.00 18.20 ? 60  GLU A CA  1 
ATOM   476  C  C   . GLU A 1 59  ? 0.010   1.570   9.099   1.00 19.11 ? 60  GLU A C   1 
ATOM   477  O  O   . GLU A 1 59  ? -1.107  1.950   9.460   1.00 16.41 ? 60  GLU A O   1 
ATOM   478  C  CB  . GLU A 1 59  ? 1.992   2.329   10.413  1.00 22.51 ? 60  GLU A CB  1 
ATOM   479  C  CG  . GLU A 1 59  ? 3.132   1.978   11.345  1.00 26.07 ? 60  GLU A CG  1 
ATOM   480  C  CD  . GLU A 1 59  ? 3.931   3.195   11.776  1.00 30.09 ? 60  GLU A CD  1 
ATOM   481  O  OE1 . GLU A 1 59  ? 4.219   4.043   10.908  1.00 28.82 ? 60  GLU A OE1 1 
ATOM   482  O  OE2 . GLU A 1 59  ? 4.277   3.295   12.976  1.00 32.03 ? 60  GLU A OE2 1 
ATOM   483  N  N   . THR A 1 60  ? 0.367   1.486   7.826   1.00 19.04 ? 61  THR A N   1 
ATOM   484  C  CA  . THR A 1 60  ? -0.557  1.860   6.765   1.00 19.21 ? 61  THR A CA  1 
ATOM   485  C  C   . THR A 1 60  ? -1.787  0.958   6.769   1.00 18.70 ? 61  THR A C   1 
ATOM   486  O  O   . THR A 1 60  ? -2.907  1.433   6.598   1.00 19.45 ? 61  THR A O   1 
ATOM   487  C  CB  . THR A 1 60  ? 0.147   1.808   5.399   1.00 18.67 ? 61  THR A CB  1 
ATOM   488  O  OG1 . THR A 1 60  ? 1.237   2.742   5.409   1.00 22.15 ? 61  THR A OG1 1 
ATOM   489  C  CG2 . THR A 1 60  ? -0.814  2.170   4.275   1.00 16.86 ? 61  THR A CG2 1 
ATOM   490  N  N   . PHE A 1 61  ? -1.578  -0.339  6.986   1.00 18.15 ? 62  PHE A N   1 
ATOM   491  C  CA  . PHE A 1 61  ? -2.678  -1.298  7.024   1.00 17.84 ? 62  PHE A CA  1 
ATOM   492  C  C   . PHE A 1 61  ? -3.398  -1.334  8.382   1.00 16.87 ? 62  PHE A C   1 
ATOM   493  O  O   . PHE A 1 61  ? -4.484  -1.918  8.510   1.00 16.82 ? 62  PHE A O   1 
ATOM   494  C  CB  . PHE A 1 61  ? -2.162  -2.690  6.643   1.00 17.21 ? 62  PHE A CB  1 
ATOM   495  C  CG  . PHE A 1 61  ? -1.663  -2.779  5.220   1.00 16.21 ? 62  PHE A CG  1 
ATOM   496  C  CD1 . PHE A 1 61  ? -0.473  -3.436  4.922   1.00 21.07 ? 62  PHE A CD1 1 
ATOM   497  C  CD2 . PHE A 1 61  ? -2.387  -2.203  4.178   1.00 19.04 ? 62  PHE A CD2 1 
ATOM   498  C  CE1 . PHE A 1 61  ? -0.006  -3.520  3.601   1.00 19.57 ? 62  PHE A CE1 1 
ATOM   499  C  CE2 . PHE A 1 61  ? -1.932  -2.281  2.857   1.00 21.16 ? 62  PHE A CE2 1 
ATOM   500  C  CZ  . PHE A 1 61  ? -0.737  -2.941  2.571   1.00 20.95 ? 62  PHE A CZ  1 
ATOM   501  N  N   . ASP A 1 62  ? -2.790  -0.721  9.394   1.00 16.25 ? 63  ASP A N   1 
ATOM   502  C  CA  . ASP A 1 62  ? -3.404  -0.640  10.720  1.00 17.35 ? 63  ASP A CA  1 
ATOM   503  C  C   . ASP A 1 62  ? -4.352  0.552   10.630  1.00 17.61 ? 63  ASP A C   1 
ATOM   504  O  O   . ASP A 1 62  ? -4.046  1.639   11.121  1.00 17.17 ? 63  ASP A O   1 
ATOM   505  C  CB  . ASP A 1 62  ? -2.344  -0.370  11.795  1.00 15.79 ? 63  ASP A CB  1 
ATOM   506  C  CG  . ASP A 1 62  ? -2.947  -0.203  13.191  1.00 16.88 ? 63  ASP A CG  1 
ATOM   507  O  OD1 . ASP A 1 62  ? -2.196  0.149   14.123  1.00 16.05 ? 63  ASP A OD1 1 
ATOM   508  O  OD2 . ASP A 1 62  ? -4.169  -0.429  13.356  1.00 16.04 ? 63  ASP A OD2 1 
ATOM   509  N  N   . PHE A 1 63  ? -5.498  0.335   9.991   1.00 20.04 ? 64  PHE A N   1 
ATOM   510  C  CA  . PHE A 1 63  ? -6.487  1.386   9.774   1.00 22.40 ? 64  PHE A CA  1 
ATOM   511  C  C   . PHE A 1 63  ? -6.894  2.186   11.001  1.00 22.22 ? 64  PHE A C   1 
ATOM   512  O  O   . PHE A 1 63  ? -6.915  3.413   10.952  1.00 25.33 ? 64  PHE A O   1 
ATOM   513  C  CB  . PHE A 1 63  ? -7.732  0.797   9.102   1.00 21.83 ? 64  PHE A CB  1 
ATOM   514  C  CG  . PHE A 1 63  ? -7.475  0.239   7.730   1.00 24.53 ? 64  PHE A CG  1 
ATOM   515  C  CD1 . PHE A 1 63  ? -8.386  -0.631  7.141   1.00 24.59 ? 64  PHE A CD1 1 
ATOM   516  C  CD2 . PHE A 1 63  ? -6.322  0.583   7.024   1.00 23.00 ? 64  PHE A CD2 1 
ATOM   517  C  CE1 . PHE A 1 63  ? -8.153  -1.151  5.870   1.00 25.72 ? 64  PHE A CE1 1 
ATOM   518  C  CE2 . PHE A 1 63  ? -6.081  0.072   5.756   1.00 24.23 ? 64  PHE A CE2 1 
ATOM   519  C  CZ  . PHE A 1 63  ? -6.998  -0.799  5.176   1.00 26.30 ? 64  PHE A CZ  1 
ATOM   520  N  N   . ASN A 1 64  ? -7.218  1.517   12.100  1.00 22.45 ? 65  ASN A N   1 
ATOM   521  C  CA  . ASN A 1 64  ? -7.624  2.254   13.286  1.00 20.86 ? 65  ASN A CA  1 
ATOM   522  C  C   . ASN A 1 64  ? -6.452  2.642   14.187  1.00 21.91 ? 65  ASN A C   1 
ATOM   523  O  O   . ASN A 1 64  ? -6.650  3.107   15.306  1.00 20.36 ? 65  ASN A O   1 
ATOM   524  C  CB  . ASN A 1 64  ? -8.683  1.470   14.075  1.00 21.06 ? 65  ASN A CB  1 
ATOM   525  C  CG  . ASN A 1 64  ? -8.131  0.226   14.734  1.00 19.01 ? 65  ASN A CG  1 
ATOM   526  O  OD1 . ASN A 1 64  ? -6.937  -0.051  14.664  1.00 16.62 ? 65  ASN A OD1 1 
ATOM   527  N  ND2 . ASN A 1 64  ? -9.009  -0.533  15.391  1.00 18.87 ? 65  ASN A ND2 1 
ATOM   528  N  N   . LYS A 1 65  ? -5.232  2.457   13.694  1.00 20.64 ? 66  LYS A N   1 
ATOM   529  C  CA  . LYS A 1 65  ? -4.035  2.821   14.451  1.00 21.20 ? 66  LYS A CA  1 
ATOM   530  C  C   . LYS A 1 65  ? -3.986  2.362   15.910  1.00 20.78 ? 66  LYS A C   1 
ATOM   531  O  O   . LYS A 1 65  ? -3.537  3.116   16.770  1.00 20.30 ? 66  LYS A O   1 
ATOM   532  C  CB  . LYS A 1 65  ? -3.841  4.338   14.414  1.00 25.56 ? 66  LYS A CB  1 
ATOM   533  C  CG  . LYS A 1 65  ? -2.958  4.826   13.276  1.00 29.51 ? 66  LYS A CG  1 
ATOM   534  C  CD  . LYS A 1 65  ? -3.517  4.426   11.937  1.00 28.97 ? 66  LYS A CD  1 
ATOM   535  C  CE  . LYS A 1 65  ? -2.498  4.653   10.850  1.00 29.52 ? 66  LYS A CE  1 
ATOM   536  N  NZ  . LYS A 1 65  ? -3.010  4.184   9.551   1.00 24.16 ? 66  LYS A NZ  1 
ATOM   537  N  N   . ASP A 1 66  ? -4.431  1.144   16.200  1.00 17.27 ? 67  ASP A N   1 
ATOM   538  C  CA  . ASP A 1 66  ? -4.377  0.669   17.581  1.00 18.48 ? 67  ASP A CA  1 
ATOM   539  C  C   . ASP A 1 66  ? -3.135  -0.188  17.846  1.00 17.54 ? 67  ASP A C   1 
ATOM   540  O  O   . ASP A 1 66  ? -2.938  -0.704  18.948  1.00 16.60 ? 67  ASP A O   1 
ATOM   541  C  CB  . ASP A 1 66  ? -5.650  -0.113  17.949  1.00 18.41 ? 67  ASP A CB  1 
ATOM   542  C  CG  . ASP A 1 66  ? -5.835  -1.374  17.125  1.00 18.94 ? 67  ASP A CG  1 
ATOM   543  O  OD1 . ASP A 1 66  ? -6.754  -2.159  17.446  1.00 17.32 ? 67  ASP A OD1 1 
ATOM   544  O  OD2 . ASP A 1 66  ? -5.073  -1.582  16.164  1.00 16.14 ? 67  ASP A OD2 1 
ATOM   545  N  N   . GLY A 1 67  ? -2.287  -0.328  16.833  1.00 14.40 ? 68  GLY A N   1 
ATOM   546  C  CA  . GLY A 1 67  ? -1.082  -1.115  17.015  1.00 16.30 ? 68  GLY A CA  1 
ATOM   547  C  C   . GLY A 1 67  ? -1.201  -2.569  16.597  1.00 15.36 ? 68  GLY A C   1 
ATOM   548  O  O   . GLY A 1 67  ? -0.238  -3.326  16.723  1.00 16.61 ? 68  GLY A O   1 
ATOM   549  N  N   . TYR A 1 68  ? -2.377  -2.966  16.117  1.00 14.06 ? 69  TYR A N   1 
ATOM   550  C  CA  . TYR A 1 68  ? -2.602  -4.335  15.654  1.00 14.57 ? 69  TYR A CA  1 
ATOM   551  C  C   . TYR A 1 68  ? -3.301  -4.308  14.299  1.00 17.10 ? 69  TYR A C   1 
ATOM   552  O  O   . TYR A 1 68  ? -3.950  -3.325  13.939  1.00 15.46 ? 69  TYR A O   1 
ATOM   553  C  CB  . TYR A 1 68  ? -3.526  -5.116  16.595  1.00 15.55 ? 69  TYR A CB  1 
ATOM   554  C  CG  . TYR A 1 68  ? -3.121  -5.162  18.040  1.00 17.68 ? 69  TYR A CG  1 
ATOM   555  C  CD1 . TYR A 1 68  ? -2.288  -6.172  18.526  1.00 17.18 ? 69  TYR A CD1 1 
ATOM   556  C  CD2 . TYR A 1 68  ? -3.584  -4.201  18.933  1.00 17.63 ? 69  TYR A CD2 1 
ATOM   557  C  CE1 . TYR A 1 68  ? -1.928  -6.217  19.887  1.00 22.44 ? 69  TYR A CE1 1 
ATOM   558  C  CE2 . TYR A 1 68  ? -3.231  -4.236  20.283  1.00 20.11 ? 69  TYR A CE2 1 
ATOM   559  C  CZ  . TYR A 1 68  ? -2.408  -5.238  20.752  1.00 21.85 ? 69  TYR A CZ  1 
ATOM   560  O  OH  . TYR A 1 68  ? -2.056  -5.247  22.082  1.00 23.87 ? 69  TYR A OH  1 
ATOM   561  N  N   . ILE A 1 69  ? -3.157  -5.390  13.547  1.00 16.73 ? 70  ILE A N   1 
ATOM   562  C  CA  . ILE A 1 69  ? -3.859  -5.528  12.275  1.00 17.18 ? 70  ILE A CA  1 
ATOM   563  C  C   . ILE A 1 69  ? -4.828  -6.648  12.603  1.00 15.95 ? 70  ILE A C   1 
ATOM   564  O  O   . ILE A 1 69  ? -4.414  -7.793  12.775  1.00 16.96 ? 70  ILE A O   1 
ATOM   565  C  CB  . ILE A 1 69  ? -2.926  -5.955  11.119  1.00 16.27 ? 70  ILE A CB  1 
ATOM   566  C  CG1 . ILE A 1 69  ? -2.089  -4.754  10.665  1.00 14.89 ? 70  ILE A CG1 1 
ATOM   567  C  CG2 . ILE A 1 69  ? -3.752  -6.504  9.952   1.00 17.07 ? 70  ILE A CG2 1 
ATOM   568  C  CD1 . ILE A 1 69  ? -1.132  -5.057  9.518   1.00 18.21 ? 70  ILE A CD1 1 
ATOM   569  N  N   . ASP A 1 70  ? -6.109  -6.316  12.745  1.00 15.72 ? 71  ASP A N   1 
ATOM   570  C  CA  . ASP A 1 70  ? -7.092  -7.329  13.084  1.00 15.88 ? 71  ASP A CA  1 
ATOM   571  C  C   . ASP A 1 70  ? -7.663  -8.023  11.847  1.00 16.15 ? 71  ASP A C   1 
ATOM   572  O  O   . ASP A 1 70  ? -7.301  -7.692  10.720  1.00 12.61 ? 71  ASP A O   1 
ATOM   573  C  CB  . ASP A 1 70  ? -8.198  -6.737  13.988  1.00 15.69 ? 71  ASP A CB  1 
ATOM   574  C  CG  . ASP A 1 70  ? -9.003  -5.652  13.314  1.00 17.99 ? 71  ASP A CG  1 
ATOM   575  O  OD1 . ASP A 1 70  ? -9.540  -4.782  14.035  1.00 17.24 ? 71  ASP A OD1 1 
ATOM   576  O  OD2 . ASP A 1 70  ? -9.115  -5.669  12.073  1.00 18.44 ? 71  ASP A OD2 1 
ATOM   577  N  N   . PHE A 1 71  ? -8.542  -8.995  12.069  1.00 16.94 ? 72  PHE A N   1 
ATOM   578  C  CA  . PHE A 1 71  ? -9.106  -9.781  10.980  1.00 17.79 ? 72  PHE A CA  1 
ATOM   579  C  C   . PHE A 1 71  ? -9.738  -8.984  9.843   1.00 18.92 ? 72  PHE A C   1 
ATOM   580  O  O   . PHE A 1 71  ? -9.657  -9.390  8.681   1.00 15.63 ? 72  PHE A O   1 
ATOM   581  C  CB  . PHE A 1 71  ? -10.092 -10.818 11.542  1.00 20.30 ? 72  PHE A CB  1 
ATOM   582  C  CG  . PHE A 1 71  ? -11.370 -10.232 12.082  1.00 21.20 ? 72  PHE A CG  1 
ATOM   583  C  CD1 . PHE A 1 71  ? -12.532 -10.239 11.313  1.00 19.77 ? 72  PHE A CD1 1 
ATOM   584  C  CD2 . PHE A 1 71  ? -11.419 -9.689  13.362  1.00 21.14 ? 72  PHE A CD2 1 
ATOM   585  C  CE1 . PHE A 1 71  ? -13.726 -9.716  11.809  1.00 21.72 ? 72  PHE A CE1 1 
ATOM   586  C  CE2 . PHE A 1 71  ? -12.607 -9.162  13.867  1.00 21.56 ? 72  PHE A CE2 1 
ATOM   587  C  CZ  . PHE A 1 71  ? -13.764 -9.176  13.089  1.00 20.35 ? 72  PHE A CZ  1 
ATOM   588  N  N   . MET A 1 72  ? -10.342 -7.844  10.165  1.00 18.10 ? 73  MET A N   1 
ATOM   589  C  CA  . MET A 1 72  ? -10.977 -7.012  9.151   1.00 20.52 ? 73  MET A CA  1 
ATOM   590  C  C   . MET A 1 72  ? -9.947  -6.215  8.346   1.00 20.01 ? 73  MET A C   1 
ATOM   591  O  O   . MET A 1 72  ? -10.060 -6.087  7.121   1.00 19.62 ? 73  MET A O   1 
ATOM   592  C  CB  . MET A 1 72  ? -11.976 -6.061  9.812   1.00 23.46 ? 73  MET A CB  1 
ATOM   593  C  CG  . MET A 1 72  ? -13.378 -6.183  9.266   1.00 27.92 ? 73  MET A CG  1 
ATOM   594  S  SD  . MET A 1 72  ? -14.515 -5.087  10.122  1.00 32.13 ? 73  MET A SD  1 
ATOM   595  C  CE  . MET A 1 72  ? -14.934 -6.079  11.493  1.00 28.73 ? 73  MET A CE  1 
ATOM   596  N  N   . GLU A 1 73  ? -8.944  -5.682  9.039   1.00 18.10 ? 74  GLU A N   1 
ATOM   597  C  CA  . GLU A 1 73  ? -7.891  -4.910  8.390   1.00 16.91 ? 74  GLU A CA  1 
ATOM   598  C  C   . GLU A 1 73  ? -7.021  -5.853  7.568   1.00 16.95 ? 74  GLU A C   1 
ATOM   599  O  O   . GLU A 1 73  ? -6.444  -5.461  6.555   1.00 18.51 ? 74  GLU A O   1 
ATOM   600  C  CB  . GLU A 1 73  ? -7.046  -4.193  9.443   1.00 17.13 ? 74  GLU A CB  1 
ATOM   601  C  CG  . GLU A 1 73  ? -7.868  -3.290  10.350  1.00 16.09 ? 74  GLU A CG  1 
ATOM   602  C  CD  . GLU A 1 73  ? -7.085  -2.767  11.533  1.00 16.25 ? 74  GLU A CD  1 
ATOM   603  O  OE1 . GLU A 1 73  ? -6.229  -3.515  12.054  1.00 17.34 ? 74  GLU A OE1 1 
ATOM   604  O  OE2 . GLU A 1 73  ? -7.342  -1.621  11.959  1.00 13.08 ? 74  GLU A OE2 1 
ATOM   605  N  N   . TYR A 1 74  ? -6.938  -7.104  8.010   1.00 14.54 ? 75  TYR A N   1 
ATOM   606  C  CA  . TYR A 1 74  ? -6.145  -8.109  7.316   1.00 14.78 ? 75  TYR A CA  1 
ATOM   607  C  C   . TYR A 1 74  ? -6.718  -8.372  5.914   1.00 15.30 ? 75  TYR A C   1 
ATOM   608  O  O   . TYR A 1 74  ? -6.000  -8.281  4.920   1.00 15.07 ? 75  TYR A O   1 
ATOM   609  C  CB  . TYR A 1 74  ? -6.136  -9.405  8.132   1.00 14.75 ? 75  TYR A CB  1 
ATOM   610  C  CG  . TYR A 1 74  ? -5.270  -10.528 7.584   1.00 17.01 ? 75  TYR A CG  1 
ATOM   611  C  CD1 . TYR A 1 74  ? -3.884  -10.517 7.748   1.00 17.76 ? 75  TYR A CD1 1 
ATOM   612  C  CD2 . TYR A 1 74  ? -5.850  -11.628 6.953   1.00 17.41 ? 75  TYR A CD2 1 
ATOM   613  C  CE1 . TYR A 1 74  ? -3.094  -11.591 7.300   1.00 18.44 ? 75  TYR A CE1 1 
ATOM   614  C  CE2 . TYR A 1 74  ? -5.078  -12.697 6.504   1.00 18.32 ? 75  TYR A CE2 1 
ATOM   615  C  CZ  . TYR A 1 74  ? -3.704  -12.675 6.682   1.00 18.18 ? 75  TYR A CZ  1 
ATOM   616  O  OH  . TYR A 1 74  ? -2.958  -13.746 6.251   1.00 18.25 ? 75  TYR A OH  1 
ATOM   617  N  N   . VAL A 1 75  ? -8.011  -8.678  5.823   1.00 15.01 ? 76  VAL A N   1 
ATOM   618  C  CA  . VAL A 1 75  ? -8.588  -8.961  4.511   1.00 17.05 ? 76  VAL A CA  1 
ATOM   619  C  C   . VAL A 1 75  ? -8.718  -7.709  3.639   1.00 16.77 ? 76  VAL A C   1 
ATOM   620  O  O   . VAL A 1 75  ? -8.676  -7.794  2.409   1.00 17.24 ? 76  VAL A O   1 
ATOM   621  C  CB  . VAL A 1 75  ? -9.955  -9.697  4.625   1.00 17.92 ? 76  VAL A CB  1 
ATOM   622  C  CG1 . VAL A 1 75  ? -9.743  -11.053 5.285   1.00 18.05 ? 76  VAL A CG1 1 
ATOM   623  C  CG2 . VAL A 1 75  ? -10.956 -8.870  5.416   1.00 18.32 ? 76  VAL A CG2 1 
ATOM   624  N  N   . ALA A 1 76  ? -8.855  -6.547  4.269   1.00 15.36 ? 77  ALA A N   1 
ATOM   625  C  CA  . ALA A 1 76  ? -8.948  -5.304  3.517   1.00 16.35 ? 77  ALA A CA  1 
ATOM   626  C  C   . ALA A 1 76  ? -7.570  -5.033  2.911   1.00 17.03 ? 77  ALA A C   1 
ATOM   627  O  O   . ALA A 1 76  ? -7.453  -4.625  1.751   1.00 16.84 ? 77  ALA A O   1 
ATOM   628  C  CB  . ALA A 1 76  ? -9.354  -4.154  4.433   1.00 18.16 ? 77  ALA A CB  1 
ATOM   629  N  N   . ALA A 1 77  ? -6.529  -5.270  3.703   1.00 14.98 ? 78  ALA A N   1 
ATOM   630  C  CA  . ALA A 1 77  ? -5.166  -5.058  3.238   1.00 17.54 ? 78  ALA A CA  1 
ATOM   631  C  C   . ALA A 1 77  ? -4.855  -6.000  2.074   1.00 18.11 ? 78  ALA A C   1 
ATOM   632  O  O   . ALA A 1 77  ? -4.294  -5.580  1.060   1.00 18.66 ? 78  ALA A O   1 
ATOM   633  C  CB  . ALA A 1 77  ? -4.183  -5.280  4.379   1.00 17.38 ? 78  ALA A CB  1 
ATOM   634  N  N   . LEU A 1 78  ? -5.228  -7.270  2.224   1.00 17.47 ? 79  LEU A N   1 
ATOM   635  C  CA  . LEU A 1 78  ? -4.988  -8.262  1.183   1.00 18.83 ? 79  LEU A CA  1 
ATOM   636  C  C   . LEU A 1 78  ? -5.783  -7.953  -0.089  1.00 18.75 ? 79  LEU A C   1 
ATOM   637  O  O   . LEU A 1 78  ? -5.371  -8.323  -1.184  1.00 17.11 ? 79  LEU A O   1 
ATOM   638  C  CB  . LEU A 1 78  ? -5.311  -9.670  1.707   1.00 18.98 ? 79  LEU A CB  1 
ATOM   639  C  CG  . LEU A 1 78  ? -4.273  -10.201 2.712   1.00 22.60 ? 79  LEU A CG  1 
ATOM   640  C  CD1 . LEU A 1 78  ? -4.678  -11.573 3.246   1.00 20.10 ? 79  LEU A CD1 1 
ATOM   641  C  CD2 . LEU A 1 78  ? -2.914  -10.284 2.025   1.00 22.82 ? 79  LEU A CD2 1 
ATOM   642  N  N   . SER A 1 79  ? -6.910  -7.261  0.055   1.00 17.79 ? 80  SER A N   1 
ATOM   643  C  CA  . SER A 1 79  ? -7.714  -6.889  -1.106  1.00 21.01 ? 80  SER A CA  1 
ATOM   644  C  C   . SER A 1 79  ? -6.946  -5.909  -2.002  1.00 20.63 ? 80  SER A C   1 
ATOM   645  O  O   . SER A 1 79  ? -7.216  -5.805  -3.196  1.00 22.27 ? 80  SER A O   1 
ATOM   646  C  CB  . SER A 1 79  ? -9.044  -6.260  -0.667  1.00 18.88 ? 80  SER A CB  1 
ATOM   647  O  OG  . SER A 1 79  ? -9.894  -7.237  -0.098  1.00 17.70 ? 80  SER A OG  1 
ATOM   648  N  N   . LEU A 1 80  ? -5.990  -5.192  -1.422  1.00 20.50 ? 81  LEU A N   1 
ATOM   649  C  CA  . LEU A 1 80  ? -5.185  -4.247  -2.191  1.00 20.96 ? 81  LEU A CA  1 
ATOM   650  C  C   . LEU A 1 80  ? -3.890  -4.877  -2.684  1.00 19.53 ? 81  LEU A C   1 
ATOM   651  O  O   . LEU A 1 80  ? -3.465  -4.629  -3.810  1.00 20.35 ? 81  LEU A O   1 
ATOM   652  C  CB  . LEU A 1 80  ? -4.832  -3.012  -1.356  1.00 22.14 ? 81  LEU A CB  1 
ATOM   653  C  CG  . LEU A 1 80  ? -5.793  -1.820  -1.365  1.00 25.55 ? 81  LEU A CG  1 
ATOM   654  C  CD1 . LEU A 1 80  ? -5.168  -0.670  -0.604  1.00 25.61 ? 81  LEU A CD1 1 
ATOM   655  C  CD2 . LEU A 1 80  ? -6.089  -1.399  -2.798  1.00 25.40 ? 81  LEU A CD2 1 
ATOM   656  N  N   . VAL A 1 81  ? -3.279  -5.697  -1.836  1.00 17.59 ? 82  VAL A N   1 
ATOM   657  C  CA  . VAL A 1 81  ? -2.006  -6.348  -2.146  1.00 18.29 ? 82  VAL A CA  1 
ATOM   658  C  C   . VAL A 1 81  ? -2.073  -7.528  -3.117  1.00 19.16 ? 82  VAL A C   1 
ATOM   659  O  O   . VAL A 1 81  ? -1.199  -7.689  -3.963  1.00 17.00 ? 82  VAL A O   1 
ATOM   660  C  CB  . VAL A 1 81  ? -1.305  -6.814  -0.835  1.00 17.19 ? 82  VAL A CB  1 
ATOM   661  C  CG1 . VAL A 1 81  ? 0.026   -7.475  -1.158  1.00 19.27 ? 82  VAL A CG1 1 
ATOM   662  C  CG2 . VAL A 1 81  ? -1.080  -5.616  0.086   1.00 13.16 ? 82  VAL A CG2 1 
ATOM   663  N  N   . LEU A 1 82  ? -3.097  -8.363  -2.987  1.00 19.90 ? 83  LEU A N   1 
ATOM   664  C  CA  . LEU A 1 82  ? -3.239  -9.525  -3.858  1.00 21.02 ? 83  LEU A CA  1 
ATOM   665  C  C   . LEU A 1 82  ? -3.829  -9.138  -5.218  1.00 22.66 ? 83  LEU A C   1 
ATOM   666  O  O   . LEU A 1 82  ? -4.312  -8.021  -5.400  1.00 19.69 ? 83  LEU A O   1 
ATOM   667  C  CB  . LEU A 1 82  ? -4.121  -10.578 -3.171  1.00 19.02 ? 83  LEU A CB  1 
ATOM   668  C  CG  . LEU A 1 82  ? -3.440  -11.647 -2.300  1.00 22.89 ? 83  LEU A CG  1 
ATOM   669  C  CD1 . LEU A 1 82  ? -2.096  -11.168 -1.770  1.00 21.08 ? 83  LEU A CD1 1 
ATOM   670  C  CD2 . LEU A 1 82  ? -4.370  -12.039 -1.170  1.00 19.52 ? 83  LEU A CD2 1 
ATOM   671  N  N   . LYS A 1 83  ? -3.766  -10.055 -6.178  1.00 24.65 ? 84  LYS A N   1 
ATOM   672  C  CA  . LYS A 1 83  ? -4.317  -9.782  -7.502  1.00 28.38 ? 84  LYS A CA  1 
ATOM   673  C  C   . LYS A 1 83  ? -5.827  -9.634  -7.395  1.00 29.98 ? 84  LYS A C   1 
ATOM   674  O  O   . LYS A 1 83  ? -6.493  -10.445 -6.755  1.00 30.17 ? 84  LYS A O   1 
ATOM   675  C  CB  . LYS A 1 83  ? -3.977  -10.910 -8.475  1.00 29.79 ? 84  LYS A CB  1 
ATOM   676  C  CG  . LYS A 1 83  ? -2.515  -10.944 -8.886  1.00 34.08 ? 84  LYS A CG  1 
ATOM   677  C  CD  . LYS A 1 83  ? -2.292  -11.867 -10.073 1.00 36.59 ? 84  LYS A CD  1 
ATOM   678  C  CE  . LYS A 1 83  ? -0.859  -11.773 -10.571 1.00 39.00 ? 84  LYS A CE  1 
ATOM   679  N  NZ  . LYS A 1 83  ? -0.638  -12.578 -11.811 1.00 42.09 ? 84  LYS A NZ  1 
ATOM   680  N  N   . GLY A 1 84  ? -6.361  -8.586  -8.012  1.00 34.53 ? 85  GLY A N   1 
ATOM   681  C  CA  . GLY A 1 84  ? -7.793  -8.354  -7.970  1.00 36.74 ? 85  GLY A CA  1 
ATOM   682  C  C   . GLY A 1 84  ? -8.248  -7.490  -9.126  1.00 38.65 ? 85  GLY A C   1 
ATOM   683  O  O   . GLY A 1 84  ? -7.635  -7.498  -10.191 1.00 39.28 ? 85  GLY A O   1 
ATOM   684  N  N   . LYS A 1 85  ? -9.322  -6.738  -8.918  1.00 41.03 ? 86  LYS A N   1 
ATOM   685  C  CA  . LYS A 1 85  ? -9.848  -5.871  -9.961  1.00 42.33 ? 86  LYS A CA  1 
ATOM   686  C  C   . LYS A 1 85  ? -9.318  -4.450  -9.859  1.00 43.24 ? 86  LYS A C   1 
ATOM   687  O  O   . LYS A 1 85  ? -9.487  -3.781  -8.838  1.00 43.80 ? 86  LYS A O   1 
ATOM   688  C  CB  . LYS A 1 85  ? -11.378 -5.856  -9.916  1.00 44.11 ? 86  LYS A CB  1 
ATOM   689  C  CG  . LYS A 1 85  ? -12.018 -7.174  -10.309 1.00 45.58 ? 86  LYS A CG  1 
ATOM   690  C  CD  . LYS A 1 85  ? -13.526 -7.030  -10.460 1.00 48.09 ? 86  LYS A CD  1 
ATOM   691  C  CE  . LYS A 1 85  ? -14.152 -8.306  -10.991 1.00 49.27 ? 86  LYS A CE  1 
ATOM   692  N  NZ  . LYS A 1 85  ? -15.616 -8.150  -11.213 1.00 51.54 ? 86  LYS A NZ  1 
ATOM   693  N  N   . VAL A 1 86  ? -8.671  -4.001  -10.930 1.00 42.34 ? 87  VAL A N   1 
ATOM   694  C  CA  . VAL A 1 86  ? -8.115  -2.656  -10.994 1.00 42.45 ? 87  VAL A CA  1 
ATOM   695  C  C   . VAL A 1 86  ? -9.220  -1.639  -10.744 1.00 41.93 ? 87  VAL A C   1 
ATOM   696  O  O   . VAL A 1 86  ? -9.006  -0.613  -10.094 1.00 41.19 ? 87  VAL A O   1 
ATOM   697  C  CB  . VAL A 1 86  ? -7.490  -2.386  -12.381 1.00 42.96 ? 87  VAL A CB  1 
ATOM   698  C  CG1 . VAL A 1 86  ? -7.097  -0.921  -12.509 1.00 44.46 ? 87  VAL A CG1 1 
ATOM   699  C  CG2 . VAL A 1 86  ? -6.280  -3.284  -12.580 1.00 43.36 ? 87  VAL A CG2 1 
ATOM   700  N  N   . ASP A 1 87  ? -10.404 -1.939  -11.265 1.00 40.93 ? 88  ASP A N   1 
ATOM   701  C  CA  . ASP A 1 87  ? -11.554 -1.059  -11.114 1.00 41.05 ? 88  ASP A CA  1 
ATOM   702  C  C   . ASP A 1 87  ? -11.904 -0.878  -9.643  1.00 40.52 ? 88  ASP A C   1 
ATOM   703  O  O   . ASP A 1 87  ? -12.151 0.240   -9.183  1.00 41.42 ? 88  ASP A O   1 
ATOM   704  C  CB  . ASP A 1 87  ? -12.747 -1.633  -11.867 1.00 41.13 ? 88  ASP A CB  1 
ATOM   705  N  N   . GLN A 1 88  ? -11.913 -1.987  -8.909  1.00 38.72 ? 89  GLN A N   1 
ATOM   706  C  CA  . GLN A 1 88  ? -12.242 -1.966  -7.490  1.00 37.30 ? 89  GLN A CA  1 
ATOM   707  C  C   . GLN A 1 88  ? -11.132 -1.356  -6.638  1.00 35.56 ? 89  GLN A C   1 
ATOM   708  O  O   . GLN A 1 88  ? -11.407 -0.677  -5.649  1.00 36.86 ? 89  GLN A O   1 
ATOM   709  C  CB  . GLN A 1 88  ? -12.542 -3.389  -7.007  1.00 38.35 ? 89  GLN A CB  1 
ATOM   710  C  CG  . GLN A 1 88  ? -13.634 -4.090  -7.798  1.00 42.14 ? 89  GLN A CG  1 
ATOM   711  C  CD  . GLN A 1 88  ? -13.943 -5.483  -7.275  1.00 43.16 ? 89  GLN A CD  1 
ATOM   712  O  OE1 . GLN A 1 88  ? -14.775 -6.197  -7.835  1.00 45.56 ? 89  GLN A OE1 1 
ATOM   713  N  NE2 . GLN A 1 88  ? -13.278 -5.872  -6.194  1.00 42.16 ? 89  GLN A NE2 1 
ATOM   714  N  N   . LYS A 1 89  ? -9.881  -1.592  -7.028  1.00 32.32 ? 90  LYS A N   1 
ATOM   715  C  CA  . LYS A 1 89  ? -8.736  -1.074  -6.286  1.00 31.83 ? 90  LYS A CA  1 
ATOM   716  C  C   . LYS A 1 89  ? -8.608  0.447   -6.270  1.00 31.37 ? 90  LYS A C   1 
ATOM   717  O  O   . LYS A 1 89  ? -8.040  1.015   -5.337  1.00 27.95 ? 90  LYS A O   1 
ATOM   718  C  CB  . LYS A 1 89  ? -7.433  -1.668  -6.830  1.00 31.31 ? 90  LYS A CB  1 
ATOM   719  C  CG  . LYS A 1 89  ? -7.106  -3.060  -6.314  1.00 31.18 ? 90  LYS A CG  1 
ATOM   720  C  CD  . LYS A 1 89  ? -5.718  -3.475  -6.773  1.00 32.26 ? 90  LYS A CD  1 
ATOM   721  C  CE  . LYS A 1 89  ? -5.283  -4.798  -6.167  1.00 31.27 ? 90  LYS A CE  1 
ATOM   722  N  NZ  . LYS A 1 89  ? -6.194  -5.896  -6.537  1.00 35.09 ? 90  LYS A NZ  1 
ATOM   723  N  N   . LEU A 1 90  ? -9.123  1.105   -7.302  1.00 31.02 ? 91  LEU A N   1 
ATOM   724  C  CA  . LEU A 1 90  ? -9.041  2.557   -7.376  1.00 30.22 ? 91  LEU A CA  1 
ATOM   725  C  C   . LEU A 1 90  ? -9.682  3.208   -6.148  1.00 28.17 ? 91  LEU A C   1 
ATOM   726  O  O   . LEU A 1 90  ? -9.103  4.104   -5.533  1.00 26.43 ? 91  LEU A O   1 
ATOM   727  C  CB  . LEU A 1 90  ? -9.721  3.052   -8.658  1.00 31.42 ? 91  LEU A CB  1 
ATOM   728  C  CG  . LEU A 1 90  ? -8.875  3.930   -9.584  1.00 33.79 ? 91  LEU A CG  1 
ATOM   729  C  CD1 . LEU A 1 90  ? -7.524  3.274   -9.841  1.00 33.67 ? 91  LEU A CD1 1 
ATOM   730  C  CD2 . LEU A 1 90  ? -9.624  4.153   -10.892 1.00 34.22 ? 91  LEU A CD2 1 
ATOM   731  N  N   . ARG A 1 91  ? -10.872 2.744   -5.789  1.00 27.40 ? 92  ARG A N   1 
ATOM   732  C  CA  . ARG A 1 91  ? -11.589 3.282   -4.638  1.00 27.80 ? 92  ARG A CA  1 
ATOM   733  C  C   . ARG A 1 91  ? -10.909 2.956   -3.312  1.00 25.31 ? 92  ARG A C   1 
ATOM   734  O  O   . ARG A 1 91  ? -10.929 3.765   -2.381  1.00 23.83 ? 92  ARG A O   1 
ATOM   735  C  CB  . ARG A 1 91  ? -13.026 2.753   -4.628  1.00 30.22 ? 92  ARG A CB  1 
ATOM   736  C  CG  . ARG A 1 91  ? -13.918 3.430   -5.656  1.00 34.86 ? 92  ARG A CG  1 
ATOM   737  C  CD  . ARG A 1 91  ? -15.169 2.624   -5.958  1.00 37.77 ? 92  ARG A CD  1 
ATOM   738  N  NE  . ARG A 1 91  ? -16.126 3.399   -6.742  1.00 39.58 ? 92  ARG A NE  1 
ATOM   739  C  CZ  . ARG A 1 91  ? -16.899 4.358   -6.241  1.00 42.09 ? 92  ARG A CZ  1 
ATOM   740  N  NH1 . ARG A 1 91  ? -16.835 4.663   -4.949  1.00 42.98 ? 92  ARG A NH1 1 
ATOM   741  N  NH2 . ARG A 1 91  ? -17.733 5.021   -7.031  1.00 44.99 ? 92  ARG A NH2 1 
ATOM   742  N  N   . TRP A 1 92  ? -10.298 1.780   -3.230  1.00 23.34 ? 93  TRP A N   1 
ATOM   743  C  CA  . TRP A 1 92  ? -9.633  1.370   -2.000  1.00 22.14 ? 93  TRP A CA  1 
ATOM   744  C  C   . TRP A 1 92  ? -8.322  2.126   -1.800  1.00 22.12 ? 93  TRP A C   1 
ATOM   745  O  O   . TRP A 1 92  ? -7.935  2.412   -0.667  1.00 19.44 ? 93  TRP A O   1 
ATOM   746  C  CB  . TRP A 1 92  ? -9.423  -0.150  -1.997  1.00 23.36 ? 93  TRP A CB  1 
ATOM   747  C  CG  . TRP A 1 92  ? -10.724 -0.898  -2.207  1.00 23.11 ? 93  TRP A CG  1 
ATOM   748  C  CD1 . TRP A 1 92  ? -11.982 -0.446  -1.914  1.00 24.65 ? 93  TRP A CD1 1 
ATOM   749  C  CD2 . TRP A 1 92  ? -10.890 -2.214  -2.755  1.00 24.67 ? 93  TRP A CD2 1 
ATOM   750  N  NE1 . TRP A 1 92  ? -12.919 -1.395  -2.250  1.00 23.85 ? 93  TRP A NE1 1 
ATOM   751  C  CE2 . TRP A 1 92  ? -12.278 -2.490  -2.768  1.00 25.22 ? 93  TRP A CE2 1 
ATOM   752  C  CE3 . TRP A 1 92  ? -10.004 -3.186  -3.237  1.00 25.24 ? 93  TRP A CE3 1 
ATOM   753  C  CZ2 . TRP A 1 92  ? -12.801 -3.699  -3.247  1.00 24.07 ? 93  TRP A CZ2 1 
ATOM   754  C  CZ3 . TRP A 1 92  ? -10.526 -4.393  -3.715  1.00 26.19 ? 93  TRP A CZ3 1 
ATOM   755  C  CH2 . TRP A 1 92  ? -11.913 -4.632  -3.715  1.00 23.24 ? 93  TRP A CH2 1 
ATOM   756  N  N   . TYR A 1 93  ? -7.642  2.458   -2.895  1.00 19.80 ? 94  TYR A N   1 
ATOM   757  C  CA  . TYR A 1 93  ? -6.410  3.228   -2.781  1.00 19.79 ? 94  TYR A CA  1 
ATOM   758  C  C   . TYR A 1 93  ? -6.782  4.651   -2.361  1.00 18.42 ? 94  TYR A C   1 
ATOM   759  O  O   . TYR A 1 93  ? -6.101  5.266   -1.540  1.00 18.45 ? 94  TYR A O   1 
ATOM   760  C  CB  . TYR A 1 93  ? -5.651  3.262   -4.108  1.00 18.93 ? 94  TYR A CB  1 
ATOM   761  C  CG  . TYR A 1 93  ? -4.558  2.220   -4.221  1.00 19.84 ? 94  TYR A CG  1 
ATOM   762  C  CD1 . TYR A 1 93  ? -4.777  1.014   -4.891  1.00 18.60 ? 94  TYR A CD1 1 
ATOM   763  C  CD2 . TYR A 1 93  ? -3.295  2.449   -3.675  1.00 19.66 ? 94  TYR A CD2 1 
ATOM   764  C  CE1 . TYR A 1 93  ? -3.753  0.063   -5.020  1.00 18.24 ? 94  TYR A CE1 1 
ATOM   765  C  CE2 . TYR A 1 93  ? -2.268  1.508   -3.798  1.00 18.31 ? 94  TYR A CE2 1 
ATOM   766  C  CZ  . TYR A 1 93  ? -2.506  0.320   -4.474  1.00 18.24 ? 94  TYR A CZ  1 
ATOM   767  O  OH  . TYR A 1 93  ? -1.488  -0.596  -4.621  1.00 20.69 ? 94  TYR A OH  1 
ATOM   768  N  N   . PHE A 1 94  ? -7.875  5.167   -2.917  1.00 18.63 ? 95  PHE A N   1 
ATOM   769  C  CA  . PHE A 1 94  ? -8.331  6.509   -2.564  1.00 19.50 ? 95  PHE A CA  1 
ATOM   770  C  C   . PHE A 1 94  ? -8.610  6.589   -1.065  1.00 19.92 ? 95  PHE A C   1 
ATOM   771  O  O   . PHE A 1 94  ? -8.183  7.532   -0.389  1.00 19.37 ? 95  PHE A O   1 
ATOM   772  C  CB  . PHE A 1 94  ? -9.602  6.876   -3.345  1.00 19.01 ? 95  PHE A CB  1 
ATOM   773  C  CG  . PHE A 1 94  ? -10.126 8.254   -3.037  1.00 18.55 ? 95  PHE A CG  1 
ATOM   774  C  CD1 . PHE A 1 94  ? -10.900 8.487   -1.904  1.00 19.55 ? 95  PHE A CD1 1 
ATOM   775  C  CD2 . PHE A 1 94  ? -9.800  9.331   -3.856  1.00 19.17 ? 95  PHE A CD2 1 
ATOM   776  C  CE1 . PHE A 1 94  ? -11.338 9.775   -1.590  1.00 21.40 ? 95  PHE A CE1 1 
ATOM   777  C  CE2 . PHE A 1 94  ? -10.231 10.621  -3.551  1.00 18.08 ? 95  PHE A CE2 1 
ATOM   778  C  CZ  . PHE A 1 94  ? -11.000 10.843  -2.417  1.00 18.11 ? 95  PHE A CZ  1 
ATOM   779  N  N   . LYS A 1 95  ? -9.323  5.595   -0.544  1.00 19.98 ? 96  LYS A N   1 
ATOM   780  C  CA  . LYS A 1 95  ? -9.655  5.566   0.872   1.00 21.55 ? 96  LYS A CA  1 
ATOM   781  C  C   . LYS A 1 95  ? -8.402  5.502   1.729   1.00 20.62 ? 96  LYS A C   1 
ATOM   782  O  O   . LYS A 1 95  ? -8.376  6.020   2.844   1.00 19.85 ? 96  LYS A O   1 
ATOM   783  C  CB  . LYS A 1 95  ? -10.558 4.370   1.191   1.00 24.25 ? 96  LYS A CB  1 
ATOM   784  C  CG  . LYS A 1 95  ? -11.901 4.406   0.481   1.00 28.48 ? 96  LYS A CG  1 
ATOM   785  C  CD  . LYS A 1 95  ? -12.807 3.274   0.938   1.00 31.30 ? 96  LYS A CD  1 
ATOM   786  C  CE  . LYS A 1 95  ? -13.186 3.423   2.408   1.00 32.86 ? 96  LYS A CE  1 
ATOM   787  N  NZ  . LYS A 1 95  ? -13.965 2.250   2.899   1.00 35.89 ? 96  LYS A NZ  1 
ATOM   788  N  N   . LEU A 1 96  ? -7.359  4.869   1.205   1.00 19.50 ? 97  LEU A N   1 
ATOM   789  C  CA  . LEU A 1 96  ? -6.107  4.752   1.939   1.00 19.46 ? 97  LEU A CA  1 
ATOM   790  C  C   . LEU A 1 96  ? -5.423  6.120   2.006   1.00 18.40 ? 97  LEU A C   1 
ATOM   791  O  O   . LEU A 1 96  ? -4.923  6.530   3.059   1.00 17.64 ? 97  LEU A O   1 
ATOM   792  C  CB  . LEU A 1 96  ? -5.184  3.744   1.246   1.00 22.64 ? 97  LEU A CB  1 
ATOM   793  C  CG  . LEU A 1 96  ? -4.170  3.005   2.124   1.00 24.43 ? 97  LEU A CG  1 
ATOM   794  C  CD1 . LEU A 1 96  ? -3.219  2.221   1.230   1.00 26.58 ? 97  LEU A CD1 1 
ATOM   795  C  CD2 . LEU A 1 96  ? -3.396  3.986   2.977   1.00 27.48 ? 97  LEU A CD2 1 
ATOM   796  N  N   . TYR A 1 97  ? -5.397  6.821   0.877   1.00 17.35 ? 98  TYR A N   1 
ATOM   797  C  CA  . TYR A 1 97  ? -4.783  8.144   0.818   1.00 16.94 ? 98  TYR A CA  1 
ATOM   798  C  C   . TYR A 1 97  ? -5.544  9.165   1.658   1.00 17.08 ? 98  TYR A C   1 
ATOM   799  O  O   . TYR A 1 97  ? -4.946  10.101  2.197   1.00 18.06 ? 98  TYR A O   1 
ATOM   800  C  CB  . TYR A 1 97  ? -4.702  8.634   -0.631  1.00 18.20 ? 98  TYR A CB  1 
ATOM   801  C  CG  . TYR A 1 97  ? -3.736  7.852   -1.480  1.00 17.60 ? 98  TYR A CG  1 
ATOM   802  C  CD1 . TYR A 1 97  ? -2.407  7.674   -1.078  1.00 17.49 ? 98  TYR A CD1 1 
ATOM   803  C  CD2 . TYR A 1 97  ? -4.146  7.274   -2.678  1.00 18.16 ? 98  TYR A CD2 1 
ATOM   804  C  CE1 . TYR A 1 97  ? -1.518  6.933   -1.847  1.00 18.70 ? 98  TYR A CE1 1 
ATOM   805  C  CE2 . TYR A 1 97  ? -3.265  6.531   -3.458  1.00 17.31 ? 98  TYR A CE2 1 
ATOM   806  C  CZ  . TYR A 1 97  ? -1.954  6.362   -3.035  1.00 18.85 ? 98  TYR A CZ  1 
ATOM   807  O  OH  . TYR A 1 97  ? -1.084  5.616   -3.796  1.00 17.96 ? 98  TYR A OH  1 
ATOM   808  N  N   . ASP A 1 98  ? -6.861  8.993   1.756   1.00 16.19 ? 99  ASP A N   1 
ATOM   809  C  CA  . ASP A 1 98  ? -7.705  9.891   2.546   1.00 16.96 ? 99  ASP A CA  1 
ATOM   810  C  C   . ASP A 1 98  ? -7.524  9.553   4.026   1.00 17.69 ? 99  ASP A C   1 
ATOM   811  O  O   . ASP A 1 98  ? -8.376  8.908   4.638   1.00 17.80 ? 99  ASP A O   1 
ATOM   812  C  CB  . ASP A 1 98  ? -9.176  9.729   2.135   1.00 14.77 ? 99  ASP A CB  1 
ATOM   813  C  CG  . ASP A 1 98  ? -10.115 10.642  2.919   1.00 16.58 ? 99  ASP A CG  1 
ATOM   814  O  OD1 . ASP A 1 98  ? -9.638  11.604  3.564   1.00 14.94 ? 99  ASP A OD1 1 
ATOM   815  O  OD2 . ASP A 1 98  ? -11.341 10.404  2.879   1.00 17.29 ? 99  ASP A OD2 1 
ATOM   816  N  N   . VAL A 1 99  ? -6.413  10.010  4.597   1.00 18.01 ? 100 VAL A N   1 
ATOM   817  C  CA  . VAL A 1 99  ? -6.088  9.723   5.991   1.00 19.15 ? 100 VAL A CA  1 
ATOM   818  C  C   . VAL A 1 99  ? -7.181  10.055  7.013   1.00 20.10 ? 100 VAL A C   1 
ATOM   819  O  O   . VAL A 1 99  ? -7.508  9.216   7.854   1.00 19.59 ? 100 VAL A O   1 
ATOM   820  C  CB  . VAL A 1 99  ? -4.761  10.431  6.404   1.00 19.87 ? 100 VAL A CB  1 
ATOM   821  C  CG1 . VAL A 1 99  ? -4.314  9.964   7.798   1.00 22.44 ? 100 VAL A CG1 1 
ATOM   822  C  CG2 . VAL A 1 99  ? -3.676  10.118  5.387   1.00 20.39 ? 100 VAL A CG2 1 
ATOM   823  N  N   . ASP A 1 100 ? -7.770  11.246  6.939   1.00 20.41 ? 101 ASP A N   1 
ATOM   824  C  CA  . ASP A 1 100 ? -8.788  11.611  7.916   1.00 18.83 ? 101 ASP A CA  1 
ATOM   825  C  C   . ASP A 1 100 ? -10.200 11.172  7.556   1.00 19.62 ? 101 ASP A C   1 
ATOM   826  O  O   . ASP A 1 100 ? -11.142 11.429  8.303   1.00 20.45 ? 101 ASP A O   1 
ATOM   827  C  CB  . ASP A 1 100 ? -8.737  13.120  8.210   1.00 20.34 ? 101 ASP A CB  1 
ATOM   828  C  CG  . ASP A 1 100 ? -9.300  13.975  7.087   1.00 19.48 ? 101 ASP A CG  1 
ATOM   829  O  OD1 . ASP A 1 100 ? -9.523  13.480  5.963   1.00 18.97 ? 101 ASP A OD1 1 
ATOM   830  O  OD2 . ASP A 1 100 ? -9.520  15.172  7.344   1.00 20.32 ? 101 ASP A OD2 1 
ATOM   831  N  N   . GLY A 1 101 ? -10.337 10.496  6.419   1.00 17.96 ? 102 GLY A N   1 
ATOM   832  C  CA  . GLY A 1 101 ? -11.630 9.991   5.994   1.00 16.83 ? 102 GLY A CA  1 
ATOM   833  C  C   . GLY A 1 101 ? -12.719 11.020  5.785   1.00 19.26 ? 102 GLY A C   1 
ATOM   834  O  O   . GLY A 1 101 ? -13.899 10.727  6.001   1.00 18.56 ? 102 GLY A O   1 
ATOM   835  N  N   . ASN A 1 102 ? -12.342 12.225  5.369   1.00 18.07 ? 103 ASN A N   1 
ATOM   836  C  CA  . ASN A 1 102 ? -13.335 13.260  5.131   1.00 18.33 ? 103 ASN A CA  1 
ATOM   837  C  C   . ASN A 1 102 ? -13.837 13.185  3.686   1.00 18.99 ? 103 ASN A C   1 
ATOM   838  O  O   . ASN A 1 102 ? -14.588 14.052  3.240   1.00 18.50 ? 103 ASN A O   1 
ATOM   839  C  CB  . ASN A 1 102 ? -12.757 14.656  5.449   1.00 17.17 ? 103 ASN A CB  1 
ATOM   840  C  CG  . ASN A 1 102 ? -11.851 15.192  4.358   1.00 16.18 ? 103 ASN A CG  1 
ATOM   841  O  OD1 . ASN A 1 102 ? -11.218 14.436  3.623   1.00 16.85 ? 103 ASN A OD1 1 
ATOM   842  N  ND2 . ASN A 1 102 ? -11.765 16.519  4.264   1.00 16.67 ? 103 ASN A ND2 1 
ATOM   843  N  N   . GLY A 1 103 ? -13.416 12.141  2.970   1.00 18.67 ? 104 GLY A N   1 
ATOM   844  C  CA  . GLY A 1 103 ? -13.840 11.942  1.592   1.00 17.27 ? 104 GLY A CA  1 
ATOM   845  C  C   . GLY A 1 103 ? -13.016 12.663  0.536   1.00 17.79 ? 104 GLY A C   1 
ATOM   846  O  O   . GLY A 1 103 ? -13.361 12.656  -0.650  1.00 16.04 ? 104 GLY A O   1 
ATOM   847  N  N   . CYS A 1 104 ? -11.915 13.270  0.961   1.00 16.39 ? 105 CYS A N   1 
ATOM   848  C  CA  . CYS A 1 104 ? -11.048 14.010  0.058   1.00 18.72 ? 105 CYS A CA  1 
ATOM   849  C  C   . CYS A 1 104 ? -9.579  13.751  0.373   1.00 17.43 ? 105 CYS A C   1 
ATOM   850  O  O   . CYS A 1 104 ? -9.215  13.568  1.529   1.00 19.16 ? 105 CYS A O   1 
ATOM   851  C  CB  . CYS A 1 104 ? -11.319 15.511  0.199   1.00 18.15 ? 105 CYS A CB  1 
ATOM   852  S  SG  . CYS A 1 104 ? -13.080 15.963  0.133   1.00 27.24 ? 105 CYS A SG  1 
ATOM   853  N  N   . ILE A 1 105 ? -8.737  13.742  -0.656  1.00 16.07 ? 106 ILE A N   1 
ATOM   854  C  CA  . ILE A 1 105 ? -7.303  13.548  -0.448  1.00 16.74 ? 106 ILE A CA  1 
ATOM   855  C  C   . ILE A 1 105 ? -6.616  14.902  -0.555  1.00 16.37 ? 106 ILE A C   1 
ATOM   856  O  O   . ILE A 1 105 ? -6.603  15.500  -1.628  1.00 18.56 ? 106 ILE A O   1 
ATOM   857  C  CB  . ILE A 1 105 ? -6.665  12.640  -1.529  1.00 15.84 ? 106 ILE A CB  1 
ATOM   858  C  CG1 . ILE A 1 105 ? -7.318  11.257  -1.521  1.00 14.61 ? 106 ILE A CG1 1 
ATOM   859  C  CG2 . ILE A 1 105 ? -5.156  12.519  -1.275  1.00 16.09 ? 106 ILE A CG2 1 
ATOM   860  C  CD1 . ILE A 1 105 ? -6.845  10.357  -2.653  1.00 12.84 ? 106 ILE A CD1 1 
ATOM   861  N  N   . ASP A 1 106 ? -6.061  15.405  0.544   1.00 17.86 ? 107 ASP A N   1 
ATOM   862  C  CA  . ASP A 1 106 ? -5.358  16.676  0.454   1.00 17.46 ? 107 ASP A CA  1 
ATOM   863  C  C   . ASP A 1 106 ? -3.878  16.408  0.205   1.00 18.20 ? 107 ASP A C   1 
ATOM   864  O  O   . ASP A 1 106 ? -3.404  15.277  0.343   1.00 14.96 ? 107 ASP A O   1 
ATOM   865  C  CB  . ASP A 1 106 ? -5.561  17.549  1.713   1.00 18.81 ? 107 ASP A CB  1 
ATOM   866  C  CG  . ASP A 1 106 ? -4.963  16.946  2.977   1.00 21.42 ? 107 ASP A CG  1 
ATOM   867  O  OD1 . ASP A 1 106 ? -3.736  16.704  3.023   1.00 21.49 ? 107 ASP A OD1 1 
ATOM   868  O  OD2 . ASP A 1 106 ? -5.731  16.735  3.941   1.00 20.85 ? 107 ASP A OD2 1 
ATOM   869  N  N   . ARG A 1 107 ? -3.178  17.457  -0.206  1.00 16.22 ? 108 ARG A N   1 
ATOM   870  C  CA  . ARG A 1 107 ? -1.745  17.445  -0.503  1.00 21.65 ? 108 ARG A CA  1 
ATOM   871  C  C   . ARG A 1 107 ? -0.925  16.760  0.604   1.00 20.26 ? 108 ARG A C   1 
ATOM   872  O  O   . ARG A 1 107 ? -0.093  15.885  0.336   1.00 19.53 ? 108 ARG A O   1 
ATOM   873  C  CB  . ARG A 1 107 ? -1.308  18.906  -0.670  1.00 21.87 ? 108 ARG A CB  1 
ATOM   874  C  CG  . ARG A 1 107 ? 0.115   19.191  -1.062  1.00 26.70 ? 108 ARG A CG  1 
ATOM   875  C  CD  . ARG A 1 107 ? 0.420   20.640  -0.662  1.00 24.06 ? 108 ARG A CD  1 
ATOM   876  N  NE  . ARG A 1 107 ? 1.542   21.213  -1.382  1.00 30.12 ? 108 ARG A NE  1 
ATOM   877  C  CZ  . ARG A 1 107 ? 2.128   22.361  -1.063  1.00 25.88 ? 108 ARG A CZ  1 
ATOM   878  N  NH1 . ARG A 1 107 ? 1.703   23.069  -0.022  1.00 24.53 ? 108 ARG A NH1 1 
ATOM   879  N  NH2 . ARG A 1 107 ? 3.137   22.802  -1.793  1.00 29.40 ? 108 ARG A NH2 1 
ATOM   880  N  N   . GLY A 1 108 ? -1.168  17.172  1.844   1.00 20.48 ? 109 GLY A N   1 
ATOM   881  C  CA  . GLY A 1 108 ? -0.452  16.608  2.976   1.00 20.66 ? 109 GLY A CA  1 
ATOM   882  C  C   . GLY A 1 108 ? -0.683  15.120  3.154   1.00 19.85 ? 109 GLY A C   1 
ATOM   883  O  O   . GLY A 1 108 ? 0.263   14.370  3.402   1.00 20.06 ? 109 GLY A O   1 
ATOM   884  N  N   . GLU A 1 109 ? -1.937  14.693  3.034   1.00 18.80 ? 110 GLU A N   1 
ATOM   885  C  CA  . GLU A 1 109 ? -2.281  13.277  3.173   1.00 18.39 ? 110 GLU A CA  1 
ATOM   886  C  C   . GLU A 1 109 ? -1.587  12.429  2.108   1.00 18.02 ? 110 GLU A C   1 
ATOM   887  O  O   . GLU A 1 109 ? -0.976  11.400  2.416   1.00 16.70 ? 110 GLU A O   1 
ATOM   888  C  CB  . GLU A 1 109 ? -3.798  13.086  3.070   1.00 16.07 ? 110 GLU A CB  1 
ATOM   889  C  CG  . GLU A 1 109 ? -4.572  13.691  4.237   1.00 16.62 ? 110 GLU A CG  1 
ATOM   890  C  CD  . GLU A 1 109 ? -6.079  13.555  4.083   1.00 14.80 ? 110 GLU A CD  1 
ATOM   891  O  OE1 . GLU A 1 109 ? -6.573  13.648  2.941   1.00 18.06 ? 110 GLU A OE1 1 
ATOM   892  O  OE2 . GLU A 1 109 ? -6.773  13.375  5.105   1.00 14.25 ? 110 GLU A OE2 1 
ATOM   893  N  N   . LEU A 1 110 ? -1.680  12.864  0.854   1.00 16.46 ? 111 LEU A N   1 
ATOM   894  C  CA  . LEU A 1 110 ? -1.061  12.126  -0.242  1.00 19.58 ? 111 LEU A CA  1 
ATOM   895  C  C   . LEU A 1 110 ? 0.448   12.002  -0.046  1.00 18.36 ? 111 LEU A C   1 
ATOM   896  O  O   . LEU A 1 110 ? 1.027   10.945  -0.290  1.00 18.74 ? 111 LEU A O   1 
ATOM   897  C  CB  . LEU A 1 110 ? -1.351  12.807  -1.585  1.00 19.97 ? 111 LEU A CB  1 
ATOM   898  C  CG  . LEU A 1 110 ? -0.790  12.090  -2.819  1.00 21.91 ? 111 LEU A CG  1 
ATOM   899  C  CD1 . LEU A 1 110 ? -1.415  10.709  -2.927  1.00 22.78 ? 111 LEU A CD1 1 
ATOM   900  C  CD2 . LEU A 1 110 ? -1.073  12.895  -4.074  1.00 19.01 ? 111 LEU A CD2 1 
ATOM   901  N  N   . LEU A 1 111 ? 1.078   13.085  0.393   1.00 21.03 ? 112 LEU A N   1 
ATOM   902  C  CA  . LEU A 1 111 ? 2.519   13.098  0.620   1.00 20.20 ? 112 LEU A CA  1 
ATOM   903  C  C   . LEU A 1 111 ? 2.929   12.085  1.687   1.00 20.30 ? 112 LEU A C   1 
ATOM   904  O  O   . LEU A 1 111 ? 3.879   11.320  1.497   1.00 18.74 ? 112 LEU A O   1 
ATOM   905  C  CB  . LEU A 1 111 ? 2.975   14.498  1.051   1.00 21.32 ? 112 LEU A CB  1 
ATOM   906  C  CG  . LEU A 1 111 ? 4.455   14.654  1.420   1.00 25.19 ? 112 LEU A CG  1 
ATOM   907  C  CD1 . LEU A 1 111 ? 5.315   14.388  0.191   1.00 21.80 ? 112 LEU A CD1 1 
ATOM   908  C  CD2 . LEU A 1 111 ? 4.716   16.060  1.963   1.00 25.17 ? 112 LEU A CD2 1 
ATOM   909  N  N   . ASN A 1 112 ? 2.213   12.086  2.807   1.00 19.30 ? 113 ASN A N   1 
ATOM   910  C  CA  . ASN A 1 112 ? 2.519   11.172  3.901   1.00 21.98 ? 113 ASN A CA  1 
ATOM   911  C  C   . ASN A 1 112 ? 2.404   9.696   3.518   1.00 21.42 ? 113 ASN A C   1 
ATOM   912  O  O   . ASN A 1 112 ? 3.312   8.916   3.788   1.00 20.98 ? 113 ASN A O   1 
ATOM   913  C  CB  . ASN A 1 112 ? 1.625   11.473  5.109   1.00 27.06 ? 113 ASN A CB  1 
ATOM   914  C  CG  . ASN A 1 112 ? 2.051   12.733  5.845   1.00 33.03 ? 113 ASN A CG  1 
ATOM   915  O  OD1 . ASN A 1 112 ? 1.419   13.143  6.822   1.00 38.27 ? 113 ASN A OD1 1 
ATOM   916  N  ND2 . ASN A 1 112 ? 3.136   13.351  5.381   1.00 35.81 ? 113 ASN A ND2 1 
ATOM   917  N  N   . ILE A 1 113 ? 1.303   9.308   2.883   1.00 20.42 ? 114 ILE A N   1 
ATOM   918  C  CA  . ILE A 1 113 ? 1.124   7.916   2.497   1.00 20.22 ? 114 ILE A CA  1 
ATOM   919  C  C   . ILE A 1 113 ? 2.103   7.506   1.395   1.00 21.67 ? 114 ILE A C   1 
ATOM   920  O  O   . ILE A 1 113 ? 2.636   6.393   1.414   1.00 22.61 ? 114 ILE A O   1 
ATOM   921  C  CB  . ILE A 1 113 ? -0.329  7.639   2.037   1.00 20.21 ? 114 ILE A CB  1 
ATOM   922  C  CG1 . ILE A 1 113 ? -1.299  7.928   3.187   1.00 19.68 ? 114 ILE A CG1 1 
ATOM   923  C  CG2 . ILE A 1 113 ? -0.475  6.180   1.598   1.00 20.81 ? 114 ILE A CG2 1 
ATOM   924  C  CD1 . ILE A 1 113 ? -1.104  7.030   4.406   1.00 20.48 ? 114 ILE A CD1 1 
ATOM   925  N  N   . ILE A 1 114 ? 2.345   8.403   0.443   1.00 21.55 ? 115 ILE A N   1 
ATOM   926  C  CA  . ILE A 1 114 ? 3.274   8.122   -0.646  1.00 22.69 ? 115 ILE A CA  1 
ATOM   927  C  C   . ILE A 1 114 ? 4.661   7.800   -0.085  1.00 21.39 ? 115 ILE A C   1 
ATOM   928  O  O   . ILE A 1 114 ? 5.332   6.885   -0.562  1.00 19.84 ? 115 ILE A O   1 
ATOM   929  C  CB  . ILE A 1 114 ? 3.397   9.326   -1.617  1.00 23.47 ? 115 ILE A CB  1 
ATOM   930  C  CG1 . ILE A 1 114 ? 2.124   9.451   -2.459  1.00 27.55 ? 115 ILE A CG1 1 
ATOM   931  C  CG2 . ILE A 1 114 ? 4.621   9.166   -2.503  1.00 23.76 ? 115 ILE A CG2 1 
ATOM   932  C  CD1 . ILE A 1 114 ? 1.787   8.218   -3.270  1.00 29.44 ? 115 ILE A CD1 1 
ATOM   933  N  N   . LYS A 1 115 ? 5.086   8.565   0.918   1.00 21.12 ? 116 LYS A N   1 
ATOM   934  C  CA  . LYS A 1 115 ? 6.389   8.340   1.544   1.00 22.30 ? 116 LYS A CA  1 
ATOM   935  C  C   . LYS A 1 115 ? 6.357   7.046   2.340   1.00 21.89 ? 116 LYS A C   1 
ATOM   936  O  O   . LYS A 1 115 ? 7.288   6.248   2.286   1.00 22.20 ? 116 LYS A O   1 
ATOM   937  C  CB  . LYS A 1 115 ? 6.753   9.497   2.480   1.00 23.49 ? 116 LYS A CB  1 
ATOM   938  C  CG  . LYS A 1 115 ? 7.150   10.786  1.774   1.00 23.79 ? 116 LYS A CG  1 
ATOM   939  C  CD  . LYS A 1 115 ? 7.587   11.854  2.770   1.00 25.27 ? 116 LYS A CD  1 
ATOM   940  C  CE  . LYS A 1 115 ? 8.097   13.098  2.058   1.00 29.73 ? 116 LYS A CE  1 
ATOM   941  N  NZ  . LYS A 1 115 ? 8.649   14.107  3.010   1.00 32.88 ? 116 LYS A NZ  1 
ATOM   942  N  N   . ALA A 1 116 ? 5.271   6.837   3.074   1.00 22.06 ? 117 ALA A N   1 
ATOM   943  C  CA  . ALA A 1 116 ? 5.133   5.637   3.887   1.00 22.70 ? 117 ALA A CA  1 
ATOM   944  C  C   . ALA A 1 116 ? 5.306   4.358   3.067   1.00 22.85 ? 117 ALA A C   1 
ATOM   945  O  O   . ALA A 1 116 ? 6.057   3.468   3.461   1.00 22.25 ? 117 ALA A O   1 
ATOM   946  C  CB  . ALA A 1 116 ? 3.767   5.635   4.594   1.00 22.17 ? 117 ALA A CB  1 
ATOM   947  N  N   . ILE A 1 117 ? 4.628   4.275   1.923   1.00 23.08 ? 118 ILE A N   1 
ATOM   948  C  CA  . ILE A 1 117 ? 4.709   3.084   1.082   1.00 20.95 ? 118 ILE A CA  1 
ATOM   949  C  C   . ILE A 1 117 ? 5.772   3.156   -0.020  1.00 21.52 ? 118 ILE A C   1 
ATOM   950  O  O   . ILE A 1 117 ? 5.793   2.324   -0.929  1.00 19.59 ? 118 ILE A O   1 
ATOM   951  C  CB  . ILE A 1 117 ? 3.331   2.762   0.443   1.00 20.96 ? 118 ILE A CB  1 
ATOM   952  C  CG1 . ILE A 1 117 ? 2.951   3.835   -0.576  1.00 18.29 ? 118 ILE A CG1 1 
ATOM   953  C  CG2 . ILE A 1 117 ? 2.264   2.668   1.538   1.00 21.64 ? 118 ILE A CG2 1 
ATOM   954  C  CD1 . ILE A 1 117 ? 1.568   3.644   -1.192  1.00 18.35 ? 118 ILE A CD1 1 
ATOM   955  N  N   . ARG A 1 118 ? 6.643   4.157   0.074   1.00 22.10 ? 119 ARG A N   1 
ATOM   956  C  CA  . ARG A 1 118 ? 7.739   4.360   -0.872  1.00 23.64 ? 119 ARG A CA  1 
ATOM   957  C  C   . ARG A 1 118 ? 7.363   4.199   -2.345  1.00 23.38 ? 119 ARG A C   1 
ATOM   958  O  O   . ARG A 1 118 ? 8.108   3.619   -3.135  1.00 21.58 ? 119 ARG A O   1 
ATOM   959  C  CB  . ARG A 1 118 ? 8.887   3.415   -0.512  1.00 23.69 ? 119 ARG A CB  1 
ATOM   960  C  CG  . ARG A 1 118 ? 9.382   3.629   0.913   1.00 26.55 ? 119 ARG A CG  1 
ATOM   961  C  CD  . ARG A 1 118 ? 10.578  2.758   1.235   1.00 28.08 ? 119 ARG A CD  1 
ATOM   962  N  NE  . ARG A 1 118 ? 11.078  3.001   2.586   1.00 30.84 ? 119 ARG A NE  1 
ATOM   963  C  CZ  . ARG A 1 118 ? 12.166  2.421   3.083   1.00 32.62 ? 119 ARG A CZ  1 
ATOM   964  N  NH1 . ARG A 1 118 ? 12.860  1.571   2.338   1.00 31.91 ? 119 ARG A NH1 1 
ATOM   965  N  NH2 . ARG A 1 118 ? 12.562  2.693   4.319   1.00 33.78 ? 119 ARG A NH2 1 
ATOM   966  N  N   . ALA A 1 119 ? 6.209   4.745   -2.708  1.00 24.95 ? 120 ALA A N   1 
ATOM   967  C  CA  . ALA A 1 119 ? 5.702   4.665   -4.072  1.00 25.59 ? 120 ALA A CA  1 
ATOM   968  C  C   . ALA A 1 119 ? 6.605   5.273   -5.142  1.00 26.69 ? 120 ALA A C   1 
ATOM   969  O  O   . ALA A 1 119 ? 6.581   4.830   -6.292  1.00 26.68 ? 120 ALA A O   1 
ATOM   970  C  CB  . ALA A 1 119 ? 4.330   5.312   -4.141  1.00 22.31 ? 120 ALA A CB  1 
ATOM   971  N  N   . ILE A 1 120 ? 7.390   6.287   -4.780  1.00 29.95 ? 121 ILE A N   1 
ATOM   972  C  CA  . ILE A 1 120 ? 8.263   6.942   -5.755  1.00 34.03 ? 121 ILE A CA  1 
ATOM   973  C  C   . ILE A 1 120 ? 9.480   6.110   -6.147  1.00 36.07 ? 121 ILE A C   1 
ATOM   974  O  O   . ILE A 1 120 ? 10.184  6.451   -7.099  1.00 33.94 ? 121 ILE A O   1 
ATOM   975  C  CB  . ILE A 1 120 ? 8.762   8.320   -5.254  1.00 34.90 ? 121 ILE A CB  1 
ATOM   976  C  CG1 . ILE A 1 120 ? 9.702   8.140   -4.059  1.00 37.54 ? 121 ILE A CG1 1 
ATOM   977  C  CG2 . ILE A 1 120 ? 7.581   9.194   -4.896  1.00 35.47 ? 121 ILE A CG2 1 
ATOM   978  C  CD1 . ILE A 1 120 ? 10.262  9.439   -3.520  1.00 39.37 ? 121 ILE A CD1 1 
ATOM   979  N  N   . ASN A 1 121 ? 9.735   5.031   -5.412  1.00 37.52 ? 122 ASN A N   1 
ATOM   980  C  CA  . ASN A 1 121 ? 10.862  4.160   -5.726  1.00 41.40 ? 122 ASN A CA  1 
ATOM   981  C  C   . ASN A 1 121 ? 10.534  3.344   -6.976  1.00 43.38 ? 122 ASN A C   1 
ATOM   982  O  O   . ASN A 1 121 ? 11.398  2.674   -7.545  1.00 43.44 ? 122 ASN A O   1 
ATOM   983  C  CB  . ASN A 1 121 ? 11.160  3.214   -4.556  1.00 40.89 ? 122 ASN A CB  1 
ATOM   984  C  CG  . ASN A 1 121 ? 11.624  3.949   -3.310  1.00 41.32 ? 122 ASN A CG  1 
ATOM   985  O  OD1 . ASN A 1 121 ? 12.123  3.338   -2.366  1.00 41.85 ? 122 ASN A OD1 1 
ATOM   986  N  ND2 . ASN A 1 121 ? 11.456  5.265   -3.300  1.00 42.54 ? 122 ASN A ND2 1 
ATOM   987  N  N   . ARG A 1 122 ? 9.275   3.414   -7.400  1.00 45.94 ? 123 ARG A N   1 
ATOM   988  C  CA  . ARG A 1 122 ? 8.806   2.687   -8.576  1.00 49.08 ? 123 ARG A CA  1 
ATOM   989  C  C   . ARG A 1 122 ? 9.019   3.499   -9.851  1.00 50.86 ? 123 ARG A C   1 
ATOM   990  O  O   . ARG A 1 122 ? 9.143   2.937   -10.938 1.00 51.46 ? 123 ARG A O   1 
ATOM   991  C  CB  . ARG A 1 122 ? 7.313   2.381   -8.443  1.00 49.45 ? 123 ARG A CB  1 
ATOM   992  C  CG  . ARG A 1 122 ? 6.898   1.658   -7.169  1.00 50.32 ? 123 ARG A CG  1 
ATOM   993  C  CD  . ARG A 1 122 ? 6.946   0.142   -7.320  1.00 49.23 ? 123 ARG A CD  1 
ATOM   994  N  NE  . ARG A 1 122 ? 6.334   -0.324  -8.564  1.00 47.52 ? 123 ARG A NE  1 
ATOM   995  C  CZ  . ARG A 1 122 ? 5.134   0.043   -9.012  1.00 46.98 ? 123 ARG A CZ  1 
ATOM   996  N  NH1 . ARG A 1 122 ? 4.386   0.899   -8.328  1.00 45.65 ? 123 ARG A NH1 1 
ATOM   997  N  NH2 . ARG A 1 122 ? 4.681   -0.453  -10.156 1.00 44.90 ? 123 ARG A NH2 1 
ATOM   998  N  N   . CYS A 1 123 ? 9.054   4.821   -9.705  1.00 53.36 ? 124 CYS A N   1 
ATOM   999  C  CA  . CYS A 1 123 ? 9.214   5.739   -10.828 1.00 56.08 ? 124 CYS A CA  1 
ATOM   1000 C  C   . CYS A 1 123 ? 10.105  5.285   -11.980 1.00 57.97 ? 124 CYS A C   1 
ATOM   1001 O  O   . CYS A 1 123 ? 9.680   4.496   -12.823 1.00 59.16 ? 124 CYS A O   1 
ATOM   1002 C  CB  . CYS A 1 123 ? 9.690   7.104   -10.324 1.00 55.29 ? 124 CYS A CB  1 
ATOM   1003 S  SG  . CYS A 1 123 ? 8.341   8.146   -9.684  1.00 54.33 ? 124 CYS A SG  1 
ATOM   1004 N  N   . ASN A 1 124 ? 11.329  5.804   -12.021 1.00 60.18 ? 125 ASN A N   1 
ATOM   1005 C  CA  . ASN A 1 124 ? 12.286  5.476   -13.078 1.00 61.96 ? 125 ASN A CA  1 
ATOM   1006 C  C   . ASN A 1 124 ? 13.445  6.462   -13.012 1.00 62.72 ? 125 ASN A C   1 
ATOM   1007 O  O   . ASN A 1 124 ? 14.610  6.088   -13.175 1.00 62.99 ? 125 ASN A O   1 
ATOM   1008 C  CB  . ASN A 1 124 ? 11.626  5.583   -14.458 1.00 62.45 ? 125 ASN A CB  1 
ATOM   1009 C  CG  . ASN A 1 124 ? 11.532  4.247   -15.172 1.00 63.26 ? 125 ASN A CG  1 
ATOM   1010 O  OD1 . ASN A 1 124 ? 10.872  3.320   -14.700 1.00 63.51 ? 125 ASN A OD1 1 
ATOM   1011 N  ND2 . ASN A 1 124 ? 12.194  4.142   -16.319 1.00 63.59 ? 125 ASN A ND2 1 
ATOM   1012 N  N   . GLU A 1 125 ? 13.112  7.727   -12.775 1.00 63.40 ? 126 GLU A N   1 
ATOM   1013 C  CA  . GLU A 1 125 ? 14.109  8.785   -12.688 1.00 63.19 ? 126 GLU A CA  1 
ATOM   1014 C  C   . GLU A 1 125 ? 13.832  9.726   -11.520 1.00 61.60 ? 126 GLU A C   1 
ATOM   1015 O  O   . GLU A 1 125 ? 12.811  9.611   -10.841 1.00 61.15 ? 126 GLU A O   1 
ATOM   1016 C  CB  . GLU A 1 125 ? 14.147  9.571   -13.995 1.00 65.33 ? 126 GLU A CB  1 
ATOM   1017 N  N   . ALA A 1 126 ? 14.753  10.659  -11.302 1.00 59.98 ? 127 ALA A N   1 
ATOM   1018 C  CA  . ALA A 1 126 ? 14.645  11.633  -10.221 1.00 58.13 ? 127 ALA A CA  1 
ATOM   1019 C  C   . ALA A 1 126 ? 13.227  12.160  -10.027 1.00 55.97 ? 127 ALA A C   1 
ATOM   1020 O  O   . ALA A 1 126 ? 12.644  12.755  -10.935 1.00 56.26 ? 127 ALA A O   1 
ATOM   1021 C  CB  . ALA A 1 126 ? 15.598  12.798  -10.479 1.00 58.62 ? 127 ALA A CB  1 
ATOM   1022 N  N   . MET A 1 127 ? 12.683  11.934  -8.835  1.00 53.11 ? 128 MET A N   1 
ATOM   1023 C  CA  . MET A 1 127 ? 11.343  12.390  -8.484  1.00 50.25 ? 128 MET A CA  1 
ATOM   1024 C  C   . MET A 1 127 ? 11.135  12.320  -6.976  1.00 47.12 ? 128 MET A C   1 
ATOM   1025 O  O   . MET A 1 127 ? 10.906  11.249  -6.414  1.00 46.85 ? 128 MET A O   1 
ATOM   1026 C  CB  . MET A 1 127 ? 10.276  11.546  -9.194  1.00 51.28 ? 128 MET A CB  1 
ATOM   1027 C  CG  . MET A 1 127 ? 9.605   12.234  -10.390 1.00 52.36 ? 128 MET A CG  1 
ATOM   1028 S  SD  . MET A 1 127 ? 8.176   13.287  -9.976  1.00 52.51 ? 128 MET A SD  1 
ATOM   1029 C  CE  . MET A 1 127 ? 8.957   14.876  -9.820  1.00 53.91 ? 128 MET A CE  1 
ATOM   1030 N  N   . THR A 1 128 ? 11.238  13.475  -6.328  1.00 43.23 ? 129 THR A N   1 
ATOM   1031 C  CA  . THR A 1 128 ? 11.043  13.580  -4.890  1.00 39.81 ? 129 THR A CA  1 
ATOM   1032 C  C   . THR A 1 128 ? 9.576   13.283  -4.585  1.00 37.11 ? 129 THR A C   1 
ATOM   1033 O  O   . THR A 1 128 ? 8.713   13.471  -5.440  1.00 34.41 ? 129 THR A O   1 
ATOM   1034 C  CB  . THR A 1 128 ? 11.399  15.005  -4.402  1.00 40.80 ? 129 THR A CB  1 
ATOM   1035 O  OG1 . THR A 1 128 ? 12.824  15.165  -4.397  1.00 42.37 ? 129 THR A OG1 1 
ATOM   1036 C  CG2 . THR A 1 128 ? 10.857  15.261  -3.016  1.00 40.38 ? 129 THR A CG2 1 
ATOM   1037 N  N   . ALA A 1 129 ? 9.292   12.808  -3.377  1.00 34.43 ? 130 ALA A N   1 
ATOM   1038 C  CA  . ALA A 1 129 ? 7.916   12.510  -3.001  1.00 33.42 ? 130 ALA A CA  1 
ATOM   1039 C  C   . ALA A 1 129 ? 7.119   13.810  -3.003  1.00 32.22 ? 130 ALA A C   1 
ATOM   1040 O  O   . ALA A 1 129 ? 5.949   13.828  -3.380  1.00 30.15 ? 130 ALA A O   1 
ATOM   1041 C  CB  . ALA A 1 129 ? 7.867   11.864  -1.620  1.00 33.75 ? 130 ALA A CB  1 
ATOM   1042 N  N   . GLU A 1 130 ? 7.759   14.897  -2.582  1.00 30.98 ? 131 GLU A N   1 
ATOM   1043 C  CA  . GLU A 1 130 ? 7.096   16.195  -2.548  1.00 31.46 ? 131 GLU A CA  1 
ATOM   1044 C  C   . GLU A 1 130 ? 6.841   16.690  -3.966  1.00 30.70 ? 131 GLU A C   1 
ATOM   1045 O  O   . GLU A 1 130 ? 5.801   17.289  -4.248  1.00 28.61 ? 131 GLU A O   1 
ATOM   1046 C  CB  . GLU A 1 130 ? 7.937   17.213  -1.767  1.00 33.26 ? 131 GLU A CB  1 
ATOM   1047 C  CG  . GLU A 1 130 ? 7.955   16.964  -0.257  1.00 35.74 ? 131 GLU A CG  1 
ATOM   1048 C  CD  . GLU A 1 130 ? 9.036   15.986  0.186   1.00 37.74 ? 131 GLU A CD  1 
ATOM   1049 O  OE1 . GLU A 1 130 ? 9.389   15.072  -0.588  1.00 36.00 ? 131 GLU A OE1 1 
ATOM   1050 O  OE2 . GLU A 1 130 ? 9.526   16.127  1.325   1.00 40.65 ? 131 GLU A OE2 1 
ATOM   1051 N  N   . GLU A 1 131 ? 7.792   16.419  -4.854  1.00 30.30 ? 132 GLU A N   1 
ATOM   1052 C  CA  . GLU A 1 131 ? 7.688   16.810  -6.256  1.00 30.49 ? 132 GLU A CA  1 
ATOM   1053 C  C   . GLU A 1 131 ? 6.604   16.025  -6.982  1.00 28.85 ? 132 GLU A C   1 
ATOM   1054 O  O   . GLU A 1 131 ? 5.810   16.591  -7.740  1.00 27.59 ? 132 GLU A O   1 
ATOM   1055 C  CB  . GLU A 1 131 ? 9.028   16.593  -6.959  1.00 32.12 ? 132 GLU A CB  1 
ATOM   1056 C  CG  . GLU A 1 131 ? 10.001  17.738  -6.794  1.00 35.24 ? 132 GLU A CG  1 
ATOM   1057 C  CD  . GLU A 1 131 ? 11.439  17.307  -6.990  1.00 37.61 ? 132 GLU A CD  1 
ATOM   1058 O  OE1 . GLU A 1 131 ? 11.710  16.500  -7.905  1.00 38.73 ? 132 GLU A OE1 1 
ATOM   1059 O  OE2 . GLU A 1 131 ? 12.301  17.786  -6.225  1.00 40.30 ? 132 GLU A OE2 1 
ATOM   1060 N  N   . PHE A 1 132 ? 6.586   14.716  -6.764  1.00 25.87 ? 133 PHE A N   1 
ATOM   1061 C  CA  . PHE A 1 132 ? 5.590   13.862  -7.392  1.00 25.41 ? 133 PHE A CA  1 
ATOM   1062 C  C   . PHE A 1 132 ? 4.198   14.259  -6.913  1.00 24.66 ? 133 PHE A C   1 
ATOM   1063 O  O   . PHE A 1 132 ? 3.237   14.251  -7.685  1.00 25.60 ? 133 PHE A O   1 
ATOM   1064 C  CB  . PHE A 1 132 ? 5.834   12.392  -7.042  1.00 23.55 ? 133 PHE A CB  1 
ATOM   1065 C  CG  . PHE A 1 132 ? 4.815   11.462  -7.629  1.00 25.27 ? 133 PHE A CG  1 
ATOM   1066 C  CD1 . PHE A 1 132 ? 4.954   10.989  -8.926  1.00 25.60 ? 133 PHE A CD1 1 
ATOM   1067 C  CD2 . PHE A 1 132 ? 3.685   11.099  -6.898  1.00 26.03 ? 133 PHE A CD2 1 
ATOM   1068 C  CE1 . PHE A 1 132 ? 3.984   10.166  -9.495  1.00 27.21 ? 133 PHE A CE1 1 
ATOM   1069 C  CE2 . PHE A 1 132 ? 2.708   10.277  -7.457  1.00 27.77 ? 133 PHE A CE2 1 
ATOM   1070 C  CZ  . PHE A 1 132 ? 2.860   9.810   -8.762  1.00 26.99 ? 133 PHE A CZ  1 
ATOM   1071 N  N   . THR A 1 133 ? 4.097   14.589  -5.629  1.00 23.31 ? 134 THR A N   1 
ATOM   1072 C  CA  . THR A 1 133 ? 2.830   14.984  -5.033  1.00 24.43 ? 134 THR A CA  1 
ATOM   1073 C  C   . THR A 1 133 ? 2.327   16.301  -5.621  1.00 25.50 ? 134 THR A C   1 
ATOM   1074 O  O   . THR A 1 133 ? 1.150   16.431  -5.962  1.00 23.24 ? 134 THR A O   1 
ATOM   1075 C  CB  . THR A 1 133 ? 2.959   15.116  -3.496  1.00 25.17 ? 134 THR A CB  1 
ATOM   1076 O  OG1 . THR A 1 133 ? 3.167   13.818  -2.923  1.00 22.55 ? 134 THR A OG1 1 
ATOM   1077 C  CG2 . THR A 1 133 ? 1.691   15.728  -2.898  1.00 24.13 ? 134 THR A CG2 1 
ATOM   1078 N  N   . ASN A 1 134 ? 3.212   17.286  -5.741  1.00 26.44 ? 135 ASN A N   1 
ATOM   1079 C  CA  . ASN A 1 134 ? 2.798   18.562  -6.308  1.00 27.55 ? 135 ASN A CA  1 
ATOM   1080 C  C   . ASN A 1 134 ? 2.408   18.371  -7.772  1.00 26.64 ? 135 ASN A C   1 
ATOM   1081 O  O   . ASN A 1 134 ? 1.505   19.040  -8.268  1.00 27.44 ? 135 ASN A O   1 
ATOM   1082 C  CB  . ASN A 1 134 ? 3.915   19.603  -6.157  1.00 29.24 ? 135 ASN A CB  1 
ATOM   1083 C  CG  . ASN A 1 134 ? 3.684   20.538  -4.970  1.00 31.55 ? 135 ASN A CG  1 
ATOM   1084 O  OD1 . ASN A 1 134 ? 3.330   20.099  -3.874  1.00 29.63 ? 135 ASN A OD1 1 
ATOM   1085 N  ND2 . ASN A 1 134 ? 3.885   21.834  -5.188  1.00 33.17 ? 135 ASN A ND2 1 
ATOM   1086 N  N   . MET A 1 135 ? 3.069   17.439  -8.453  1.00 26.81 ? 136 MET A N   1 
ATOM   1087 C  CA  . MET A 1 135 ? 2.749   17.156  -9.851  1.00 27.97 ? 136 MET A CA  1 
ATOM   1088 C  C   . MET A 1 135 ? 1.344   16.564  -9.970  1.00 26.43 ? 136 MET A C   1 
ATOM   1089 O  O   . MET A 1 135 ? 0.577   16.942  -10.862 1.00 26.86 ? 136 MET A O   1 
ATOM   1090 C  CB  . MET A 1 135 ? 3.755   16.175  -10.463 1.00 31.50 ? 136 MET A CB  1 
ATOM   1091 C  CG  . MET A 1 135 ? 3.372   15.749  -11.880 1.00 37.19 ? 136 MET A CG  1 
ATOM   1092 S  SD  . MET A 1 135 ? 4.532   14.646  -12.711 1.00 42.05 ? 136 MET A SD  1 
ATOM   1093 C  CE  . MET A 1 135 ? 3.700   13.066  -12.518 1.00 42.57 ? 136 MET A CE  1 
ATOM   1094 N  N   . VAL A 1 136 ? 1.012   15.632  -9.078  1.00 24.31 ? 137 VAL A N   1 
ATOM   1095 C  CA  . VAL A 1 136 ? -0.311  15.002  -9.083  1.00 21.98 ? 137 VAL A CA  1 
ATOM   1096 C  C   . VAL A 1 136 ? -1.404  16.068  -9.031  1.00 20.83 ? 137 VAL A C   1 
ATOM   1097 O  O   . VAL A 1 136 ? -2.333  16.070  -9.842  1.00 20.10 ? 137 VAL A O   1 
ATOM   1098 C  CB  . VAL A 1 136 ? -0.502  14.056  -7.868  1.00 20.99 ? 137 VAL A CB  1 
ATOM   1099 C  CG1 . VAL A 1 136 ? -1.948  13.564  -7.813  1.00 22.21 ? 137 VAL A CG1 1 
ATOM   1100 C  CG2 . VAL A 1 136 ? 0.445   12.879  -7.963  1.00 17.66 ? 137 VAL A CG2 1 
ATOM   1101 N  N   . PHE A 1 137 ? -1.297  16.973  -8.066  1.00 21.70 ? 138 PHE A N   1 
ATOM   1102 C  CA  . PHE A 1 137 ? -2.291  18.031  -7.934  1.00 21.93 ? 138 PHE A CA  1 
ATOM   1103 C  C   . PHE A 1 137 ? -2.270  18.978  -9.135  1.00 23.02 ? 138 PHE A C   1 
ATOM   1104 O  O   . PHE A 1 137 ? -3.322  19.386  -9.636  1.00 21.86 ? 138 PHE A O   1 
ATOM   1105 C  CB  . PHE A 1 137 ? -2.070  18.790  -6.621  1.00 19.35 ? 138 PHE A CB  1 
ATOM   1106 C  CG  . PHE A 1 137 ? -2.707  18.121  -5.427  1.00 18.87 ? 138 PHE A CG  1 
ATOM   1107 C  CD1 . PHE A 1 137 ? -3.970  18.507  -4.987  1.00 19.21 ? 138 PHE A CD1 1 
ATOM   1108 C  CD2 . PHE A 1 137 ? -2.067  17.068  -4.777  1.00 19.93 ? 138 PHE A CD2 1 
ATOM   1109 C  CE1 . PHE A 1 137 ? -4.593  17.855  -3.918  1.00 17.82 ? 138 PHE A CE1 1 
ATOM   1110 C  CE2 . PHE A 1 137 ? -2.681  16.406  -3.703  1.00 16.56 ? 138 PHE A CE2 1 
ATOM   1111 C  CZ  . PHE A 1 137 ? -3.947  16.803  -3.276  1.00 19.62 ? 138 PHE A CZ  1 
ATOM   1112 N  N   . ASP A 1 138 ? -1.075  19.307  -9.610  1.00 25.89 ? 139 ASP A N   1 
ATOM   1113 C  CA  . ASP A 1 138 ? -0.945  20.194  -10.760 1.00 29.04 ? 139 ASP A CA  1 
ATOM   1114 C  C   . ASP A 1 138 ? -1.657  19.596  -11.970 1.00 29.76 ? 139 ASP A C   1 
ATOM   1115 O  O   . ASP A 1 138 ? -2.209  20.321  -12.796 1.00 29.94 ? 139 ASP A O   1 
ATOM   1116 C  CB  . ASP A 1 138 ? 0.536   20.415  -11.098 1.00 31.88 ? 139 ASP A CB  1 
ATOM   1117 C  CG  . ASP A 1 138 ? 1.271   21.215  -10.031 1.00 35.10 ? 139 ASP A CG  1 
ATOM   1118 O  OD1 . ASP A 1 138 ? 2.503   21.362  -10.151 1.00 38.48 ? 139 ASP A OD1 1 
ATOM   1119 O  OD2 . ASP A 1 138 ? 0.627   21.699  -9.075  1.00 35.44 ? 139 ASP A OD2 1 
ATOM   1120 N  N   . LYS A 1 139 ? -1.658  18.270  -12.058 1.00 29.41 ? 140 LYS A N   1 
ATOM   1121 C  CA  . LYS A 1 139 ? -2.280  17.583  -13.180 1.00 29.07 ? 140 LYS A CA  1 
ATOM   1122 C  C   . LYS A 1 139 ? -3.712  17.084  -12.995 1.00 27.32 ? 140 LYS A C   1 
ATOM   1123 O  O   . LYS A 1 139 ? -4.505  17.158  -13.931 1.00 24.99 ? 140 LYS A O   1 
ATOM   1124 C  CB  . LYS A 1 139 ? -1.397  16.412  -13.628 1.00 31.66 ? 140 LYS A CB  1 
ATOM   1125 C  CG  . LYS A 1 139 ? -0.026  16.837  -14.131 1.00 34.19 ? 140 LYS A CG  1 
ATOM   1126 C  CD  . LYS A 1 139 ? 0.760   15.658  -14.686 1.00 35.96 ? 140 LYS A CD  1 
ATOM   1127 C  CE  . LYS A 1 139 ? 2.089   16.123  -15.281 1.00 35.81 ? 140 LYS A CE  1 
ATOM   1128 N  NZ  . LYS A 1 139 ? 2.855   15.000  -15.888 1.00 36.28 ? 140 LYS A NZ  1 
ATOM   1129 N  N   . ILE A 1 140 ? -4.068  16.583  -11.814 1.00 24.95 ? 141 ILE A N   1 
ATOM   1130 C  CA  . ILE A 1 140 ? -5.431  16.075  -11.660 1.00 22.81 ? 141 ILE A CA  1 
ATOM   1131 C  C   . ILE A 1 140 ? -6.370  16.776  -10.678 1.00 20.96 ? 141 ILE A C   1 
ATOM   1132 O  O   . ILE A 1 140 ? -7.517  16.366  -10.526 1.00 18.14 ? 141 ILE A O   1 
ATOM   1133 C  CB  . ILE A 1 140 ? -5.435  14.551  -11.367 1.00 22.34 ? 141 ILE A CB  1 
ATOM   1134 C  CG1 . ILE A 1 140 ? -4.917  14.257  -9.961  1.00 24.04 ? 141 ILE A CG1 1 
ATOM   1135 C  CG2 . ILE A 1 140 ? -4.566  13.837  -12.387 1.00 24.21 ? 141 ILE A CG2 1 
ATOM   1136 C  CD1 . ILE A 1 140 ? -5.053  12.790  -9.579  1.00 22.81 ? 141 ILE A CD1 1 
ATOM   1137 N  N   . ASP A 1 141 ? -5.890  17.813  -9.998  1.00 20.78 ? 142 ASP A N   1 
ATOM   1138 C  CA  . ASP A 1 141 ? -6.752  18.567  -9.090  1.00 20.02 ? 142 ASP A CA  1 
ATOM   1139 C  C   . ASP A 1 141 ? -7.361  19.649  -9.985  1.00 22.10 ? 142 ASP A C   1 
ATOM   1140 O  O   . ASP A 1 141 ? -7.001  20.827  -9.913  1.00 23.23 ? 142 ASP A O   1 
ATOM   1141 C  CB  . ASP A 1 141 ? -5.932  19.190  -7.954  1.00 19.38 ? 142 ASP A CB  1 
ATOM   1142 C  CG  . ASP A 1 141 ? -6.756  20.121  -7.084  1.00 19.97 ? 142 ASP A CG  1 
ATOM   1143 O  OD1 . ASP A 1 141 ? -7.998  19.984  -7.076  1.00 18.60 ? 142 ASP A OD1 1 
ATOM   1144 O  OD2 . ASP A 1 141 ? -6.159  20.983  -6.398  1.00 20.04 ? 142 ASP A OD2 1 
ATOM   1145 N  N   . ILE A 1 142 ? -8.277  19.210  -10.844 1.00 22.38 ? 143 ILE A N   1 
ATOM   1146 C  CA  . ILE A 1 142 ? -8.953  20.055  -11.826 1.00 23.50 ? 143 ILE A CA  1 
ATOM   1147 C  C   . ILE A 1 142 ? -9.405  21.443  -11.378 1.00 22.80 ? 143 ILE A C   1 
ATOM   1148 O  O   . ILE A 1 142 ? -9.106  22.436  -12.041 1.00 24.46 ? 143 ILE A O   1 
ATOM   1149 C  CB  . ILE A 1 142 ? -10.169 19.309  -12.433 1.00 24.46 ? 143 ILE A CB  1 
ATOM   1150 C  CG1 . ILE A 1 142 ? -9.726  17.949  -12.970 1.00 25.55 ? 143 ILE A CG1 1 
ATOM   1151 C  CG2 . ILE A 1 142 ? -10.782 20.126  -13.563 1.00 27.61 ? 143 ILE A CG2 1 
ATOM   1152 C  CD1 . ILE A 1 142 ? -8.589  18.017  -13.976 1.00 25.83 ? 143 ILE A CD1 1 
ATOM   1153 N  N   . ASN A 1 143 ? -10.122 21.531  -10.265 1.00 21.44 ? 144 ASN A N   1 
ATOM   1154 C  CA  . ASN A 1 143 ? -10.592 22.837  -9.805  1.00 20.11 ? 144 ASN A CA  1 
ATOM   1155 C  C   . ASN A 1 143 ? -9.612  23.550  -8.868  1.00 20.12 ? 144 ASN A C   1 
ATOM   1156 O  O   . ASN A 1 143 ? -9.950  24.568  -8.264  1.00 20.61 ? 144 ASN A O   1 
ATOM   1157 C  CB  . ASN A 1 143 ? -11.964 22.694  -9.143  1.00 20.54 ? 144 ASN A CB  1 
ATOM   1158 C  CG  . ASN A 1 143 ? -11.906 21.964  -7.820  1.00 20.69 ? 144 ASN A CG  1 
ATOM   1159 O  OD1 . ASN A 1 143 ? -10.989 21.182  -7.564  1.00 17.92 ? 144 ASN A OD1 1 
ATOM   1160 N  ND2 . ASN A 1 143 ? -12.900 22.208  -6.972  1.00 19.77 ? 144 ASN A ND2 1 
ATOM   1161 N  N   . GLY A 1 144 ? -8.402  23.005  -8.760  1.00 19.07 ? 145 GLY A N   1 
ATOM   1162 C  CA  . GLY A 1 144 ? -7.357  23.586  -7.932  1.00 18.52 ? 145 GLY A CA  1 
ATOM   1163 C  C   . GLY A 1 144 ? -7.684  24.027  -6.514  1.00 17.25 ? 145 GLY A C   1 
ATOM   1164 O  O   . GLY A 1 144 ? -7.221  25.077  -6.073  1.00 17.79 ? 145 GLY A O   1 
ATOM   1165 N  N   . ASP A 1 145 ? -8.453  23.230  -5.782  1.00 17.40 ? 146 ASP A N   1 
ATOM   1166 C  CA  . ASP A 1 145 ? -8.804  23.597  -4.413  1.00 17.35 ? 146 ASP A CA  1 
ATOM   1167 C  C   . ASP A 1 145 ? -7.906  22.957  -3.349  1.00 16.29 ? 146 ASP A C   1 
ATOM   1168 O  O   . ASP A 1 145 ? -8.108  23.166  -2.153  1.00 15.77 ? 146 ASP A O   1 
ATOM   1169 C  CB  . ASP A 1 145 ? -10.275 23.262  -4.138  1.00 15.89 ? 146 ASP A CB  1 
ATOM   1170 C  CG  . ASP A 1 145 ? -10.575 21.780  -4.267  1.00 17.18 ? 146 ASP A CG  1 
ATOM   1171 O  OD1 . ASP A 1 145 ? -9.699  21.022  -4.735  1.00 18.14 ? 146 ASP A OD1 1 
ATOM   1172 O  OD2 . ASP A 1 145 ? -11.696 21.378  -3.906  1.00 17.35 ? 146 ASP A OD2 1 
ATOM   1173 N  N   . GLY A 1 146 ? -6.909  22.189  -3.781  1.00 17.62 ? 147 GLY A N   1 
ATOM   1174 C  CA  . GLY A 1 146 ? -6.010  21.551  -2.832  1.00 14.58 ? 147 GLY A CA  1 
ATOM   1175 C  C   . GLY A 1 146 ? -6.544  20.238  -2.282  1.00 16.84 ? 147 GLY A C   1 
ATOM   1176 O  O   . GLY A 1 146 ? -6.015  19.686  -1.313  1.00 15.95 ? 147 GLY A O   1 
ATOM   1177 N  N   . GLU A 1 147 ? -7.608  19.736  -2.896  1.00 17.59 ? 148 GLU A N   1 
ATOM   1178 C  CA  . GLU A 1 147 ? -8.199  18.480  -2.466  1.00 18.79 ? 148 GLU A CA  1 
ATOM   1179 C  C   . GLU A 1 147 ? -8.518  17.638  -3.689  1.00 18.68 ? 148 GLU A C   1 
ATOM   1180 O  O   . GLU A 1 147 ? -8.842  18.175  -4.743  1.00 17.50 ? 148 GLU A O   1 
ATOM   1181 C  CB  . GLU A 1 147 ? -9.503  18.732  -1.709  1.00 22.45 ? 148 GLU A CB  1 
ATOM   1182 C  CG  . GLU A 1 147 ? -9.403  19.669  -0.523  1.00 26.48 ? 148 GLU A CG  1 
ATOM   1183 C  CD  . GLU A 1 147 ? -10.776 20.000  0.033   1.00 29.58 ? 148 GLU A CD  1 
ATOM   1184 O  OE1 . GLU A 1 147 ? -11.373 21.026  -0.383  1.00 27.09 ? 148 GLU A OE1 1 
ATOM   1185 O  OE2 . GLU A 1 147 ? -11.264 19.213  0.870   1.00 27.59 ? 148 GLU A OE2 1 
ATOM   1186 N  N   . LEU A 1 148 ? -8.412  16.320  -3.549  1.00 17.74 ? 149 LEU A N   1 
ATOM   1187 C  CA  . LEU A 1 148 ? -8.749  15.419  -4.646  1.00 17.98 ? 149 LEU A CA  1 
ATOM   1188 C  C   . LEU A 1 148 ? -10.033 14.675  -4.294  1.00 17.54 ? 149 LEU A C   1 
ATOM   1189 O  O   . LEU A 1 148 ? -10.086 13.957  -3.294  1.00 17.10 ? 149 LEU A O   1 
ATOM   1190 C  CB  . LEU A 1 148 ? -7.646  14.388  -4.882  1.00 18.93 ? 149 LEU A CB  1 
ATOM   1191 C  CG  . LEU A 1 148 ? -6.244  14.875  -5.239  1.00 18.72 ? 149 LEU A CG  1 
ATOM   1192 C  CD1 . LEU A 1 148 ? -5.368  13.660  -5.499  1.00 18.70 ? 149 LEU A CD1 1 
ATOM   1193 C  CD2 . LEU A 1 148 ? -6.292  15.777  -6.466  1.00 20.07 ? 149 LEU A CD2 1 
ATOM   1194 N  N   . SER A 1 149 ? -11.076 14.856  -5.096  1.00 17.40 ? 150 SER A N   1 
ATOM   1195 C  CA  . SER A 1 149 ? -12.323 14.146  -4.854  1.00 18.31 ? 150 SER A CA  1 
ATOM   1196 C  C   . SER A 1 149 ? -12.107 12.749  -5.441  1.00 18.72 ? 150 SER A C   1 
ATOM   1197 O  O   . SER A 1 149 ? -11.144 12.530  -6.186  1.00 16.84 ? 150 SER A O   1 
ATOM   1198 C  CB  . SER A 1 149 ? -13.484 14.831  -5.584  1.00 20.06 ? 150 SER A CB  1 
ATOM   1199 O  OG  . SER A 1 149 ? -13.290 14.776  -6.991  1.00 21.09 ? 150 SER A OG  1 
ATOM   1200 N  N   . LEU A 1 150 ? -12.988 11.814  -5.112  1.00 18.70 ? 151 LEU A N   1 
ATOM   1201 C  CA  . LEU A 1 150 ? -12.880 10.457  -5.646  1.00 22.28 ? 151 LEU A CA  1 
ATOM   1202 C  C   . LEU A 1 150 ? -12.943 10.568  -7.169  1.00 21.10 ? 151 LEU A C   1 
ATOM   1203 O  O   . LEU A 1 150 ? -12.227 9.872   -7.893  1.00 18.15 ? 151 LEU A O   1 
ATOM   1204 C  CB  . LEU A 1 150 ? -14.049 9.585   -5.156  1.00 23.66 ? 151 LEU A CB  1 
ATOM   1205 C  CG  . LEU A 1 150 ? -13.843 8.073   -4.997  1.00 28.04 ? 151 LEU A CG  1 
ATOM   1206 C  CD1 . LEU A 1 150 ? -15.176 7.375   -5.232  1.00 26.73 ? 151 LEU A CD1 1 
ATOM   1207 C  CD2 . LEU A 1 150 ? -12.793 7.546   -5.965  1.00 27.25 ? 151 LEU A CD2 1 
ATOM   1208 N  N   . GLU A 1 151 ? -13.809 11.457  -7.646  1.00 22.32 ? 152 GLU A N   1 
ATOM   1209 C  CA  . GLU A 1 151 ? -13.979 11.671  -9.082  1.00 24.15 ? 152 GLU A CA  1 
ATOM   1210 C  C   . GLU A 1 151 ? -12.683 12.124  -9.756  1.00 22.40 ? 152 GLU A C   1 
ATOM   1211 O  O   . GLU A 1 151 ? -12.262 11.549  -10.759 1.00 22.53 ? 152 GLU A O   1 
ATOM   1212 C  CB  . GLU A 1 151 ? -15.078 12.708  -9.334  1.00 26.86 ? 152 GLU A CB  1 
ATOM   1213 C  CG  . GLU A 1 151 ? -15.491 12.812  -10.793 1.00 33.83 ? 152 GLU A CG  1 
ATOM   1214 C  CD  . GLU A 1 151 ? -16.555 13.867  -11.025 1.00 38.06 ? 152 GLU A CD  1 
ATOM   1215 O  OE1 . GLU A 1 151 ? -16.229 15.072  -10.945 1.00 41.78 ? 152 GLU A OE1 1 
ATOM   1216 O  OE2 . GLU A 1 151 ? -17.721 13.492  -11.277 1.00 42.46 ? 152 GLU A OE2 1 
ATOM   1217 N  N   . GLU A 1 152 ? -12.047 13.155  -9.206  1.00 21.32 ? 153 GLU A N   1 
ATOM   1218 C  CA  . GLU A 1 152 ? -10.803 13.653  -9.778  1.00 21.39 ? 153 GLU A CA  1 
ATOM   1219 C  C   . GLU A 1 152 ? -9.731  12.566  -9.764  1.00 20.41 ? 153 GLU A C   1 
ATOM   1220 O  O   . GLU A 1 152 ? -8.992  12.392  -10.732 1.00 18.48 ? 153 GLU A O   1 
ATOM   1221 C  CB  . GLU A 1 152 ? -10.312 14.879  -9.002  1.00 21.81 ? 153 GLU A CB  1 
ATOM   1222 C  CG  . GLU A 1 152 ? -11.225 16.091  -9.125  1.00 21.93 ? 153 GLU A CG  1 
ATOM   1223 C  CD  . GLU A 1 152 ? -10.798 17.227  -8.224  1.00 21.73 ? 153 GLU A CD  1 
ATOM   1224 O  OE1 . GLU A 1 152 ? -10.446 16.955  -7.057  1.00 20.08 ? 153 GLU A OE1 1 
ATOM   1225 O  OE2 . GLU A 1 152 ? -10.828 18.393  -8.674  1.00 22.29 ? 153 GLU A OE2 1 
ATOM   1226 N  N   . PHE A 1 153 ? -9.662  11.835  -8.658  1.00 20.79 ? 154 PHE A N   1 
ATOM   1227 C  CA  . PHE A 1 153 ? -8.686  10.760  -8.497  1.00 22.86 ? 154 PHE A CA  1 
ATOM   1228 C  C   . PHE A 1 153 ? -8.855  9.708   -9.589  1.00 24.47 ? 154 PHE A C   1 
ATOM   1229 O  O   . PHE A 1 153 ? -7.962  9.496   -10.407 1.00 25.72 ? 154 PHE A O   1 
ATOM   1230 C  CB  . PHE A 1 153 ? -8.858  10.099  -7.126  1.00 20.50 ? 154 PHE A CB  1 
ATOM   1231 C  CG  . PHE A 1 153 ? -7.835  9.038   -6.826  1.00 19.83 ? 154 PHE A CG  1 
ATOM   1232 C  CD1 . PHE A 1 153 ? -6.544  9.387   -6.452  1.00 19.02 ? 154 PHE A CD1 1 
ATOM   1233 C  CD2 . PHE A 1 153 ? -8.167  7.690   -6.913  1.00 20.67 ? 154 PHE A CD2 1 
ATOM   1234 C  CE1 . PHE A 1 153 ? -5.590  8.403   -6.164  1.00 21.09 ? 154 PHE A CE1 1 
ATOM   1235 C  CE2 . PHE A 1 153 ? -7.226  6.699   -6.629  1.00 20.59 ? 154 PHE A CE2 1 
ATOM   1236 C  CZ  . PHE A 1 153 ? -5.936  7.057   -6.253  1.00 21.65 ? 154 PHE A CZ  1 
ATOM   1237 N  N   . MET A 1 154 ? -10.010 9.052   -9.597  1.00 26.39 ? 155 MET A N   1 
ATOM   1238 C  CA  . MET A 1 154 ? -10.280 8.011   -10.580 1.00 29.93 ? 155 MET A CA  1 
ATOM   1239 C  C   . MET A 1 154 ? -10.112 8.495   -12.015 1.00 29.86 ? 155 MET A C   1 
ATOM   1240 O  O   . MET A 1 154 ? -9.451  7.839   -12.822 1.00 29.83 ? 155 MET A O   1 
ATOM   1241 C  CB  . MET A 1 154 ? -11.685 7.442   -10.365 1.00 31.53 ? 155 MET A CB  1 
ATOM   1242 C  CG  . MET A 1 154 ? -11.813 6.676   -9.055  1.00 35.34 ? 155 MET A CG  1 
ATOM   1243 S  SD  . MET A 1 154 ? -13.426 5.923   -8.777  1.00 41.88 ? 155 MET A SD  1 
ATOM   1244 C  CE  . MET A 1 154 ? -13.246 4.415   -9.726  1.00 39.99 ? 155 MET A CE  1 
ATOM   1245 N  N   . GLU A 1 155 ? -10.697 9.648   -12.323 1.00 31.49 ? 156 GLU A N   1 
ATOM   1246 C  CA  . GLU A 1 155 ? -10.610 10.224  -13.662 1.00 32.11 ? 156 GLU A CA  1 
ATOM   1247 C  C   . GLU A 1 155 ? -9.166  10.516  -14.069 1.00 30.97 ? 156 GLU A C   1 
ATOM   1248 O  O   . GLU A 1 155 ? -8.691  10.051  -15.110 1.00 29.84 ? 156 GLU A O   1 
ATOM   1249 C  CB  . GLU A 1 155 ? -11.411 11.529  -13.723 1.00 36.36 ? 156 GLU A CB  1 
ATOM   1250 C  CG  . GLU A 1 155 ? -12.588 11.524  -14.680 1.00 40.72 ? 156 GLU A CG  1 
ATOM   1251 C  CD  . GLU A 1 155 ? -13.716 10.617  -14.229 1.00 43.28 ? 156 GLU A CD  1 
ATOM   1252 O  OE1 . GLU A 1 155 ? -13.520 9.382   -14.222 1.00 44.72 ? 156 GLU A OE1 1 
ATOM   1253 O  OE2 . GLU A 1 155 ? -14.798 11.144  -13.880 1.00 44.14 ? 156 GLU A OE2 1 
ATOM   1254 N  N   . GLY A 1 156 ? -8.474  11.292  -13.241 1.00 27.97 ? 157 GLY A N   1 
ATOM   1255 C  CA  . GLY A 1 156 ? -7.104  11.670  -13.537 1.00 28.25 ? 157 GLY A CA  1 
ATOM   1256 C  C   . GLY A 1 156 ? -6.081  10.553  -13.591 1.00 28.48 ? 157 GLY A C   1 
ATOM   1257 O  O   . GLY A 1 156 ? -5.216  10.533  -14.469 1.00 25.25 ? 157 GLY A O   1 
ATOM   1258 N  N   . VAL A 1 157 ? -6.170  9.619   -12.652 1.00 29.91 ? 158 VAL A N   1 
ATOM   1259 C  CA  . VAL A 1 157 ? -5.222  8.518   -12.614 1.00 32.07 ? 158 VAL A CA  1 
ATOM   1260 C  C   . VAL A 1 157 ? -5.424  7.568   -13.796 1.00 33.62 ? 158 VAL A C   1 
ATOM   1261 O  O   . VAL A 1 157 ? -4.476  6.945   -14.264 1.00 34.92 ? 158 VAL A O   1 
ATOM   1262 C  CB  . VAL A 1 157 ? -5.333  7.754   -11.278 1.00 31.81 ? 158 VAL A CB  1 
ATOM   1263 C  CG1 . VAL A 1 157 ? -4.314  6.651   -11.220 1.00 31.87 ? 158 VAL A CG1 1 
ATOM   1264 C  CG2 . VAL A 1 157 ? -5.114  8.714   -10.122 1.00 31.21 ? 158 VAL A CG2 1 
ATOM   1265 N  N   . GLN A 1 158 ? -6.653  7.470   -14.291 1.00 35.77 ? 159 GLN A N   1 
ATOM   1266 C  CA  . GLN A 1 158 ? -6.934  6.595   -15.426 1.00 38.83 ? 159 GLN A CA  1 
ATOM   1267 C  C   . GLN A 1 158 ? -6.586  7.228   -16.772 1.00 39.73 ? 159 GLN A C   1 
ATOM   1268 O  O   . GLN A 1 158 ? -6.683  6.573   -17.811 1.00 41.12 ? 159 GLN A O   1 
ATOM   1269 C  CB  . GLN A 1 158 ? -8.404  6.177   -15.434 1.00 40.25 ? 159 GLN A CB  1 
ATOM   1270 C  CG  . GLN A 1 158 ? -8.774  5.188   -14.349 1.00 42.86 ? 159 GLN A CG  1 
ATOM   1271 C  CD  . GLN A 1 158 ? -10.181 4.655   -14.513 1.00 45.33 ? 159 GLN A CD  1 
ATOM   1272 O  OE1 . GLN A 1 158 ? -11.154 5.410   -14.462 1.00 46.22 ? 159 GLN A OE1 1 
ATOM   1273 N  NE2 . GLN A 1 158 ? -10.298 3.347   -14.718 1.00 46.88 ? 159 GLN A NE2 1 
ATOM   1274 N  N   . LYS A 1 159 ? -6.184  8.496   -16.758 1.00 39.62 ? 160 LYS A N   1 
ATOM   1275 C  CA  . LYS A 1 159 ? -5.819  9.192   -17.992 1.00 39.21 ? 160 LYS A CA  1 
ATOM   1276 C  C   . LYS A 1 159 ? -4.310  9.375   -18.074 1.00 38.44 ? 160 LYS A C   1 
ATOM   1277 O  O   . LYS A 1 159 ? -3.793  9.951   -19.031 1.00 37.97 ? 160 LYS A O   1 
ATOM   1278 C  CB  . LYS A 1 159 ? -6.502  10.561  -18.056 1.00 39.28 ? 160 LYS A CB  1 
ATOM   1279 C  CG  . LYS A 1 159 ? -8.017  10.494  -18.120 1.00 42.04 ? 160 LYS A CG  1 
ATOM   1280 C  CD  . LYS A 1 159 ? -8.639  11.883  -18.067 1.00 43.19 ? 160 LYS A CD  1 
ATOM   1281 C  CE  . LYS A 1 159 ? -10.160 11.804  -18.106 1.00 45.32 ? 160 LYS A CE  1 
ATOM   1282 N  NZ  . LYS A 1 159 ? -10.807 13.141  -17.967 1.00 46.68 ? 160 LYS A NZ  1 
ATOM   1283 N  N   . ASP A 1 160 ? -3.608  8.875   -17.064 1.00 36.75 ? 161 ASP A N   1 
ATOM   1284 C  CA  . ASP A 1 160 ? -2.159  8.988   -17.006 1.00 35.36 ? 161 ASP A CA  1 
ATOM   1285 C  C   . ASP A 1 160 ? -1.588  7.648   -16.549 1.00 35.68 ? 161 ASP A C   1 
ATOM   1286 O  O   . ASP A 1 160 ? -1.728  7.266   -15.386 1.00 33.58 ? 161 ASP A O   1 
ATOM   1287 C  CB  . ASP A 1 160 ? -1.772  10.094  -16.021 1.00 36.20 ? 161 ASP A CB  1 
ATOM   1288 C  CG  . ASP A 1 160 ? -0.319  10.508  -16.146 1.00 36.09 ? 161 ASP A CG  1 
ATOM   1289 O  OD1 . ASP A 1 160 ? 0.560   9.626   -16.099 1.00 38.60 ? 161 ASP A OD1 1 
ATOM   1290 O  OD2 . ASP A 1 160 ? -0.055  11.723  -16.281 1.00 36.95 ? 161 ASP A OD2 1 
ATOM   1291 N  N   . GLU A 1 161 ? -0.949  6.936   -17.474 1.00 35.57 ? 162 GLU A N   1 
ATOM   1292 C  CA  . GLU A 1 161 ? -0.368  5.632   -17.175 1.00 35.93 ? 162 GLU A CA  1 
ATOM   1293 C  C   . GLU A 1 161 ? 0.646   5.676   -16.041 1.00 34.03 ? 162 GLU A C   1 
ATOM   1294 O  O   . GLU A 1 161 ? 0.765   4.723   -15.268 1.00 34.11 ? 162 GLU A O   1 
ATOM   1295 C  CB  . GLU A 1 161 ? 0.286   5.051   -18.432 1.00 38.45 ? 162 GLU A CB  1 
ATOM   1296 C  CG  . GLU A 1 161 ? -0.692  4.833   -19.575 1.00 42.50 ? 162 GLU A CG  1 
ATOM   1297 C  CD  . GLU A 1 161 ? -1.794  3.853   -19.222 1.00 45.87 ? 162 GLU A CD  1 
ATOM   1298 O  OE1 . GLU A 1 161 ? -2.753  3.726   -20.014 1.00 49.07 ? 162 GLU A OE1 1 
ATOM   1299 O  OE2 . GLU A 1 161 ? -1.704  3.201   -18.157 1.00 47.02 ? 162 GLU A OE2 1 
ATOM   1300 N  N   . VAL A 1 162 ? 1.380   6.778   -15.942 1.00 31.84 ? 163 VAL A N   1 
ATOM   1301 C  CA  . VAL A 1 162 ? 2.375   6.910   -14.891 1.00 30.94 ? 163 VAL A CA  1 
ATOM   1302 C  C   . VAL A 1 162 ? 1.707   7.038   -13.523 1.00 28.92 ? 163 VAL A C   1 
ATOM   1303 O  O   . VAL A 1 162 ? 2.085   6.348   -12.577 1.00 27.00 ? 163 VAL A O   1 
ATOM   1304 C  CB  . VAL A 1 162 ? 3.280   8.137   -15.116 1.00 31.60 ? 163 VAL A CB  1 
ATOM   1305 C  CG1 . VAL A 1 162 ? 4.354   8.188   -14.036 1.00 29.37 ? 163 VAL A CG1 1 
ATOM   1306 C  CG2 . VAL A 1 162 ? 3.919   8.068   -16.499 1.00 31.66 ? 163 VAL A CG2 1 
ATOM   1307 N  N   . LEU A 1 163 ? 0.713   7.915   -13.423 1.00 27.49 ? 164 LEU A N   1 
ATOM   1308 C  CA  . LEU A 1 163 ? 0.018   8.112   -12.156 1.00 27.43 ? 164 LEU A CA  1 
ATOM   1309 C  C   . LEU A 1 163 ? -0.668  6.835   -11.698 1.00 27.48 ? 164 LEU A C   1 
ATOM   1310 O  O   . LEU A 1 163 ? -0.683  6.519   -10.507 1.00 28.32 ? 164 LEU A O   1 
ATOM   1311 C  CB  . LEU A 1 163 ? -1.021  9.230   -12.269 1.00 24.86 ? 164 LEU A CB  1 
ATOM   1312 C  CG  . LEU A 1 163 ? -0.543  10.654  -12.562 1.00 24.01 ? 164 LEU A CG  1 
ATOM   1313 C  CD1 . LEU A 1 163 ? -1.726  11.599  -12.406 1.00 23.79 ? 164 LEU A CD1 1 
ATOM   1314 C  CD2 . LEU A 1 163 ? 0.579   11.054  -11.620 1.00 21.78 ? 164 LEU A CD2 1 
ATOM   1315 N  N   . LEU A 1 164 ? -1.230  6.098   -12.649 1.00 26.72 ? 165 LEU A N   1 
ATOM   1316 C  CA  . LEU A 1 164 ? -1.926  4.857   -12.339 1.00 27.20 ? 165 LEU A CA  1 
ATOM   1317 C  C   . LEU A 1 164 ? -0.977  3.825   -11.722 1.00 27.49 ? 165 LEU A C   1 
ATOM   1318 O  O   . LEU A 1 164 ? -1.299  3.192   -10.711 1.00 27.71 ? 165 LEU A O   1 
ATOM   1319 C  CB  . LEU A 1 164 ? -2.575  4.295   -13.609 1.00 26.24 ? 165 LEU A CB  1 
ATOM   1320 C  CG  . LEU A 1 164 ? -3.518  3.096   -13.457 1.00 24.26 ? 165 LEU A CG  1 
ATOM   1321 C  CD1 . LEU A 1 164 ? -4.719  3.488   -12.613 1.00 22.81 ? 165 LEU A CD1 1 
ATOM   1322 C  CD2 . LEU A 1 164 ? -3.963  2.617   -14.836 1.00 24.90 ? 165 LEU A CD2 1 
ATOM   1323 N  N   . ASP A 1 165 ? 0.197   3.677   -12.321 1.00 26.73 ? 166 ASP A N   1 
ATOM   1324 C  CA  . ASP A 1 165 ? 1.193   2.726   -11.846 1.00 26.76 ? 166 ASP A CA  1 
ATOM   1325 C  C   . ASP A 1 165 ? 1.720   3.081   -10.457 1.00 26.57 ? 166 ASP A C   1 
ATOM   1326 O  O   . ASP A 1 165 ? 1.691   2.257   -9.541  1.00 25.09 ? 166 ASP A O   1 
ATOM   1327 C  CB  . ASP A 1 165 ? 2.361   2.659   -12.833 1.00 27.89 ? 166 ASP A CB  1 
ATOM   1328 C  CG  . ASP A 1 165 ? 3.452   1.707   -12.384 1.00 30.64 ? 166 ASP A CG  1 
ATOM   1329 O  OD1 . ASP A 1 165 ? 3.176   0.499   -12.253 1.00 33.24 ? 166 ASP A OD1 1 
ATOM   1330 O  OD2 . ASP A 1 165 ? 4.588   2.170   -12.159 1.00 35.73 ? 166 ASP A OD2 1 
ATOM   1331 N  N   . ILE A 1 166 ? 2.199   4.310   -10.303 1.00 25.45 ? 167 ILE A N   1 
ATOM   1332 C  CA  . ILE A 1 166 ? 2.747   4.756   -9.030  1.00 24.67 ? 167 ILE A CA  1 
ATOM   1333 C  C   . ILE A 1 166 ? 1.707   4.867   -7.908  1.00 23.44 ? 167 ILE A C   1 
ATOM   1334 O  O   . ILE A 1 166 ? 1.987   4.509   -6.766  1.00 21.16 ? 167 ILE A O   1 
ATOM   1335 C  CB  . ILE A 1 166 ? 3.469   6.125   -9.181  1.00 26.05 ? 167 ILE A CB  1 
ATOM   1336 C  CG1 . ILE A 1 166 ? 4.753   5.959   -10.002 1.00 28.22 ? 167 ILE A CG1 1 
ATOM   1337 C  CG2 . ILE A 1 166 ? 3.830   6.687   -7.814  1.00 24.37 ? 167 ILE A CG2 1 
ATOM   1338 C  CD1 . ILE A 1 166 ? 4.538   5.495   -11.429 1.00 33.72 ? 167 ILE A CD1 1 
ATOM   1339 N  N   . LEU A 1 167 ? 0.512   5.348   -8.236  1.00 21.75 ? 168 LEU A N   1 
ATOM   1340 C  CA  . LEU A 1 167 ? -0.531  5.527   -7.229  1.00 21.38 ? 168 LEU A CA  1 
ATOM   1341 C  C   . LEU A 1 167 ? -1.394  4.313   -6.906  1.00 20.78 ? 168 LEU A C   1 
ATOM   1342 O  O   . LEU A 1 167 ? -1.984  4.259   -5.824  1.00 20.79 ? 168 LEU A O   1 
ATOM   1343 C  CB  . LEU A 1 167 ? -1.454  6.694   -7.617  1.00 20.59 ? 168 LEU A CB  1 
ATOM   1344 C  CG  . LEU A 1 167 ? -0.881  8.115   -7.607  1.00 21.44 ? 168 LEU A CG  1 
ATOM   1345 C  CD1 . LEU A 1 167 ? -1.976  9.109   -8.002  1.00 20.16 ? 168 LEU A CD1 1 
ATOM   1346 C  CD2 . LEU A 1 167 ? -0.337  8.442   -6.218  1.00 20.65 ? 168 LEU A CD2 1 
ATOM   1347 N  N   . THR A 1 168 ? -1.480  3.342   -7.811  1.00 20.47 ? 169 THR A N   1 
ATOM   1348 C  CA  . THR A 1 168 ? -2.327  2.182   -7.541  1.00 22.05 ? 169 THR A CA  1 
ATOM   1349 C  C   . THR A 1 168 ? -1.703  0.794   -7.703  1.00 22.64 ? 169 THR A C   1 
ATOM   1350 O  O   . THR A 1 168 ? -2.418  -0.206  -7.761  1.00 22.06 ? 169 THR A O   1 
ATOM   1351 C  CB  . THR A 1 168 ? -3.634  2.243   -8.374  1.00 22.86 ? 169 THR A CB  1 
ATOM   1352 O  OG1 . THR A 1 168 ? -3.339  2.080   -9.766  1.00 25.97 ? 169 THR A OG1 1 
ATOM   1353 C  CG2 . THR A 1 168 ? -4.328  3.586   -8.171  1.00 21.78 ? 169 THR A CG2 1 
ATOM   1354 N  N   . ARG A 1 169 ? -0.377  0.722   -7.759  1.00 22.22 ? 170 ARG A N   1 
ATOM   1355 C  CA  . ARG A 1 169 ? 0.292   -0.574  -7.886  1.00 24.18 ? 170 ARG A CA  1 
ATOM   1356 C  C   . ARG A 1 169 ? 1.451   -0.685  -6.907  1.00 21.87 ? 170 ARG A C   1 
ATOM   1357 O  O   . ARG A 1 169 ? 2.126   -1.709  -6.844  1.00 23.66 ? 170 ARG A O   1 
ATOM   1358 C  CB  . ARG A 1 169 ? 0.822   -0.779  -9.304  1.00 26.68 ? 170 ARG A CB  1 
ATOM   1359 C  CG  . ARG A 1 169 ? -0.217  -0.658  -10.388 1.00 30.44 ? 170 ARG A CG  1 
ATOM   1360 C  CD  . ARG A 1 169 ? 0.441   -0.791  -11.744 1.00 36.42 ? 170 ARG A CD  1 
ATOM   1361 N  NE  . ARG A 1 169 ? -0.431  -0.344  -12.824 1.00 41.03 ? 170 ARG A NE  1 
ATOM   1362 C  CZ  . ARG A 1 169 ? -0.044  -0.235  -14.088 1.00 41.52 ? 170 ARG A CZ  1 
ATOM   1363 N  NH1 . ARG A 1 169 ? 1.202   -0.545  -14.424 1.00 43.17 ? 170 ARG A NH1 1 
ATOM   1364 N  NH2 . ARG A 1 169 ? -0.895  0.186   -15.010 1.00 42.49 ? 170 ARG A NH2 1 
ATOM   1365 N  N   . SER A 1 170 ? 1.677   0.376   -6.146  1.00 21.16 ? 171 SER A N   1 
ATOM   1366 C  CA  . SER A 1 170 ? 2.754   0.407   -5.170  1.00 23.16 ? 171 SER A CA  1 
ATOM   1367 C  C   . SER A 1 170 ? 2.577   -0.653  -4.088  1.00 22.50 ? 171 SER A C   1 
ATOM   1368 O  O   . SER A 1 170 ? 3.543   -1.051  -3.436  1.00 23.35 ? 171 SER A O   1 
ATOM   1369 C  CB  . SER A 1 170 ? 2.832   1.792   -4.527  1.00 25.67 ? 171 SER A CB  1 
ATOM   1370 O  OG  . SER A 1 170 ? 1.566   2.176   -4.016  1.00 30.22 ? 171 SER A OG  1 
ATOM   1371 N  N   . LEU A 1 171 ? 1.350   -1.115  -3.890  1.00 21.93 ? 172 LEU A N   1 
ATOM   1372 C  CA  . LEU A 1 171 ? 1.112   -2.124  -2.864  1.00 22.03 ? 172 LEU A CA  1 
ATOM   1373 C  C   . LEU A 1 171 ? 0.897   -3.534  -3.425  1.00 19.28 ? 172 LEU A C   1 
ATOM   1374 O  O   . LEU A 1 171 ? 0.462   -4.426  -2.706  1.00 19.50 ? 172 LEU A O   1 
ATOM   1375 C  CB  . LEU A 1 171 ? -0.065  -1.704  -1.968  1.00 22.45 ? 172 LEU A CB  1 
ATOM   1376 C  CG  . LEU A 1 171 ? 0.200   -0.461  -1.102  1.00 23.80 ? 172 LEU A CG  1 
ATOM   1377 C  CD1 . LEU A 1 171 ? -1.074  -0.016  -0.397  1.00 25.27 ? 172 LEU A CD1 1 
ATOM   1378 C  CD2 . LEU A 1 171 ? 1.281   -0.771  -0.087  1.00 24.96 ? 172 LEU A CD2 1 
ATOM   1379 N  N   . ASP A 1 172 ? 1.189   -3.729  -4.709  1.00 20.18 ? 173 ASP A N   1 
ATOM   1380 C  CA  . ASP A 1 172 ? 1.068   -5.056  -5.318  1.00 18.95 ? 173 ASP A CA  1 
ATOM   1381 C  C   . ASP A 1 172 ? 2.036   -5.927  -4.522  1.00 17.79 ? 173 ASP A C   1 
ATOM   1382 O  O   . ASP A 1 172 ? 3.139   -5.484  -4.203  1.00 16.87 ? 173 ASP A O   1 
ATOM   1383 C  CB  . ASP A 1 172 ? 1.522   -5.034  -6.783  1.00 22.18 ? 173 ASP A CB  1 
ATOM   1384 C  CG  . ASP A 1 172 ? 0.445   -4.549  -7.734  1.00 22.60 ? 173 ASP A CG  1 
ATOM   1385 O  OD1 . ASP A 1 172 ? -0.558  -3.976  -7.270  1.00 25.34 ? 173 ASP A OD1 1 
ATOM   1386 O  OD2 . ASP A 1 172 ? 0.615   -4.741  -8.959  1.00 23.92 ? 173 ASP A OD2 1 
ATOM   1387 N  N   . LEU A 1 173 ? 1.636   -7.153  -4.202  1.00 17.85 ? 174 LEU A N   1 
ATOM   1388 C  CA  . LEU A 1 173 ? 2.507   -8.041  -3.436  1.00 18.27 ? 174 LEU A CA  1 
ATOM   1389 C  C   . LEU A 1 173 ? 3.905   -8.136  -4.049  1.00 19.22 ? 174 LEU A C   1 
ATOM   1390 O  O   . LEU A 1 173 ? 4.911   -8.016  -3.341  1.00 18.69 ? 174 LEU A O   1 
ATOM   1391 C  CB  . LEU A 1 173 ? 1.895   -9.447  -3.341  1.00 17.48 ? 174 LEU A CB  1 
ATOM   1392 C  CG  . LEU A 1 173 ? 2.626   -10.424 -2.410  1.00 18.58 ? 174 LEU A CG  1 
ATOM   1393 C  CD1 . LEU A 1 173 ? 2.572   -9.914  -0.968  1.00 18.23 ? 174 LEU A CD1 1 
ATOM   1394 C  CD2 . LEU A 1 173 ? 1.984   -11.801 -2.505  1.00 19.80 ? 174 LEU A CD2 1 
ATOM   1395 N  N   . THR A 1 174 ? 3.970   -8.352  -5.361  1.00 18.59 ? 175 THR A N   1 
ATOM   1396 C  CA  . THR A 1 174 ? 5.261   -8.471  -6.032  1.00 19.92 ? 175 THR A CA  1 
ATOM   1397 C  C   . THR A 1 174 ? 6.119   -7.205  -5.892  1.00 21.66 ? 175 THR A C   1 
ATOM   1398 O  O   . THR A 1 174 ? 7.341   -7.288  -5.729  1.00 20.89 ? 175 THR A O   1 
ATOM   1399 C  CB  . THR A 1 174 ? 5.088   -8.819  -7.538  1.00 20.01 ? 175 THR A CB  1 
ATOM   1400 O  OG1 . THR A 1 174 ? 4.295   -7.817  -8.183  1.00 21.11 ? 175 THR A OG1 1 
ATOM   1401 C  CG2 . THR A 1 174 ? 4.397   -10.173 -7.698  1.00 19.68 ? 175 THR A CG2 1 
ATOM   1402 N  N   . HIS A 1 175 ? 5.485   -6.038  -5.932  1.00 23.18 ? 176 HIS A N   1 
ATOM   1403 C  CA  . HIS A 1 175 ? 6.223   -4.779  -5.815  1.00 24.61 ? 176 HIS A CA  1 
ATOM   1404 C  C   . HIS A 1 175 ? 6.754   -4.563  -4.401  1.00 24.54 ? 176 HIS A C   1 
ATOM   1405 O  O   . HIS A 1 175 ? 7.841   -4.012  -4.212  1.00 25.74 ? 176 HIS A O   1 
ATOM   1406 C  CB  . HIS A 1 175 ? 5.329   -3.612  -6.246  1.00 26.89 ? 176 HIS A CB  1 
ATOM   1407 C  CG  . HIS A 1 175 ? 4.886   -3.697  -7.675  1.00 31.76 ? 176 HIS A CG  1 
ATOM   1408 N  ND1 . HIS A 1 175 ? 3.865   -2.927  -8.188  1.00 31.44 ? 176 HIS A ND1 1 
ATOM   1409 C  CD2 . HIS A 1 175 ? 5.321   -4.473  -8.697  1.00 31.96 ? 176 HIS A CD2 1 
ATOM   1410 C  CE1 . HIS A 1 175 ? 3.687   -3.227  -9.463  1.00 31.23 ? 176 HIS A CE1 1 
ATOM   1411 N  NE2 . HIS A 1 175 ? 4.559   -4.163  -9.796  1.00 31.77 ? 176 HIS A NE2 1 
ATOM   1412 N  N   . ILE A 1 176 ? 5.989   -5.014  -3.412  1.00 23.71 ? 177 ILE A N   1 
ATOM   1413 C  CA  . ILE A 1 176 ? 6.382   -4.892  -2.013  1.00 23.96 ? 177 ILE A CA  1 
ATOM   1414 C  C   . ILE A 1 176 ? 7.627   -5.723  -1.720  1.00 25.69 ? 177 ILE A C   1 
ATOM   1415 O  O   . ILE A 1 176 ? 8.606   -5.221  -1.163  1.00 24.48 ? 177 ILE A O   1 
ATOM   1416 C  CB  . ILE A 1 176 ? 5.256   -5.374  -1.072  1.00 24.89 ? 177 ILE A CB  1 
ATOM   1417 C  CG1 . ILE A 1 176 ? 4.029   -4.475  -1.220  1.00 23.41 ? 177 ILE A CG1 1 
ATOM   1418 C  CG2 . ILE A 1 176 ? 5.755   -5.401  0.376   1.00 25.82 ? 177 ILE A CG2 1 
ATOM   1419 C  CD1 . ILE A 1 176 ? 2.864   -4.860  -0.323  1.00 22.98 ? 177 ILE A CD1 1 
ATOM   1420 N  N   . VAL A 1 177 ? 7.586   -7.000  -2.089  1.00 26.05 ? 178 VAL A N   1 
ATOM   1421 C  CA  . VAL A 1 177 ? 8.717   -7.889  -1.840  1.00 26.55 ? 178 VAL A CA  1 
ATOM   1422 C  C   . VAL A 1 177 ? 9.940   -7.431  -2.619  1.00 28.13 ? 178 VAL A C   1 
ATOM   1423 O  O   . VAL A 1 177 ? 11.058  -7.463  -2.102  1.00 28.46 ? 178 VAL A O   1 
ATOM   1424 C  CB  . VAL A 1 177 ? 8.383   -9.354  -2.227  1.00 25.78 ? 178 VAL A CB  1 
ATOM   1425 C  CG1 . VAL A 1 177 ? 9.578   -10.260 -1.930  1.00 23.83 ? 178 VAL A CG1 1 
ATOM   1426 C  CG2 . VAL A 1 177 ? 7.168   -9.830  -1.449  1.00 26.53 ? 178 VAL A CG2 1 
ATOM   1427 N  N   . LYS A 1 178 ? 9.720   -6.996  -3.856  1.00 30.72 ? 179 LYS A N   1 
ATOM   1428 C  CA  . LYS A 1 178 ? 10.803  -6.522  -4.716  1.00 34.45 ? 179 LYS A CA  1 
ATOM   1429 C  C   . LYS A 1 178 ? 11.424  -5.290  -4.067  1.00 36.87 ? 179 LYS A C   1 
ATOM   1430 O  O   . LYS A 1 178 ? 12.613  -5.015  -4.221  1.00 37.18 ? 179 LYS A O   1 
ATOM   1431 C  CB  . LYS A 1 178 ? 10.254  -6.155  -6.098  1.00 35.22 ? 179 LYS A CB  1 
ATOM   1432 C  CG  . LYS A 1 178 ? 11.178  -6.447  -7.280  1.00 40.35 ? 179 LYS A CG  1 
ATOM   1433 C  CD  . LYS A 1 178 ? 12.532  -5.747  -7.176  1.00 42.83 ? 179 LYS A CD  1 
ATOM   1434 C  CE  . LYS A 1 178 ? 13.548  -6.580  -6.397  1.00 44.42 ? 179 LYS A CE  1 
ATOM   1435 N  NZ  . LYS A 1 178 ? 14.841  -5.857  -6.195  1.00 45.68 ? 179 LYS A NZ  1 
ATOM   1436 N  N   . LEU A 1 179 ? 10.605  -4.554  -3.328  1.00 40.03 ? 180 LEU A N   1 
ATOM   1437 C  CA  . LEU A 1 179 ? 11.071  -3.353  -2.657  1.00 44.51 ? 180 LEU A CA  1 
ATOM   1438 C  C   . LEU A 1 179 ? 11.831  -3.745  -1.392  1.00 47.24 ? 180 LEU A C   1 
ATOM   1439 O  O   . LEU A 1 179 ? 12.872  -3.170  -1.080  1.00 47.23 ? 180 LEU A O   1 
ATOM   1440 C  CB  . LEU A 1 179 ? 9.876   -2.460  -2.311  1.00 44.73 ? 180 LEU A CB  1 
ATOM   1441 C  CG  . LEU A 1 179 ? 10.117  -0.964  -2.118  1.00 45.82 ? 180 LEU A CG  1 
ATOM   1442 C  CD1 . LEU A 1 179 ? 8.773   -0.256  -1.997  1.00 46.97 ? 180 LEU A CD1 1 
ATOM   1443 C  CD2 . LEU A 1 179 ? 10.977  -0.716  -0.889  1.00 47.45 ? 180 LEU A CD2 1 
ATOM   1444 N  N   . ILE A 1 180 ? 11.314  -4.739  -0.678  1.00 50.01 ? 181 ILE A N   1 
ATOM   1445 C  CA  . ILE A 1 180 ? 11.945  -5.200  0.551   1.00 53.17 ? 181 ILE A CA  1 
ATOM   1446 C  C   . ILE A 1 180 ? 13.380  -5.655  0.300   1.00 56.36 ? 181 ILE A C   1 
ATOM   1447 O  O   . ILE A 1 180 ? 14.324  -4.971  0.690   1.00 57.11 ? 181 ILE A O   1 
ATOM   1448 C  CB  . ILE A 1 180 ? 11.140  -6.349  1.192   1.00 52.28 ? 181 ILE A CB  1 
ATOM   1449 C  CG1 . ILE A 1 180 ? 9.746   -5.846  1.576   1.00 51.44 ? 181 ILE A CG1 1 
ATOM   1450 C  CG2 . ILE A 1 180 ? 11.863  -6.872  2.427   1.00 52.75 ? 181 ILE A CG2 1 
ATOM   1451 C  CD1 . ILE A 1 180 ? 8.854   -6.900  2.184   1.00 49.70 ? 181 ILE A CD1 1 
ATOM   1452 N  N   . GLN A 1 181 ? 13.551  -6.806  -0.343  1.00 59.88 ? 182 GLN A N   1 
ATOM   1453 C  CA  . GLN A 1 181 ? 14.895  -7.293  -0.630  1.00 63.18 ? 182 GLN A CA  1 
ATOM   1454 C  C   . GLN A 1 181 ? 15.504  -6.431  -1.726  1.00 64.30 ? 182 GLN A C   1 
ATOM   1455 O  O   . GLN A 1 181 ? 15.615  -6.848  -2.879  1.00 64.61 ? 182 GLN A O   1 
ATOM   1456 C  CB  . GLN A 1 181 ? 14.866  -8.758  -1.072  1.00 65.17 ? 182 GLN A CB  1 
ATOM   1457 C  CG  . GLN A 1 181 ? 16.240  -9.306  -1.469  1.00 67.60 ? 182 GLN A CG  1 
ATOM   1458 C  CD  . GLN A 1 181 ? 17.277  -9.203  -0.356  1.00 68.44 ? 182 GLN A CD  1 
ATOM   1459 O  OE1 . GLN A 1 181 ? 18.460  -9.465  -0.575  1.00 69.00 ? 182 GLN A OE1 1 
ATOM   1460 N  NE2 . GLN A 1 181 ? 16.836  -8.828  0.841   1.00 68.88 ? 182 GLN A NE2 1 
ATOM   1461 N  N   . ASN A 1 182 ? 15.892  -5.220  -1.346  1.00 65.76 ? 183 ASN A N   1 
ATOM   1462 C  CA  . ASN A 1 182 ? 16.483  -4.264  -2.269  1.00 66.91 ? 183 ASN A CA  1 
ATOM   1463 C  C   . ASN A 1 182 ? 16.930  -3.049  -1.464  1.00 68.13 ? 183 ASN A C   1 
ATOM   1464 O  O   . ASN A 1 182 ? 17.569  -2.137  -1.992  1.00 68.70 ? 183 ASN A O   1 
ATOM   1465 C  CB  . ASN A 1 182 ? 15.451  -3.853  -3.321  1.00 67.57 ? 183 ASN A CB  1 
ATOM   1466 C  CG  . ASN A 1 182 ? 16.029  -2.941  -4.380  1.00 68.09 ? 183 ASN A CG  1 
ATOM   1467 O  OD1 . ASN A 1 182 ? 16.954  -3.314  -5.100  1.00 68.05 ? 183 ASN A OD1 1 
ATOM   1468 N  ND2 . ASN A 1 182 ? 15.483  -1.735  -4.482  1.00 69.18 ? 183 ASN A ND2 1 
ATOM   1469 N  N   . ASP A 1 183 ? 16.583  -3.049  -0.178  1.00 68.64 ? 184 ASP A N   1 
ATOM   1470 C  CA  . ASP A 1 183 ? 16.944  -1.964  0.729   1.00 69.27 ? 184 ASP A CA  1 
ATOM   1471 C  C   . ASP A 1 183 ? 18.124  -2.374  1.605   1.00 69.46 ? 184 ASP A C   1 
ATOM   1472 O  O   . ASP A 1 183 ? 18.608  -1.584  2.419   1.00 69.80 ? 184 ASP A O   1 
ATOM   1473 C  CB  . ASP A 1 183 ? 15.757  -1.591  1.623   1.00 69.69 ? 184 ASP A CB  1 
ATOM   1474 C  CG  . ASP A 1 183 ? 14.644  -0.896  0.863   1.00 70.23 ? 184 ASP A CG  1 
ATOM   1475 O  OD1 . ASP A 1 183 ? 14.892  0.196   0.308   1.00 71.37 ? 184 ASP A OD1 1 
ATOM   1476 O  OD2 . ASP A 1 183 ? 13.520  -1.438  0.824   1.00 70.16 ? 184 ASP A OD2 1 
ATOM   1477 N  N   . GLY A 1 184 ? 18.581  -3.611  1.437   1.00 69.56 ? 185 GLY A N   1 
ATOM   1478 C  CA  . GLY A 1 184 ? 19.699  -4.095  2.226   1.00 69.96 ? 185 GLY A CA  1 
ATOM   1479 C  C   . GLY A 1 184 ? 20.309  -5.377  1.692   1.00 70.26 ? 185 GLY A C   1 
ATOM   1480 O  O   . GLY A 1 184 ? 19.822  -5.893  0.664   1.00 70.18 ? 185 GLY A O   1 
HETATM 1481 CA CA  . CA  B 2 .   ? -5.792  -2.036  13.937  1.00 16.59 ? 500 CA  A CA  1 
HETATM 1482 CA CA  . CA  C 2 .   ? -8.885  13.714  3.726   1.00 16.55 ? 501 CA  A CA  1 
HETATM 1483 CA CA  . CA  D 2 .   ? -10.087 19.294  -6.318  1.00 19.05 ? 502 CA  A CA  1 
HETATM 1484 C  C1  . MYR E 3 .   ? 9.660   -12.550 1.402   1.00 36.95 ? 1   MYR A C1  1 
HETATM 1485 O  O1  . MYR E 3 .   ? 9.828   -12.992 0.388   1.00 37.78 ? 1   MYR A O1  1 
HETATM 1486 C  C2  . MYR E 3 .   ? 8.291   -12.505 2.111   1.00 37.55 ? 1   MYR A C2  1 
HETATM 1487 C  C3  . MYR E 3 .   ? 7.186   -13.125 1.236   1.00 37.38 ? 1   MYR A C3  1 
HETATM 1488 C  C4  . MYR E 3 .   ? 5.803   -12.771 1.810   1.00 36.86 ? 1   MYR A C4  1 
HETATM 1489 C  C5  . MYR E 3 .   ? 5.459   -11.297 1.525   1.00 38.66 ? 1   MYR A C5  1 
HETATM 1490 C  C6  . MYR E 3 .   ? 4.779   -10.716 2.765   1.00 38.60 ? 1   MYR A C6  1 
HETATM 1491 C  C7  . MYR E 3 .   ? 4.459   -9.232  2.574   1.00 39.46 ? 1   MYR A C7  1 
HETATM 1492 C  C8  . MYR E 3 .   ? 3.062   -8.981  3.151   1.00 40.61 ? 1   MYR A C8  1 
HETATM 1493 C  C9  . MYR E 3 .   ? 2.677   -7.498  3.006   1.00 40.52 ? 1   MYR A C9  1 
HETATM 1494 C  C10 . MYR E 3 .   ? 1.259   -7.331  2.402   1.00 38.66 ? 1   MYR A C10 1 
HETATM 1495 C  C11 . MYR E 3 .   ? 0.213   -8.223  3.101   1.00 38.66 ? 1   MYR A C11 1 
HETATM 1496 C  C12 . MYR E 3 .   ? -0.412  -7.487  4.286   1.00 36.84 ? 1   MYR A C12 1 
HETATM 1497 C  C13 . MYR E 3 .   ? -1.530  -8.352  4.866   1.00 35.18 ? 1   MYR A C13 1 
HETATM 1498 C  C14 . MYR E 3 .   ? -2.157  -7.626  6.055   1.00 36.27 ? 1   MYR A C14 1 
HETATM 1499 C  C1  . BME F 4 .   ? -9.384  -11.090 -0.668  1.00 28.24 ? 300 BME A C1  1 
HETATM 1500 C  C2  . BME F 4 .   ? -8.674  -10.580 0.582   1.00 25.23 ? 300 BME A C2  1 
HETATM 1501 O  O1  . BME F 4 .   ? -8.488  -11.102 -1.774  1.00 29.06 ? 300 BME A O1  1 
HETATM 1502 S  S2  . BME F 4 .   ? -8.006  -11.983 1.524   1.00 23.33 ? 300 BME A S2  1 
HETATM 1503 C  C1  . BME G 4 .   ? 1.894   -15.053 15.617  1.00 41.38 ? 301 BME A C1  1 
HETATM 1504 C  C2  . BME G 4 .   ? 0.436   -14.927 16.067  1.00 38.34 ? 301 BME A C2  1 
HETATM 1505 O  O1  . BME G 4 .   ? 1.959   -15.726 14.354  1.00 43.97 ? 301 BME A O1  1 
HETATM 1506 S  S2  . BME G 4 .   ? -0.350  -13.526 15.216  1.00 35.25 ? 301 BME A S2  1 
HETATM 1507 C  C1  . BME H 4 .   ? -13.767 18.586  -1.624  1.00 29.02 ? 302 BME A C1  1 
HETATM 1508 C  C2  . BME H 4 .   ? -13.052 17.517  -2.448  1.00 27.45 ? 302 BME A C2  1 
HETATM 1509 O  O1  . BME H 4 .   ? -15.151 18.601  -1.963  1.00 32.22 ? 302 BME A O1  1 
HETATM 1510 S  S2  . BME H 4 .   ? -13.499 15.864  -1.847  1.00 25.69 ? 302 BME A S2  1 
HETATM 1511 C  C1  . BME I 4 .   ? 6.670   10.890  -12.155 1.00 58.60 ? 303 BME A C1  1 
HETATM 1512 C  C2  . BME I 4 .   ? 7.736   9.796   -12.164 1.00 57.53 ? 303 BME A C2  1 
HETATM 1513 O  O1  . BME I 4 .   ? 6.056   10.969  -13.445 1.00 59.83 ? 303 BME A O1  1 
HETATM 1514 S  S2  . BME I 4 .   ? 7.110   8.335   -11.289 1.00 56.21 ? 303 BME A S2  1 
HETATM 1515 O  O   . HOH J 5 .   ? -4.425  21.774  -10.486 1.00 2.36  ? 503 HOH A O   1 
HETATM 1516 O  O   . HOH J 5 .   ? -9.348  6.546   5.217   1.00 6.97  ? 504 HOH A O   1 
HETATM 1517 O  O   . HOH J 5 .   ? -7.292  -3.448  15.089  1.00 18.06 ? 505 HOH A O   1 
HETATM 1518 O  O   . HOH J 5 .   ? 13.640  -20.223 1.221   1.00 24.86 ? 506 HOH A O   1 
HETATM 1519 O  O   . HOH J 5 .   ? -17.002 12.676  -13.680 1.00 28.00 ? 507 HOH A O   1 
HETATM 1520 O  O   . HOH J 5 .   ? 4.135   -9.059  19.577  1.00 12.01 ? 508 HOH A O   1 
HETATM 1521 O  O   . HOH J 5 .   ? -13.787 22.875  -3.203  1.00 36.29 ? 509 HOH A O   1 
HETATM 1522 O  O   . HOH J 5 .   ? -4.030  22.249  -7.387  1.00 24.43 ? 510 HOH A O   1 
HETATM 1523 O  O   . HOH J 5 .   ? -2.139  -2.944  -5.434  1.00 20.30 ? 511 HOH A O   1 
HETATM 1524 O  O   . HOH J 5 .   ? -12.254 19.171  -5.242  1.00 16.92 ? 512 HOH A O   1 
HETATM 1525 O  O   . HOH J 5 .   ? -8.297  0.957   1.505   1.00 21.17 ? 513 HOH A O   1 
HETATM 1526 O  O   . HOH J 5 .   ? -10.735 -17.249 -1.068  1.00 20.78 ? 514 HOH A O   1 
HETATM 1527 O  O   . HOH J 5 .   ? 3.976   -12.004 20.211  1.00 14.61 ? 515 HOH A O   1 
HETATM 1528 O  O   . HOH J 5 .   ? 5.233   -17.719 -10.540 1.00 21.94 ? 516 HOH A O   1 
HETATM 1529 O  O   . HOH J 5 .   ? -9.015  14.826  -12.274 1.00 20.38 ? 517 HOH A O   1 
HETATM 1530 O  O   . HOH J 5 .   ? -14.781 12.276  -3.200  1.00 18.31 ? 518 HOH A O   1 
HETATM 1531 O  O   . HOH J 5 .   ? -2.817  16.950  5.779   1.00 28.91 ? 519 HOH A O   1 
HETATM 1532 O  O   . HOH J 5 .   ? -4.955  25.166  -4.361  1.00 12.87 ? 520 HOH A O   1 
HETATM 1533 O  O   . HOH J 5 .   ? 8.548   -9.816  -5.940  1.00 25.50 ? 521 HOH A O   1 
HETATM 1534 O  O   . HOH J 5 .   ? 13.021  -7.027  10.007  1.00 28.49 ? 522 HOH A O   1 
HETATM 1535 O  O   . HOH J 5 .   ? 7.567   7.598   -1.902  1.00 23.47 ? 523 HOH A O   1 
HETATM 1536 O  O   . HOH J 5 .   ? 4.321   -18.046 8.605   1.00 27.29 ? 524 HOH A O   1 
HETATM 1537 O  O   . HOH J 5 .   ? -6.168  5.846   5.875   1.00 35.26 ? 525 HOH A O   1 
HETATM 1538 O  O   . HOH J 5 .   ? -5.733  17.187  6.765   1.00 30.63 ? 526 HOH A O   1 
HETATM 1539 O  O   . HOH J 5 .   ? -10.322 23.689  -0.548  1.00 19.64 ? 527 HOH A O   1 
HETATM 1540 O  O   . HOH J 5 .   ? -0.719  -0.774  21.015  1.00 28.80 ? 528 HOH A O   1 
HETATM 1541 O  O   . HOH J 5 .   ? -5.517  14.048  7.282   1.00 22.66 ? 529 HOH A O   1 
HETATM 1542 O  O   . HOH J 5 .   ? -1.100  -19.154 -7.694  1.00 23.54 ? 530 HOH A O   1 
HETATM 1543 O  O   . HOH J 5 .   ? 5.669   -13.895 18.804  1.00 22.49 ? 531 HOH A O   1 
HETATM 1544 O  O   . HOH J 5 .   ? 1.550   -8.687  -7.045  1.00 27.17 ? 532 HOH A O   1 
HETATM 1545 O  O   . HOH J 5 .   ? 1.149   -18.027 -12.301 1.00 36.14 ? 533 HOH A O   1 
HETATM 1546 O  O   . HOH J 5 .   ? -8.062  -13.751 -3.352  1.00 32.63 ? 534 HOH A O   1 
HETATM 1547 O  O   . HOH J 5 .   ? -6.354  27.334  -7.501  1.00 24.68 ? 535 HOH A O   1 
HETATM 1548 O  O   . HOH J 5 .   ? 7.301   -11.301 -8.155  1.00 24.32 ? 536 HOH A O   1 
HETATM 1549 O  O   . HOH J 5 .   ? 7.530   -16.210 4.089   1.00 26.15 ? 537 HOH A O   1 
HETATM 1550 O  O   . HOH J 5 .   ? 4.659   -0.281  -1.043  1.00 26.98 ? 538 HOH A O   1 
HETATM 1551 O  O   . HOH J 5 .   ? -12.526 8.234   1.798   1.00 18.92 ? 539 HOH A O   1 
HETATM 1552 O  O   . HOH J 5 .   ? -1.313  -7.699  -6.704  1.00 26.09 ? 540 HOH A O   1 
HETATM 1553 O  O   . HOH J 5 .   ? 1.169   5.174   7.279   1.00 25.57 ? 541 HOH A O   1 
HETATM 1554 O  O   . HOH J 5 .   ? -4.249  -22.043 4.333   1.00 27.11 ? 542 HOH A O   1 
HETATM 1555 O  O   . HOH J 5 .   ? -6.437  -22.945 -3.008  1.00 38.83 ? 543 HOH A O   1 
HETATM 1556 O  O   . HOH J 5 .   ? 13.458  -0.835  -6.095  1.00 55.18 ? 544 HOH A O   1 
HETATM 1557 O  O   . HOH J 5 .   ? 0.224   1.156   13.848  1.00 25.22 ? 545 HOH A O   1 
HETATM 1558 O  O   . HOH J 5 .   ? -13.060 19.042  -10.041 1.00 23.43 ? 546 HOH A O   1 
HETATM 1559 O  O   . HOH J 5 .   ? 0.589   24.182  -10.600 1.00 37.77 ? 547 HOH A O   1 
HETATM 1560 O  O   . HOH J 5 .   ? -10.986 -3.073  7.508   1.00 43.02 ? 548 HOH A O   1 
HETATM 1561 O  O   . HOH J 5 .   ? -1.296  -22.293 10.188  1.00 32.34 ? 549 HOH A O   1 
HETATM 1562 O  O   . HOH J 5 .   ? 11.604  -16.694 13.462  1.00 41.75 ? 550 HOH A O   1 
HETATM 1563 O  O   . HOH J 5 .   ? -12.769 18.061  6.527   1.00 34.17 ? 551 HOH A O   1 
HETATM 1564 O  O   . HOH J 5 .   ? -9.024  15.924  9.985   1.00 29.87 ? 552 HOH A O   1 
HETATM 1565 O  O   . HOH J 5 .   ? 4.847   9.274   5.875   1.00 31.46 ? 553 HOH A O   1 
HETATM 1566 O  O   . HOH J 5 .   ? -5.147  19.972  -12.976 1.00 40.42 ? 554 HOH A O   1 
HETATM 1567 O  O   . HOH J 5 .   ? -9.259  -17.092 -5.581  1.00 39.45 ? 555 HOH A O   1 
HETATM 1568 O  O   . HOH J 5 .   ? 13.711  -13.473 -7.449  1.00 42.74 ? 556 HOH A O   1 
HETATM 1569 O  O   . HOH J 5 .   ? -5.725  -18.712 -8.061  1.00 39.71 ? 557 HOH A O   1 
HETATM 1570 O  O   . HOH J 5 .   ? -3.172  -4.174  -8.486  1.00 29.62 ? 558 HOH A O   1 
HETATM 1571 O  O   . HOH J 5 .   ? -9.997  -1.349  11.988  1.00 17.20 ? 559 HOH A O   1 
HETATM 1572 O  O   . HOH J 5 .   ? 12.403  -12.468 -0.906  1.00 37.04 ? 560 HOH A O   1 
HETATM 1573 O  O   . HOH J 5 .   ? -15.097 16.372  -8.137  1.00 31.46 ? 561 HOH A O   1 
HETATM 1574 O  O   . HOH J 5 .   ? 12.084  1.725   13.311  1.00 50.71 ? 562 HOH A O   1 
HETATM 1575 O  O   . HOH J 5 .   ? -4.550  0.054   -11.014 1.00 22.87 ? 563 HOH A O   1 
HETATM 1576 O  O   . HOH J 5 .   ? -11.162 -18.791 -3.605  1.00 51.54 ? 564 HOH A O   1 
HETATM 1577 O  O   . HOH J 5 .   ? -10.873 -7.000  -6.809  1.00 43.39 ? 565 HOH A O   1 
HETATM 1578 O  O   . HOH J 5 .   ? 5.328   -15.949 -13.090 1.00 42.27 ? 566 HOH A O   1 
HETATM 1579 O  O   . HOH J 5 .   ? -8.364  16.133  3.491   1.00 15.71 ? 567 HOH A O   1 
HETATM 1580 O  O   . HOH J 5 .   ? 4.312   23.188  -8.646  1.00 36.25 ? 568 HOH A O   1 
HETATM 1581 O  O   . HOH J 5 .   ? 11.288  -14.094 19.142  1.00 36.98 ? 569 HOH A O   1 
HETATM 1582 O  O   . HOH J 5 .   ? -0.826  7.994   -20.314 1.00 39.72 ? 570 HOH A O   1 
HETATM 1583 O  O   . HOH J 5 .   ? 19.613  -0.508  5.183   1.00 37.89 ? 571 HOH A O   1 
HETATM 1584 O  O   . HOH J 5 .   ? 13.137  -11.757 6.171   1.00 34.73 ? 572 HOH A O   1 
HETATM 1585 O  O   . HOH J 5 .   ? 1.460   -9.952  -9.870  1.00 52.68 ? 573 HOH A O   1 
HETATM 1586 O  O   . HOH J 5 .   ? 13.194  -19.056 6.170   1.00 30.26 ? 574 HOH A O   1 
HETATM 1587 O  O   . HOH J 5 .   ? -10.630 26.013  -6.108  1.00 39.77 ? 575 HOH A O   1 
HETATM 1588 O  O   . HOH J 5 .   ? -3.303  -14.769 18.800  1.00 35.91 ? 576 HOH A O   1 
HETATM 1589 O  O   . HOH J 5 .   ? 8.505   3.567   4.279   1.00 31.13 ? 577 HOH A O   1 
HETATM 1590 O  O   . HOH J 5 .   ? -4.117  3.778   7.154   1.00 29.88 ? 578 HOH A O   1 
HETATM 1591 O  O   . HOH J 5 .   ? 14.971  -11.106 3.672   1.00 43.56 ? 579 HOH A O   1 
HETATM 1592 O  O   . HOH J 5 .   ? -3.027  -0.993  -13.410 1.00 32.86 ? 580 HOH A O   1 
HETATM 1593 O  O   . HOH J 5 .   ? 12.411  -14.641 -12.117 1.00 41.09 ? 581 HOH A O   1 
HETATM 1594 O  O   . HOH J 5 .   ? -5.472  5.827   9.735   1.00 57.31 ? 582 HOH A O   1 
HETATM 1595 O  O   . HOH J 5 .   ? -7.148  -10.574 -10.244 1.00 61.94 ? 583 HOH A O   1 
HETATM 1596 O  O   . HOH J 5 .   ? -4.445  12.546  -15.957 1.00 27.23 ? 584 HOH A O   1 
HETATM 1597 O  O   . HOH J 5 .   ? 8.737   -2.548  -6.667  1.00 37.96 ? 585 HOH A O   1 
HETATM 1598 O  O   . HOH J 5 .   ? 9.683   -2.530  11.758  1.00 37.43 ? 586 HOH A O   1 
# 
loop_
_pdbx_poly_seq_scheme.asym_id 
_pdbx_poly_seq_scheme.entity_id 
_pdbx_poly_seq_scheme.seq_id 
_pdbx_poly_seq_scheme.mon_id 
_pdbx_poly_seq_scheme.ndb_seq_num 
_pdbx_poly_seq_scheme.pdb_seq_num 
_pdbx_poly_seq_scheme.auth_seq_num 
_pdbx_poly_seq_scheme.pdb_mon_id 
_pdbx_poly_seq_scheme.auth_mon_id 
_pdbx_poly_seq_scheme.pdb_strand_id 
_pdbx_poly_seq_scheme.pdb_ins_code 
_pdbx_poly_seq_scheme.hetero 
A 1 1   GLY 1   2   2   GLY GLY A . n 
A 1 2   ASN 2   3   3   ASN ASN A . n 
A 1 3   MET 3   4   4   MET MET A . n 
A 1 4   ASP 4   5   5   ASP ASP A . n 
A 1 5   SER 5   6   6   SER SER A . n 
A 1 6   LYS 6   7   7   LYS LYS A . n 
A 1 7   ALA 7   8   8   ALA ALA A . n 
A 1 8   VAL 8   9   9   VAL VAL A . n 
A 1 9   GLU 9   10  10  GLU GLU A . n 
A 1 10  GLU 10  11  11  GLU GLU A . n 
A 1 11  LEU 11  12  12  LEU LEU A . n 
A 1 12  SER 12  13  13  SER SER A . n 
A 1 13  ALA 13  14  14  ALA ALA A . n 
A 1 14  THR 14  15  15  THR THR A . n 
A 1 15  GLU 15  16  16  GLU GLU A . n 
A 1 16  CYS 16  17  17  CYS CYS A . n 
A 1 17  HIS 17  18  18  HIS HIS A . n 
A 1 18  GLN 18  19  19  GLN GLN A . n 
A 1 19  TRP 19  20  20  TRP TRP A . n 
A 1 20  TYR 20  21  21  TYR TYR A . n 
A 1 21  LYS 21  22  22  LYS LYS A . n 
A 1 22  LYS 22  23  23  LYS LYS A . n 
A 1 23  PHE 23  24  24  PHE PHE A . n 
A 1 24  MET 24  25  25  MET MET A . n 
A 1 25  THR 25  26  26  THR THR A . n 
A 1 26  GLU 26  27  27  GLU GLU A . n 
A 1 27  CYS 27  28  28  CYS CYS A . n 
A 1 28  PRO 28  29  29  PRO PRO A . n 
A 1 29  SER 29  30  30  SER SER A . n 
A 1 30  GLY 30  31  31  GLY GLY A . n 
A 1 31  GLN 31  32  32  GLN GLN A . n 
A 1 32  LEU 32  33  33  LEU LEU A . n 
A 1 33  THR 33  34  34  THR THR A . n 
A 1 34  LEU 34  35  35  LEU LEU A . n 
A 1 35  TYR 35  36  36  TYR TYR A . n 
A 1 36  GLU 36  37  37  GLU GLU A . n 
A 1 37  PHE 37  38  38  PHE PHE A . n 
A 1 38  LYS 38  39  39  LYS LYS A . n 
A 1 39  GLN 39  40  40  GLN GLN A . n 
A 1 40  PHE 40  41  41  PHE PHE A . n 
A 1 41  PHE 41  42  42  PHE PHE A . n 
A 1 42  GLY 42  43  43  GLY GLY A . n 
A 1 43  LEU 43  44  44  LEU LEU A . n 
A 1 44  LYS 44  45  45  LYS LYS A . n 
A 1 45  ASN 45  46  46  ASN ASN A . n 
A 1 46  LEU 46  47  47  LEU LEU A . n 
A 1 47  SER 47  48  48  SER SER A . n 
A 1 48  PRO 48  49  49  PRO PRO A . n 
A 1 49  SER 49  50  50  SER SER A . n 
A 1 50  ALA 50  51  51  ALA ALA A . n 
A 1 51  ASN 51  52  52  ASN ASN A . n 
A 1 52  LYS 52  53  53  LYS LYS A . n 
A 1 53  TYR 53  54  54  TYR TYR A . n 
A 1 54  VAL 54  55  55  VAL VAL A . n 
A 1 55  GLU 55  56  56  GLU GLU A . n 
A 1 56  GLN 56  57  57  GLN GLN A . n 
A 1 57  MET 57  58  58  MET MET A . n 
A 1 58  PHE 58  59  59  PHE PHE A . n 
A 1 59  GLU 59  60  60  GLU GLU A . n 
A 1 60  THR 60  61  61  THR THR A . n 
A 1 61  PHE 61  62  62  PHE PHE A . n 
A 1 62  ASP 62  63  63  ASP ASP A . n 
A 1 63  PHE 63  64  64  PHE PHE A . n 
A 1 64  ASN 64  65  65  ASN ASN A . n 
A 1 65  LYS 65  66  66  LYS LYS A . n 
A 1 66  ASP 66  67  67  ASP ASP A . n 
A 1 67  GLY 67  68  68  GLY GLY A . n 
A 1 68  TYR 68  69  69  TYR TYR A . n 
A 1 69  ILE 69  70  70  ILE ILE A . n 
A 1 70  ASP 70  71  71  ASP ASP A . n 
A 1 71  PHE 71  72  72  PHE PHE A . n 
A 1 72  MET 72  73  73  MET MET A . n 
A 1 73  GLU 73  74  74  GLU GLU A . n 
A 1 74  TYR 74  75  75  TYR TYR A . n 
A 1 75  VAL 75  76  76  VAL VAL A . n 
A 1 76  ALA 76  77  77  ALA ALA A . n 
A 1 77  ALA 77  78  78  ALA ALA A . n 
A 1 78  LEU 78  79  79  LEU LEU A . n 
A 1 79  SER 79  80  80  SER SER A . n 
A 1 80  LEU 80  81  81  LEU LEU A . n 
A 1 81  VAL 81  82  82  VAL VAL A . n 
A 1 82  LEU 82  83  83  LEU LEU A . n 
A 1 83  LYS 83  84  84  LYS LYS A . n 
A 1 84  GLY 84  85  85  GLY GLY A . n 
A 1 85  LYS 85  86  86  LYS LYS A . n 
A 1 86  VAL 86  87  87  VAL VAL A . n 
A 1 87  ASP 87  88  88  ASP ALA A . n 
A 1 88  GLN 88  89  89  GLN GLN A . n 
A 1 89  LYS 89  90  90  LYS LYS A . n 
A 1 90  LEU 90  91  91  LEU LEU A . n 
A 1 91  ARG 91  92  92  ARG ARG A . n 
A 1 92  TRP 92  93  93  TRP TRP A . n 
A 1 93  TYR 93  94  94  TYR TYR A . n 
A 1 94  PHE 94  95  95  PHE PHE A . n 
A 1 95  LYS 95  96  96  LYS LYS A . n 
A 1 96  LEU 96  97  97  LEU LEU A . n 
A 1 97  TYR 97  98  98  TYR TYR A . n 
A 1 98  ASP 98  99  99  ASP ASP A . n 
A 1 99  VAL 99  100 100 VAL VAL A . n 
A 1 100 ASP 100 101 101 ASP ASP A . n 
A 1 101 GLY 101 102 102 GLY GLY A . n 
A 1 102 ASN 102 103 103 ASN ASN A . n 
A 1 103 GLY 103 104 104 GLY GLY A . n 
A 1 104 CYS 104 105 105 CYS CYS A . n 
A 1 105 ILE 105 106 106 ILE ILE A . n 
A 1 106 ASP 106 107 107 ASP ASP A . n 
A 1 107 ARG 107 108 108 ARG ARG A . n 
A 1 108 GLY 108 109 109 GLY GLY A . n 
A 1 109 GLU 109 110 110 GLU GLU A . n 
A 1 110 LEU 110 111 111 LEU LEU A . n 
A 1 111 LEU 111 112 112 LEU LEU A . n 
A 1 112 ASN 112 113 113 ASN ASN A . n 
A 1 113 ILE 113 114 114 ILE ILE A . n 
A 1 114 ILE 114 115 115 ILE ILE A . n 
A 1 115 LYS 115 116 116 LYS LYS A . n 
A 1 116 ALA 116 117 117 ALA ALA A . n 
A 1 117 ILE 117 118 118 ILE ILE A . n 
A 1 118 ARG 118 119 119 ARG ARG A . n 
A 1 119 ALA 119 120 120 ALA ALA A . n 
A 1 120 ILE 120 121 121 ILE ILE A . n 
A 1 121 ASN 121 122 122 ASN ASN A . n 
A 1 122 ARG 122 123 123 ARG ARG A . n 
A 1 123 CYS 123 124 124 CYS CYS A . n 
A 1 124 ASN 124 125 125 ASN ASN A . n 
A 1 125 GLU 125 126 126 GLU ALA A . n 
A 1 126 ALA 126 127 127 ALA ALA A . n 
A 1 127 MET 127 128 128 MET MET A . n 
A 1 128 THR 128 129 129 THR THR A . n 
A 1 129 ALA 129 130 130 ALA ALA A . n 
A 1 130 GLU 130 131 131 GLU GLU A . n 
A 1 131 GLU 131 132 132 GLU GLU A . n 
A 1 132 PHE 132 133 133 PHE PHE A . n 
A 1 133 THR 133 134 134 THR THR A . n 
A 1 134 ASN 134 135 135 ASN ASN A . n 
A 1 135 MET 135 136 136 MET MET A . n 
A 1 136 VAL 136 137 137 VAL VAL A . n 
A 1 137 PHE 137 138 138 PHE PHE A . n 
A 1 138 ASP 138 139 139 ASP ASP A . n 
A 1 139 LYS 139 140 140 LYS LYS A . n 
A 1 140 ILE 140 141 141 ILE ILE A . n 
A 1 141 ASP 141 142 142 ASP ASP A . n 
A 1 142 ILE 142 143 143 ILE ILE A . n 
A 1 143 ASN 143 144 144 ASN ASN A . n 
A 1 144 GLY 144 145 145 GLY GLY A . n 
A 1 145 ASP 145 146 146 ASP ASP A . n 
A 1 146 GLY 146 147 147 GLY GLY A . n 
A 1 147 GLU 147 148 148 GLU GLU A . n 
A 1 148 LEU 148 149 149 LEU LEU A . n 
A 1 149 SER 149 150 150 SER SER A . n 
A 1 150 LEU 150 151 151 LEU LEU A . n 
A 1 151 GLU 151 152 152 GLU GLU A . n 
A 1 152 GLU 152 153 153 GLU GLU A . n 
A 1 153 PHE 153 154 154 PHE PHE A . n 
A 1 154 MET 154 155 155 MET MET A . n 
A 1 155 GLU 155 156 156 GLU GLU A . n 
A 1 156 GLY 156 157 157 GLY GLY A . n 
A 1 157 VAL 157 158 158 VAL VAL A . n 
A 1 158 GLN 158 159 159 GLN GLN A . n 
A 1 159 LYS 159 160 160 LYS LYS A . n 
A 1 160 ASP 160 161 161 ASP ASP A . n 
A 1 161 GLU 161 162 162 GLU GLU A . n 
A 1 162 VAL 162 163 163 VAL VAL A . n 
A 1 163 LEU 163 164 164 LEU LEU A . n 
A 1 164 LEU 164 165 165 LEU LEU A . n 
A 1 165 ASP 165 166 166 ASP ASP A . n 
A 1 166 ILE 166 167 167 ILE ILE A . n 
A 1 167 LEU 167 168 168 LEU LEU A . n 
A 1 168 THR 168 169 169 THR THR A . n 
A 1 169 ARG 169 170 170 ARG ARG A . n 
A 1 170 SER 170 171 171 SER SER A . n 
A 1 171 LEU 171 172 172 LEU LEU A . n 
A 1 172 ASP 172 173 173 ASP ASP A . n 
A 1 173 LEU 173 174 174 LEU LEU A . n 
A 1 174 THR 174 175 175 THR THR A . n 
A 1 175 HIS 175 176 176 HIS HIS A . n 
A 1 176 ILE 176 177 177 ILE ILE A . n 
A 1 177 VAL 177 178 178 VAL VAL A . n 
A 1 178 LYS 178 179 179 LYS LYS A . n 
A 1 179 LEU 179 180 180 LEU LEU A . n 
A 1 180 ILE 180 181 181 ILE ILE A . n 
A 1 181 GLN 181 182 182 GLN GLN A . n 
A 1 182 ASN 182 183 183 ASN ASN A . n 
A 1 183 ASP 183 184 184 ASP ASP A . n 
A 1 184 GLY 184 185 185 GLY GLY A . n 
A 1 185 LYS 185 186 ?   ?   ?   A . n 
A 1 186 ASN 186 187 ?   ?   ?   A . n 
A 1 187 PRO 187 188 ?   ?   ?   A . n 
A 1 188 HIS 188 189 ?   ?   ?   A . n 
A 1 189 ALA 189 190 ?   ?   ?   A . n 
A 1 190 PRO 190 191 ?   ?   ?   A . n 
A 1 191 GLU 191 192 ?   ?   ?   A . n 
A 1 192 GLU 192 193 ?   ?   ?   A . n 
A 1 193 ALA 193 194 ?   ?   ?   A . n 
A 1 194 GLU 194 195 ?   ?   ?   A . n 
A 1 195 GLU 195 196 ?   ?   ?   A . n 
A 1 196 ALA 196 197 ?   ?   ?   A . n 
A 1 197 ALA 197 198 ?   ?   ?   A . n 
A 1 198 GLN 198 199 ?   ?   ?   A . n 
# 
loop_
_pdbx_nonpoly_scheme.asym_id 
_pdbx_nonpoly_scheme.entity_id 
_pdbx_nonpoly_scheme.mon_id 
_pdbx_nonpoly_scheme.ndb_seq_num 
_pdbx_nonpoly_scheme.pdb_seq_num 
_pdbx_nonpoly_scheme.auth_seq_num 
_pdbx_nonpoly_scheme.pdb_mon_id 
_pdbx_nonpoly_scheme.auth_mon_id 
_pdbx_nonpoly_scheme.pdb_strand_id 
_pdbx_nonpoly_scheme.pdb_ins_code 
B 2 CA  1  500 500 CA  CA  A . 
C 2 CA  1  501 501 CA  CA  A . 
D 2 CA  1  502 502 CA  CA  A . 
E 3 MYR 1  1   1   MYR MYR A . 
F 4 BME 1  300 300 BME BME A . 
G 4 BME 1  301 301 BME BME A . 
H 4 BME 1  302 302 BME BME A . 
I 4 BME 1  303 303 BME BME A . 
J 5 HOH 1  503 1   HOH HOH A . 
J 5 HOH 2  504 2   HOH HOH A . 
J 5 HOH 3  505 3   HOH HOH A . 
J 5 HOH 4  506 4   HOH HOH A . 
J 5 HOH 5  507 5   HOH HOH A . 
J 5 HOH 6  508 6   HOH HOH A . 
J 5 HOH 7  509 7   HOH HOH A . 
J 5 HOH 8  510 8   HOH HOH A . 
J 5 HOH 9  511 9   HOH HOH A . 
J 5 HOH 10 512 10  HOH HOH A . 
J 5 HOH 11 513 11  HOH HOH A . 
J 5 HOH 12 514 12  HOH HOH A . 
J 5 HOH 13 515 13  HOH HOH A . 
J 5 HOH 14 516 14  HOH HOH A . 
J 5 HOH 15 517 15  HOH HOH A . 
J 5 HOH 16 518 16  HOH HOH A . 
J 5 HOH 17 519 17  HOH HOH A . 
J 5 HOH 18 520 18  HOH HOH A . 
J 5 HOH 19 521 19  HOH HOH A . 
J 5 HOH 20 522 20  HOH HOH A . 
J 5 HOH 21 523 21  HOH HOH A . 
J 5 HOH 22 524 22  HOH HOH A . 
J 5 HOH 23 525 23  HOH HOH A . 
J 5 HOH 24 526 24  HOH HOH A . 
J 5 HOH 25 527 25  HOH HOH A . 
J 5 HOH 26 528 26  HOH HOH A . 
J 5 HOH 27 529 27  HOH HOH A . 
J 5 HOH 28 530 28  HOH HOH A . 
J 5 HOH 29 531 29  HOH HOH A . 
J 5 HOH 30 532 30  HOH HOH A . 
J 5 HOH 31 533 31  HOH HOH A . 
J 5 HOH 32 534 32  HOH HOH A . 
J 5 HOH 33 535 33  HOH HOH A . 
J 5 HOH 34 536 34  HOH HOH A . 
J 5 HOH 35 537 35  HOH HOH A . 
J 5 HOH 36 538 36  HOH HOH A . 
J 5 HOH 37 539 37  HOH HOH A . 
J 5 HOH 38 540 38  HOH HOH A . 
J 5 HOH 39 541 39  HOH HOH A . 
J 5 HOH 40 542 40  HOH HOH A . 
J 5 HOH 41 543 41  HOH HOH A . 
J 5 HOH 42 544 42  HOH HOH A . 
J 5 HOH 43 545 43  HOH HOH A . 
J 5 HOH 44 546 44  HOH HOH A . 
J 5 HOH 45 547 45  HOH HOH A . 
J 5 HOH 46 548 46  HOH HOH A . 
J 5 HOH 47 549 47  HOH HOH A . 
J 5 HOH 48 550 48  HOH HOH A . 
J 5 HOH 49 551 49  HOH HOH A . 
J 5 HOH 50 552 50  HOH HOH A . 
J 5 HOH 51 553 51  HOH HOH A . 
J 5 HOH 52 554 52  HOH HOH A . 
J 5 HOH 53 555 53  HOH HOH A . 
J 5 HOH 54 556 54  HOH HOH A . 
J 5 HOH 55 557 55  HOH HOH A . 
J 5 HOH 56 558 56  HOH HOH A . 
J 5 HOH 57 559 57  HOH HOH A . 
J 5 HOH 58 560 58  HOH HOH A . 
J 5 HOH 59 561 59  HOH HOH A . 
J 5 HOH 60 562 60  HOH HOH A . 
J 5 HOH 61 563 61  HOH HOH A . 
J 5 HOH 62 564 62  HOH HOH A . 
J 5 HOH 63 565 63  HOH HOH A . 
J 5 HOH 64 566 64  HOH HOH A . 
J 5 HOH 65 567 65  HOH HOH A . 
J 5 HOH 66 568 66  HOH HOH A . 
J 5 HOH 67 569 67  HOH HOH A . 
J 5 HOH 68 570 68  HOH HOH A . 
J 5 HOH 69 571 69  HOH HOH A . 
J 5 HOH 70 572 70  HOH HOH A . 
J 5 HOH 71 573 71  HOH HOH A . 
J 5 HOH 72 574 72  HOH HOH A . 
J 5 HOH 73 575 73  HOH HOH A . 
J 5 HOH 74 576 74  HOH HOH A . 
J 5 HOH 75 577 75  HOH HOH A . 
J 5 HOH 76 578 76  HOH HOH A . 
J 5 HOH 77 579 77  HOH HOH A . 
J 5 HOH 78 580 78  HOH HOH A . 
J 5 HOH 79 581 79  HOH HOH A . 
J 5 HOH 80 582 80  HOH HOH A . 
J 5 HOH 81 583 81  HOH HOH A . 
J 5 HOH 82 584 82  HOH HOH A . 
J 5 HOH 83 585 83  HOH HOH A . 
J 5 HOH 84 586 84  HOH HOH A . 
# 
_pdbx_struct_assembly.id                   1 
_pdbx_struct_assembly.details              author_and_software_defined_assembly 
_pdbx_struct_assembly.method_details       PISA 
_pdbx_struct_assembly.oligomeric_details   monomeric 
_pdbx_struct_assembly.oligomeric_count     1 
# 
_pdbx_struct_assembly_gen.assembly_id       1 
_pdbx_struct_assembly_gen.oper_expression   1 
_pdbx_struct_assembly_gen.asym_id_list      A,B,C,D,E,F,G,H,I,J 
# 
_pdbx_struct_oper_list.id                   1 
_pdbx_struct_oper_list.type                 'identity operation' 
_pdbx_struct_oper_list.name                 1_555 
_pdbx_struct_oper_list.symmetry_operation   x,y,z 
_pdbx_struct_oper_list.matrix[1][1]         1.0000000000 
_pdbx_struct_oper_list.matrix[1][2]         0.0000000000 
_pdbx_struct_oper_list.matrix[1][3]         0.0000000000 
_pdbx_struct_oper_list.vector[1]            0.0000000000 
_pdbx_struct_oper_list.matrix[2][1]         0.0000000000 
_pdbx_struct_oper_list.matrix[2][2]         1.0000000000 
_pdbx_struct_oper_list.matrix[2][3]         0.0000000000 
_pdbx_struct_oper_list.vector[2]            0.0000000000 
_pdbx_struct_oper_list.matrix[3][1]         0.0000000000 
_pdbx_struct_oper_list.matrix[3][2]         0.0000000000 
_pdbx_struct_oper_list.matrix[3][3]         1.0000000000 
_pdbx_struct_oper_list.vector[3]            0.0000000000 
# 
loop_
_pdbx_struct_conn_angle.id 
_pdbx_struct_conn_angle.ptnr1_label_atom_id 
_pdbx_struct_conn_angle.ptnr1_label_alt_id 
_pdbx_struct_conn_angle.ptnr1_label_asym_id 
_pdbx_struct_conn_angle.ptnr1_label_comp_id 
_pdbx_struct_conn_angle.ptnr1_label_seq_id 
_pdbx_struct_conn_angle.ptnr1_auth_atom_id 
_pdbx_struct_conn_angle.ptnr1_auth_asym_id 
_pdbx_struct_conn_angle.ptnr1_auth_comp_id 
_pdbx_struct_conn_angle.ptnr1_auth_seq_id 
_pdbx_struct_conn_angle.ptnr1_PDB_ins_code 
_pdbx_struct_conn_angle.ptnr1_symmetry 
_pdbx_struct_conn_angle.ptnr2_label_atom_id 
_pdbx_struct_conn_angle.ptnr2_label_alt_id 
_pdbx_struct_conn_angle.ptnr2_label_asym_id 
_pdbx_struct_conn_angle.ptnr2_label_comp_id 
_pdbx_struct_conn_angle.ptnr2_label_seq_id 
_pdbx_struct_conn_angle.ptnr2_auth_atom_id 
_pdbx_struct_conn_angle.ptnr2_auth_asym_id 
_pdbx_struct_conn_angle.ptnr2_auth_comp_id 
_pdbx_struct_conn_angle.ptnr2_auth_seq_id 
_pdbx_struct_conn_angle.ptnr2_PDB_ins_code 
_pdbx_struct_conn_angle.ptnr2_symmetry 
_pdbx_struct_conn_angle.ptnr3_label_atom_id 
_pdbx_struct_conn_angle.ptnr3_label_alt_id 
_pdbx_struct_conn_angle.ptnr3_label_asym_id 
_pdbx_struct_conn_angle.ptnr3_label_comp_id 
_pdbx_struct_conn_angle.ptnr3_label_seq_id 
_pdbx_struct_conn_angle.ptnr3_auth_atom_id 
_pdbx_struct_conn_angle.ptnr3_auth_asym_id 
_pdbx_struct_conn_angle.ptnr3_auth_comp_id 
_pdbx_struct_conn_angle.ptnr3_auth_seq_id 
_pdbx_struct_conn_angle.ptnr3_PDB_ins_code 
_pdbx_struct_conn_angle.ptnr3_symmetry 
_pdbx_struct_conn_angle.value 
_pdbx_struct_conn_angle.value_esd 
1  OD2 ? A ASP 62  ? A ASP 63  ? 1_555 CA ? B CA . ? A CA 500 ? 1_555 OD1 ? A ASN 64  ? A ASN 65  ? 1_555 80.8  ? 
2  OD2 ? A ASP 62  ? A ASP 63  ? 1_555 CA ? B CA . ? A CA 500 ? 1_555 OD2 ? A ASP 66  ? A ASP 67  ? 1_555 83.9  ? 
3  OD1 ? A ASN 64  ? A ASN 65  ? 1_555 CA ? B CA . ? A CA 500 ? 1_555 OD2 ? A ASP 66  ? A ASP 67  ? 1_555 72.8  ? 
4  OD2 ? A ASP 62  ? A ASP 63  ? 1_555 CA ? B CA . ? A CA 500 ? 1_555 O   ? A TYR 68  ? A TYR 69  ? 1_555 80.0  ? 
5  OD1 ? A ASN 64  ? A ASN 65  ? 1_555 CA ? B CA . ? A CA 500 ? 1_555 O   ? A TYR 68  ? A TYR 69  ? 1_555 149.7 ? 
6  OD2 ? A ASP 66  ? A ASP 67  ? 1_555 CA ? B CA . ? A CA 500 ? 1_555 O   ? A TYR 68  ? A TYR 69  ? 1_555 82.0  ? 
7  OD2 ? A ASP 62  ? A ASP 63  ? 1_555 CA ? B CA . ? A CA 500 ? 1_555 OE1 ? A GLU 73  ? A GLU 74  ? 1_555 110.3 ? 
8  OD1 ? A ASN 64  ? A ASN 65  ? 1_555 CA ? B CA . ? A CA 500 ? 1_555 OE1 ? A GLU 73  ? A GLU 74  ? 1_555 130.5 ? 
9  OD2 ? A ASP 66  ? A ASP 67  ? 1_555 CA ? B CA . ? A CA 500 ? 1_555 OE1 ? A GLU 73  ? A GLU 74  ? 1_555 153.2 ? 
10 O   ? A TYR 68  ? A TYR 69  ? 1_555 CA ? B CA . ? A CA 500 ? 1_555 OE1 ? A GLU 73  ? A GLU 74  ? 1_555 78.4  ? 
11 OD2 ? A ASP 62  ? A ASP 63  ? 1_555 CA ? B CA . ? A CA 500 ? 1_555 OE2 ? A GLU 73  ? A GLU 74  ? 1_555 96.7  ? 
12 OD1 ? A ASN 64  ? A ASN 65  ? 1_555 CA ? B CA . ? A CA 500 ? 1_555 OE2 ? A GLU 73  ? A GLU 74  ? 1_555 79.1  ? 
13 OD2 ? A ASP 66  ? A ASP 67  ? 1_555 CA ? B CA . ? A CA 500 ? 1_555 OE2 ? A GLU 73  ? A GLU 74  ? 1_555 151.4 ? 
14 O   ? A TYR 68  ? A TYR 69  ? 1_555 CA ? B CA . ? A CA 500 ? 1_555 OE2 ? A GLU 73  ? A GLU 74  ? 1_555 126.3 ? 
15 OE1 ? A GLU 73  ? A GLU 74  ? 1_555 CA ? B CA . ? A CA 500 ? 1_555 OE2 ? A GLU 73  ? A GLU 74  ? 1_555 52.3  ? 
16 OD2 ? A ASP 62  ? A ASP 63  ? 1_555 CA ? B CA . ? A CA 500 ? 1_555 O   ? J HOH .   ? A HOH 505 ? 1_555 165.0 ? 
17 OD1 ? A ASN 64  ? A ASN 65  ? 1_555 CA ? B CA . ? A CA 500 ? 1_555 O   ? J HOH .   ? A HOH 505 ? 1_555 92.5  ? 
18 OD2 ? A ASP 66  ? A ASP 67  ? 1_555 CA ? B CA . ? A CA 500 ? 1_555 O   ? J HOH .   ? A HOH 505 ? 1_555 81.4  ? 
19 O   ? A TYR 68  ? A TYR 69  ? 1_555 CA ? B CA . ? A CA 500 ? 1_555 O   ? J HOH .   ? A HOH 505 ? 1_555 100.3 ? 
20 OE1 ? A GLU 73  ? A GLU 74  ? 1_555 CA ? B CA . ? A CA 500 ? 1_555 O   ? J HOH .   ? A HOH 505 ? 1_555 84.2  ? 
21 OE2 ? A GLU 73  ? A GLU 74  ? 1_555 CA ? B CA . ? A CA 500 ? 1_555 O   ? J HOH .   ? A HOH 505 ? 1_555 95.1  ? 
22 OD1 ? A ASP 98  ? A ASP 99  ? 1_555 CA ? C CA . ? A CA 501 ? 1_555 OD1 ? A ASP 100 ? A ASP 101 ? 1_555 83.3  ? 
23 OD1 ? A ASP 98  ? A ASP 99  ? 1_555 CA ? C CA . ? A CA 501 ? 1_555 OD1 ? A ASN 102 ? A ASN 103 ? 1_555 87.4  ? 
24 OD1 ? A ASP 100 ? A ASP 101 ? 1_555 CA ? C CA . ? A CA 501 ? 1_555 OD1 ? A ASN 102 ? A ASN 103 ? 1_555 79.0  ? 
25 OD1 ? A ASP 98  ? A ASP 99  ? 1_555 CA ? C CA . ? A CA 501 ? 1_555 O   ? A CYS 104 ? A CYS 105 ? 1_555 79.5  ? 
26 OD1 ? A ASP 100 ? A ASP 101 ? 1_555 CA ? C CA . ? A CA 501 ? 1_555 O   ? A CYS 104 ? A CYS 105 ? 1_555 153.8 ? 
27 OD1 ? A ASN 102 ? A ASN 103 ? 1_555 CA ? C CA . ? A CA 501 ? 1_555 O   ? A CYS 104 ? A CYS 105 ? 1_555 80.6  ? 
28 OD1 ? A ASP 98  ? A ASP 99  ? 1_555 CA ? C CA . ? A CA 501 ? 1_555 OE1 ? A GLU 109 ? A GLU 110 ? 1_555 105.6 ? 
29 OD1 ? A ASP 100 ? A ASP 101 ? 1_555 CA ? C CA . ? A CA 501 ? 1_555 OE1 ? A GLU 109 ? A GLU 110 ? 1_555 124.3 ? 
30 OD1 ? A ASN 102 ? A ASN 103 ? 1_555 CA ? C CA . ? A CA 501 ? 1_555 OE1 ? A GLU 109 ? A GLU 110 ? 1_555 153.9 ? 
31 O   ? A CYS 104 ? A CYS 105 ? 1_555 CA ? C CA . ? A CA 501 ? 1_555 OE1 ? A GLU 109 ? A GLU 110 ? 1_555 79.7  ? 
32 OD1 ? A ASP 98  ? A ASP 99  ? 1_555 CA ? C CA . ? A CA 501 ? 1_555 OE2 ? A GLU 109 ? A GLU 110 ? 1_555 101.1 ? 
33 OD1 ? A ASP 100 ? A ASP 101 ? 1_555 CA ? C CA . ? A CA 501 ? 1_555 OE2 ? A GLU 109 ? A GLU 110 ? 1_555 72.2  ? 
34 OD1 ? A ASN 102 ? A ASN 103 ? 1_555 CA ? C CA . ? A CA 501 ? 1_555 OE2 ? A GLU 109 ? A GLU 110 ? 1_555 148.7 ? 
35 O   ? A CYS 104 ? A CYS 105 ? 1_555 CA ? C CA . ? A CA 501 ? 1_555 OE2 ? A GLU 109 ? A GLU 110 ? 1_555 130.5 ? 
36 OE1 ? A GLU 109 ? A GLU 110 ? 1_555 CA ? C CA . ? A CA 501 ? 1_555 OE2 ? A GLU 109 ? A GLU 110 ? 1_555 52.1  ? 
37 OD1 ? A ASP 98  ? A ASP 99  ? 1_555 CA ? C CA . ? A CA 501 ? 1_555 O   ? J HOH .   ? A HOH 567 ? 1_555 167.9 ? 
38 OD1 ? A ASP 100 ? A ASP 101 ? 1_555 CA ? C CA . ? A CA 501 ? 1_555 O   ? J HOH .   ? A HOH 567 ? 1_555 104.2 ? 
39 OD1 ? A ASN 102 ? A ASN 103 ? 1_555 CA ? C CA . ? A CA 501 ? 1_555 O   ? J HOH .   ? A HOH 567 ? 1_555 84.8  ? 
40 O   ? A CYS 104 ? A CYS 105 ? 1_555 CA ? C CA . ? A CA 501 ? 1_555 O   ? J HOH .   ? A HOH 567 ? 1_555 90.1  ? 
41 OE1 ? A GLU 109 ? A GLU 110 ? 1_555 CA ? C CA . ? A CA 501 ? 1_555 O   ? J HOH .   ? A HOH 567 ? 1_555 78.3  ? 
42 OE2 ? A GLU 109 ? A GLU 110 ? 1_555 CA ? C CA . ? A CA 501 ? 1_555 O   ? J HOH .   ? A HOH 567 ? 1_555 90.4  ? 
43 OD1 ? A ASP 141 ? A ASP 142 ? 1_555 CA ? D CA . ? A CA 502 ? 1_555 OD1 ? A ASN 143 ? A ASN 144 ? 1_555 86.3  ? 
44 OD1 ? A ASP 141 ? A ASP 142 ? 1_555 CA ? D CA . ? A CA 502 ? 1_555 OD1 ? A ASP 145 ? A ASP 146 ? 1_555 81.7  ? 
45 OD1 ? A ASN 143 ? A ASN 144 ? 1_555 CA ? D CA . ? A CA 502 ? 1_555 OD1 ? A ASP 145 ? A ASP 146 ? 1_555 80.7  ? 
46 OD1 ? A ASP 141 ? A ASP 142 ? 1_555 CA ? D CA . ? A CA 502 ? 1_555 O   ? A GLU 147 ? A GLU 148 ? 1_555 83.2  ? 
47 OD1 ? A ASN 143 ? A ASN 144 ? 1_555 CA ? D CA . ? A CA 502 ? 1_555 O   ? A GLU 147 ? A GLU 148 ? 1_555 158.2 ? 
48 OD1 ? A ASP 145 ? A ASP 146 ? 1_555 CA ? D CA . ? A CA 502 ? 1_555 O   ? A GLU 147 ? A GLU 148 ? 1_555 79.0  ? 
49 OD1 ? A ASP 141 ? A ASP 142 ? 1_555 CA ? D CA . ? A CA 502 ? 1_555 OE1 ? A GLU 152 ? A GLU 153 ? 1_555 108.2 ? 
50 OD1 ? A ASN 143 ? A ASN 144 ? 1_555 CA ? D CA . ? A CA 502 ? 1_555 OE1 ? A GLU 152 ? A GLU 153 ? 1_555 121.7 ? 
51 OD1 ? A ASP 145 ? A ASP 146 ? 1_555 CA ? D CA . ? A CA 502 ? 1_555 OE1 ? A GLU 152 ? A GLU 153 ? 1_555 155.3 ? 
52 O   ? A GLU 147 ? A GLU 148 ? 1_555 CA ? D CA . ? A CA 502 ? 1_555 OE1 ? A GLU 152 ? A GLU 153 ? 1_555 79.8  ? 
53 OD1 ? A ASP 141 ? A ASP 142 ? 1_555 CA ? D CA . ? A CA 502 ? 1_555 OE2 ? A GLU 152 ? A GLU 153 ? 1_555 93.6  ? 
54 OD1 ? A ASN 143 ? A ASN 144 ? 1_555 CA ? D CA . ? A CA 502 ? 1_555 OE2 ? A GLU 152 ? A GLU 153 ? 1_555 72.7  ? 
55 OD1 ? A ASP 145 ? A ASP 146 ? 1_555 CA ? D CA . ? A CA 502 ? 1_555 OE2 ? A GLU 152 ? A GLU 153 ? 1_555 153.2 ? 
56 O   ? A GLU 147 ? A GLU 148 ? 1_555 CA ? D CA . ? A CA 502 ? 1_555 OE2 ? A GLU 152 ? A GLU 153 ? 1_555 126.8 ? 
57 OE1 ? A GLU 152 ? A GLU 153 ? 1_555 CA ? D CA . ? A CA 502 ? 1_555 OE2 ? A GLU 152 ? A GLU 153 ? 1_555 50.8  ? 
58 OD1 ? A ASP 141 ? A ASP 142 ? 1_555 CA ? D CA . ? A CA 502 ? 1_555 O   ? J HOH .   ? A HOH 512 ? 1_555 164.3 ? 
59 OD1 ? A ASN 143 ? A ASN 144 ? 1_555 CA ? D CA . ? A CA 502 ? 1_555 O   ? J HOH .   ? A HOH 512 ? 1_555 86.3  ? 
60 OD1 ? A ASP 145 ? A ASP 146 ? 1_555 CA ? D CA . ? A CA 502 ? 1_555 O   ? J HOH .   ? A HOH 512 ? 1_555 83.5  ? 
61 O   ? A GLU 147 ? A GLU 148 ? 1_555 CA ? D CA . ? A CA 502 ? 1_555 O   ? J HOH .   ? A HOH 512 ? 1_555 99.0  ? 
62 OE1 ? A GLU 152 ? A GLU 153 ? 1_555 CA ? D CA . ? A CA 502 ? 1_555 O   ? J HOH .   ? A HOH 512 ? 1_555 87.4  ? 
63 OE2 ? A GLU 152 ? A GLU 153 ? 1_555 CA ? D CA . ? A CA 502 ? 1_555 O   ? J HOH .   ? A HOH 512 ? 1_555 97.4  ? 
# 
loop_
_pdbx_audit_revision_history.ordinal 
_pdbx_audit_revision_history.data_content_type 
_pdbx_audit_revision_history.major_revision 
_pdbx_audit_revision_history.minor_revision 
_pdbx_audit_revision_history.revision_date 
1 'Structure model' 1 0 2007-12-11 
2 'Structure model' 1 1 2011-07-13 
3 'Structure model' 1 2 2017-10-25 
4 'Structure model' 1 3 2021-10-20 
# 
_pdbx_audit_revision_details.ordinal             1 
_pdbx_audit_revision_details.revision_ordinal    1 
_pdbx_audit_revision_details.data_content_type   'Structure model' 
_pdbx_audit_revision_details.provider            repository 
_pdbx_audit_revision_details.type                'Initial release' 
_pdbx_audit_revision_details.description         ? 
_pdbx_audit_revision_details.details             ? 
# 
loop_
_pdbx_audit_revision_group.ordinal 
_pdbx_audit_revision_group.revision_ordinal 
_pdbx_audit_revision_group.data_content_type 
_pdbx_audit_revision_group.group 
1 2 'Structure model' 'Version format compliance' 
2 3 'Structure model' 'Refinement description'    
3 4 'Structure model' 'Database references'       
4 4 'Structure model' 'Derived calculations'      
# 
loop_
_pdbx_audit_revision_category.ordinal 
_pdbx_audit_revision_category.revision_ordinal 
_pdbx_audit_revision_category.data_content_type 
_pdbx_audit_revision_category.category 
1 3 'Structure model' software           
2 4 'Structure model' database_2         
3 4 'Structure model' struct_conn        
4 4 'Structure model' struct_conn_type   
5 4 'Structure model' struct_ref_seq_dif 
6 4 'Structure model' struct_site        
# 
loop_
_pdbx_audit_revision_item.ordinal 
_pdbx_audit_revision_item.revision_ordinal 
_pdbx_audit_revision_item.data_content_type 
_pdbx_audit_revision_item.item 
1  4 'Structure model' '_database_2.pdbx_DOI'                
2  4 'Structure model' '_database_2.pdbx_database_accession' 
3  4 'Structure model' '_struct_conn.conn_type_id'           
4  4 'Structure model' '_struct_conn.id'                     
5  4 'Structure model' '_struct_conn.pdbx_dist_value'        
6  4 'Structure model' '_struct_conn.pdbx_leaving_atom_flag' 
7  4 'Structure model' '_struct_conn.ptnr1_auth_comp_id'     
8  4 'Structure model' '_struct_conn.ptnr1_auth_seq_id'      
9  4 'Structure model' '_struct_conn.ptnr1_label_asym_id'    
10 4 'Structure model' '_struct_conn.ptnr1_label_atom_id'    
11 4 'Structure model' '_struct_conn.ptnr1_label_comp_id'    
12 4 'Structure model' '_struct_conn.ptnr1_label_seq_id'     
13 4 'Structure model' '_struct_conn.ptnr2_auth_comp_id'     
14 4 'Structure model' '_struct_conn.ptnr2_auth_seq_id'      
15 4 'Structure model' '_struct_conn.ptnr2_label_asym_id'    
16 4 'Structure model' '_struct_conn.ptnr2_label_atom_id'    
17 4 'Structure model' '_struct_conn.ptnr2_label_comp_id'    
18 4 'Structure model' '_struct_conn.ptnr2_label_seq_id'     
19 4 'Structure model' '_struct_conn_type.id'                
20 4 'Structure model' '_struct_ref_seq_dif.details'         
21 4 'Structure model' '_struct_site.pdbx_auth_asym_id'      
22 4 'Structure model' '_struct_site.pdbx_auth_comp_id'      
23 4 'Structure model' '_struct_site.pdbx_auth_seq_id'       
# 
loop_
_software.name 
_software.version 
_software.date 
_software.type 
_software.contact_author 
_software.contact_author_email 
_software.classification 
_software.location 
_software.language 
_software.citation_id 
_software.pdbx_ordinal 
CNS         1.2   ?              package 'Axel T. Brunger' axel.brunger@yale.edu    refinement        
http://cns.csb.yale.edu/v1.1/    Fortran_77 ? 1 
PDB_EXTRACT 3.000 'July 2, 2007' package PDB               sw-help@rcsb.rutgers.edu 'data extraction' 
http://pdb.rutgers.edu/software/ C++        ? 2 
DENZO       .     ?              ?       ?                 ?                        'data reduction'  ? ?          ? 3 
SCALEPACK   .     ?              ?       ?                 ?                        'data scaling'    ? ?          ? 4 
SOLVE       .     ?              ?       ?                 ?                        phasing           ? ?          ? 5 
# 
_pdbx_validate_close_contact.id               1 
_pdbx_validate_close_contact.PDB_model_num    1 
_pdbx_validate_close_contact.auth_atom_id_1   N 
_pdbx_validate_close_contact.auth_asym_id_1   A 
_pdbx_validate_close_contact.auth_comp_id_1   GLY 
_pdbx_validate_close_contact.auth_seq_id_1    2 
_pdbx_validate_close_contact.PDB_ins_code_1   ? 
_pdbx_validate_close_contact.label_alt_id_1   ? 
_pdbx_validate_close_contact.auth_atom_id_2   O1 
_pdbx_validate_close_contact.auth_asym_id_2   A 
_pdbx_validate_close_contact.auth_comp_id_2   MYR 
_pdbx_validate_close_contact.auth_seq_id_2    1 
_pdbx_validate_close_contact.PDB_ins_code_2   ? 
_pdbx_validate_close_contact.label_alt_id_2   ? 
_pdbx_validate_close_contact.dist             2.14 
# 
loop_
_pdbx_validate_torsion.id 
_pdbx_validate_torsion.PDB_model_num 
_pdbx_validate_torsion.auth_comp_id 
_pdbx_validate_torsion.auth_asym_id 
_pdbx_validate_torsion.auth_seq_id 
_pdbx_validate_torsion.PDB_ins_code 
_pdbx_validate_torsion.label_alt_id 
_pdbx_validate_torsion.phi 
_pdbx_validate_torsion.psi 
1 1 CYS A 124 ? ? -34.83  -102.10 
2 1 ASN A 125 ? ? 167.19  -40.95  
3 1 MET A 128 ? ? -165.00 101.43  
4 1 ILE A 181 ? ? -58.04  -72.81  
5 1 ASN A 183 ? ? -174.36 -6.34   
# 
loop_
_pdbx_unobs_or_zero_occ_atoms.id 
_pdbx_unobs_or_zero_occ_atoms.PDB_model_num 
_pdbx_unobs_or_zero_occ_atoms.polymer_flag 
_pdbx_unobs_or_zero_occ_atoms.occupancy_flag 
_pdbx_unobs_or_zero_occ_atoms.auth_asym_id 
_pdbx_unobs_or_zero_occ_atoms.auth_comp_id 
_pdbx_unobs_or_zero_occ_atoms.auth_seq_id 
_pdbx_unobs_or_zero_occ_atoms.PDB_ins_code 
_pdbx_unobs_or_zero_occ_atoms.auth_atom_id 
_pdbx_unobs_or_zero_occ_atoms.label_alt_id 
_pdbx_unobs_or_zero_occ_atoms.label_asym_id 
_pdbx_unobs_or_zero_occ_atoms.label_comp_id 
_pdbx_unobs_or_zero_occ_atoms.label_seq_id 
_pdbx_unobs_or_zero_occ_atoms.label_atom_id 
1 1 Y 1 A ASP 88  ? CG  ? A ASP 87  CG  
2 1 Y 1 A ASP 88  ? OD1 ? A ASP 87  OD1 
3 1 Y 1 A ASP 88  ? OD2 ? A ASP 87  OD2 
4 1 Y 1 A GLU 126 ? CG  ? A GLU 125 CG  
5 1 Y 1 A GLU 126 ? CD  ? A GLU 125 CD  
6 1 Y 1 A GLU 126 ? OE1 ? A GLU 125 OE1 
7 1 Y 1 A GLU 126 ? OE2 ? A GLU 125 OE2 
# 
loop_
_pdbx_unobs_or_zero_occ_residues.id 
_pdbx_unobs_or_zero_occ_residues.PDB_model_num 
_pdbx_unobs_or_zero_occ_residues.polymer_flag 
_pdbx_unobs_or_zero_occ_residues.occupancy_flag 
_pdbx_unobs_or_zero_occ_residues.auth_asym_id 
_pdbx_unobs_or_zero_occ_residues.auth_comp_id 
_pdbx_unobs_or_zero_occ_residues.auth_seq_id 
_pdbx_unobs_or_zero_occ_residues.PDB_ins_code 
_pdbx_unobs_or_zero_occ_residues.label_asym_id 
_pdbx_unobs_or_zero_occ_residues.label_comp_id 
_pdbx_unobs_or_zero_occ_residues.label_seq_id 
1  1 Y 1 A LYS 186 ? A LYS 185 
2  1 Y 1 A ASN 187 ? A ASN 186 
3  1 Y 1 A PRO 188 ? A PRO 187 
4  1 Y 1 A HIS 189 ? A HIS 188 
5  1 Y 1 A ALA 190 ? A ALA 189 
6  1 Y 1 A PRO 191 ? A PRO 190 
7  1 Y 1 A GLU 192 ? A GLU 191 
8  1 Y 1 A GLU 193 ? A GLU 192 
9  1 Y 1 A ALA 194 ? A ALA 193 
10 1 Y 1 A GLU 195 ? A GLU 194 
11 1 Y 1 A GLU 196 ? A GLU 195 
12 1 Y 1 A ALA 197 ? A ALA 196 
13 1 Y 1 A ALA 198 ? A ALA 197 
14 1 Y 1 A GLN 199 ? A GLN 198 
# 
loop_
_pdbx_entity_nonpoly.entity_id 
_pdbx_entity_nonpoly.name 
_pdbx_entity_nonpoly.comp_id 
2 'CALCIUM ION'        CA  
3 'MYRISTIC ACID'      MYR 
4 BETA-MERCAPTOETHANOL BME 
5 water                HOH 
# 
